data_4E5C
# 
_entry.id   4E5C 
# 
_audit_conform.dict_name       mmcif_pdbx.dic 
_audit_conform.dict_version    5.387 
_audit_conform.dict_location   http://mmcif.pdb.org/dictionaries/ascii/mmcif_pdbx.dic 
# 
loop_
_database_2.database_id 
_database_2.database_code 
_database_2.pdbx_database_accession 
_database_2.pdbx_DOI 
PDB   4E5C         pdb_00004e5c 10.2210/pdb4e5c/pdb 
NDB   NA1656       ?            ?                   
RCSB  RCSB071188   ?            ?                   
WWPDB D_1000071188 ?            ?                   
# 
loop_
_pdbx_audit_revision_history.ordinal 
_pdbx_audit_revision_history.data_content_type 
_pdbx_audit_revision_history.major_revision 
_pdbx_audit_revision_history.minor_revision 
_pdbx_audit_revision_history.revision_date 
1 'Structure model' 1 0 2012-07-11 
2 'Structure model' 1 1 2012-08-29 
3 'Structure model' 1 2 2017-11-15 
4 'Structure model' 1 3 2024-02-28 
# 
_pdbx_audit_revision_details.ordinal             1 
_pdbx_audit_revision_details.revision_ordinal    1 
_pdbx_audit_revision_details.data_content_type   'Structure model' 
_pdbx_audit_revision_details.provider            repository 
_pdbx_audit_revision_details.type                'Initial release' 
_pdbx_audit_revision_details.description         ? 
_pdbx_audit_revision_details.details             ? 
# 
loop_
_pdbx_audit_revision_group.ordinal 
_pdbx_audit_revision_group.revision_ordinal 
_pdbx_audit_revision_group.data_content_type 
_pdbx_audit_revision_group.group 
1 2 'Structure model' 'Database references'    
2 3 'Structure model' 'Refinement description' 
3 4 'Structure model' 'Data collection'        
4 4 'Structure model' 'Database references'    
# 
loop_
_pdbx_audit_revision_category.ordinal 
_pdbx_audit_revision_category.revision_ordinal 
_pdbx_audit_revision_category.data_content_type 
_pdbx_audit_revision_category.category 
1 3 'Structure model' software       
2 4 'Structure model' chem_comp_atom 
3 4 'Structure model' chem_comp_bond 
4 4 'Structure model' database_2     
# 
loop_
_pdbx_audit_revision_item.ordinal 
_pdbx_audit_revision_item.revision_ordinal 
_pdbx_audit_revision_item.data_content_type 
_pdbx_audit_revision_item.item 
1  3 'Structure model' '_software.classification'            
2  3 'Structure model' '_software.contact_author'            
3  3 'Structure model' '_software.contact_author_email'      
4  3 'Structure model' '_software.date'                      
5  3 'Structure model' '_software.language'                  
6  3 'Structure model' '_software.location'                  
7  3 'Structure model' '_software.name'                      
8  3 'Structure model' '_software.type'                      
9  3 'Structure model' '_software.version'                   
10 4 'Structure model' '_database_2.pdbx_DOI'                
11 4 'Structure model' '_database_2.pdbx_database_accession' 
# 
_pdbx_database_status.entry_id                        4E5C 
_pdbx_database_status.status_code                     REL 
_pdbx_database_status.deposit_site                    RCSB 
_pdbx_database_status.process_site                    RCSB 
_pdbx_database_status.recvd_initial_deposition_date   2012-03-14 
_pdbx_database_status.status_code_sf                  REL 
_pdbx_database_status.status_code_mr                  ? 
_pdbx_database_status.SG_entry                        ? 
_pdbx_database_status.status_code_cs                  ? 
_pdbx_database_status.methods_development_category    ? 
_pdbx_database_status.pdb_format_compatible           Y 
_pdbx_database_status.status_code_nmr_data            ? 
# 
_pdbx_database_related.db_name        PDB 
_pdbx_database_related.db_id          4E48 
_pdbx_database_related.details        'crystal structure of RNA duplex composed of CUG repeats' 
_pdbx_database_related.content_type   unspecified 
# 
loop_
_audit_author.name 
_audit_author.pdbx_ordinal 
'Malinina, L.' 1 
'Popov, A.'    2 
'Tamjar, J.'   3 
# 
_citation.id                        primary 
_citation.title                     'Structural dynamics of double-helical RNAs composed of CUG/CUG- and CUG/CGG-repeats.' 
_citation.journal_abbrev            J.Biomol.Struct.Dyn. 
_citation.journal_volume            30 
_citation.page_first                505 
_citation.page_last                 523 
_citation.year                      2012 
_citation.journal_id_ASTM           JBSDD6 
_citation.country                   US 
_citation.journal_id_ISSN           0739-1102 
_citation.journal_id_CSD            0646 
_citation.book_publisher            ? 
_citation.pdbx_database_id_PubMed   22731704 
_citation.pdbx_database_id_DOI      10.1080/07391102.2012.687517 
# 
loop_
_citation_author.citation_id 
_citation_author.name 
_citation_author.ordinal 
_citation_author.identifier_ORCID 
primary 'Tamjar, J.'   1 ? 
primary 'Katorcha, E.' 2 ? 
primary 'Popov, A.'    3 ? 
primary 'Malinina, L.' 4 ? 
# 
loop_
_entity.id 
_entity.type 
_entity.src_method 
_entity.pdbx_description 
_entity.formula_weight 
_entity.pdbx_number_of_molecules 
_entity.pdbx_ec 
_entity.pdbx_mutation 
_entity.pdbx_fragment 
_entity.details 
1 polymer syn "5'-R(P*GP*GP*CP*GP*GP*CP*GP*GP*CP*GP*GP*CP*UP*GP*CP*UP*GP*CP*C)-3'" 6155.705 2   ? ? ? 'pGG(CGG)3(CUG)2CC' 
2 water   nat water                                                                18.015   164 ? ? ? ?                   
# 
_entity_poly.entity_id                      1 
_entity_poly.type                           polyribonucleotide 
_entity_poly.nstd_linkage                   no 
_entity_poly.nstd_monomer                   no 
_entity_poly.pdbx_seq_one_letter_code       GGCGGCGGCGGCUGCUGCC 
_entity_poly.pdbx_seq_one_letter_code_can   GGCGGCGGCGGCUGCUGCC 
_entity_poly.pdbx_strand_id                 A,B 
_entity_poly.pdbx_target_identifier         ? 
# 
_pdbx_entity_nonpoly.entity_id   2 
_pdbx_entity_nonpoly.name        water 
_pdbx_entity_nonpoly.comp_id     HOH 
# 
loop_
_entity_poly_seq.entity_id 
_entity_poly_seq.num 
_entity_poly_seq.mon_id 
_entity_poly_seq.hetero 
1 1  G n 
1 2  G n 
1 3  C n 
1 4  G n 
1 5  G n 
1 6  C n 
1 7  G n 
1 8  G n 
1 9  C n 
1 10 G n 
1 11 G n 
1 12 C n 
1 13 U n 
1 14 G n 
1 15 C n 
1 16 U n 
1 17 G n 
1 18 C n 
1 19 C n 
# 
loop_
_chem_comp.id 
_chem_comp.type 
_chem_comp.mon_nstd_flag 
_chem_comp.name 
_chem_comp.pdbx_synonyms 
_chem_comp.formula 
_chem_comp.formula_weight 
C   'RNA linking' y "CYTIDINE-5'-MONOPHOSPHATE"  ? 'C9 H14 N3 O8 P'  323.197 
G   'RNA linking' y "GUANOSINE-5'-MONOPHOSPHATE" ? 'C10 H14 N5 O8 P' 363.221 
HOH non-polymer   . WATER                        ? 'H2 O'            18.015  
U   'RNA linking' y "URIDINE-5'-MONOPHOSPHATE"   ? 'C9 H13 N2 O9 P'  324.181 
# 
loop_
_pdbx_poly_seq_scheme.asym_id 
_pdbx_poly_seq_scheme.entity_id 
_pdbx_poly_seq_scheme.seq_id 
_pdbx_poly_seq_scheme.mon_id 
_pdbx_poly_seq_scheme.ndb_seq_num 
_pdbx_poly_seq_scheme.pdb_seq_num 
_pdbx_poly_seq_scheme.auth_seq_num 
_pdbx_poly_seq_scheme.pdb_mon_id 
_pdbx_poly_seq_scheme.auth_mon_id 
_pdbx_poly_seq_scheme.pdb_strand_id 
_pdbx_poly_seq_scheme.pdb_ins_code 
_pdbx_poly_seq_scheme.hetero 
A 1 1  G 1  1  1  G G A . n 
A 1 2  G 2  2  2  G G A . n 
A 1 3  C 3  3  3  C C A . n 
A 1 4  G 4  4  4  G G A . n 
A 1 5  G 5  5  5  G G A . n 
A 1 6  C 6  6  6  C C A . n 
A 1 7  G 7  7  7  G G A . n 
A 1 8  G 8  8  8  G G A . n 
A 1 9  C 9  9  9  C C A . n 
A 1 10 G 10 10 10 G G A . n 
A 1 11 G 11 11 11 G G A . n 
A 1 12 C 12 12 12 C C A . n 
A 1 13 U 13 13 13 U U A . n 
A 1 14 G 14 14 14 G G A . n 
A 1 15 C 15 15 15 C C A . n 
A 1 16 U 16 16 16 U U A . n 
A 1 17 G 17 17 17 G G A . n 
A 1 18 C 18 18 18 C C A . n 
A 1 19 C 19 19 19 C C A . n 
B 1 1  G 1  1  1  G G B . n 
B 1 2  G 2  2  2  G G B . n 
B 1 3  C 3  3  3  C C B . n 
B 1 4  G 4  4  4  G G B . n 
B 1 5  G 5  5  5  G G B . n 
B 1 6  C 6  6  6  C C B . n 
B 1 7  G 7  7  7  G G B . n 
B 1 8  G 8  8  8  G G B . n 
B 1 9  C 9  9  9  C C B . n 
B 1 10 G 10 10 10 G G B . n 
B 1 11 G 11 11 11 G G B . n 
B 1 12 C 12 12 12 C C B . n 
B 1 13 U 13 13 13 U U B . n 
B 1 14 G 14 14 14 G G B . n 
B 1 15 C 15 15 15 C C B . n 
B 1 16 U 16 16 16 U U B . n 
B 1 17 G 17 17 17 G G B . n 
B 1 18 C 18 18 18 C C B . n 
B 1 19 C 19 19 19 C C B . n 
# 
loop_
_pdbx_nonpoly_scheme.asym_id 
_pdbx_nonpoly_scheme.entity_id 
_pdbx_nonpoly_scheme.mon_id 
_pdbx_nonpoly_scheme.ndb_seq_num 
_pdbx_nonpoly_scheme.pdb_seq_num 
_pdbx_nonpoly_scheme.auth_seq_num 
_pdbx_nonpoly_scheme.pdb_mon_id 
_pdbx_nonpoly_scheme.auth_mon_id 
_pdbx_nonpoly_scheme.pdb_strand_id 
_pdbx_nonpoly_scheme.pdb_ins_code 
C 2 HOH 1  101 3   HOH HOH A . 
C 2 HOH 2  102 5   HOH HOH A . 
C 2 HOH 3  103 8   HOH HOH A . 
C 2 HOH 4  104 13  HOH HOH A . 
C 2 HOH 5  105 16  HOH HOH A . 
C 2 HOH 6  106 17  HOH HOH A . 
C 2 HOH 7  107 21  HOH HOH A . 
C 2 HOH 8  108 22  HOH HOH A . 
C 2 HOH 9  109 26  HOH HOH A . 
C 2 HOH 10 110 27  HOH HOH A . 
C 2 HOH 11 111 30  HOH HOH A . 
C 2 HOH 12 112 31  HOH HOH A . 
C 2 HOH 13 113 33  HOH HOH A . 
C 2 HOH 14 114 34  HOH HOH A . 
C 2 HOH 15 115 35  HOH HOH A . 
C 2 HOH 16 116 36  HOH HOH A . 
C 2 HOH 17 117 37  HOH HOH A . 
C 2 HOH 18 118 38  HOH HOH A . 
C 2 HOH 19 119 39  HOH HOH A . 
C 2 HOH 20 120 40  HOH HOH A . 
C 2 HOH 21 121 42  HOH HOH A . 
C 2 HOH 22 122 44  HOH HOH A . 
C 2 HOH 23 123 45  HOH HOH A . 
C 2 HOH 24 124 46  HOH HOH A . 
C 2 HOH 25 125 47  HOH HOH A . 
C 2 HOH 26 126 48  HOH HOH A . 
C 2 HOH 27 127 49  HOH HOH A . 
C 2 HOH 28 128 51  HOH HOH A . 
C 2 HOH 29 129 52  HOH HOH A . 
C 2 HOH 30 130 53  HOH HOH A . 
C 2 HOH 31 131 56  HOH HOH A . 
C 2 HOH 32 132 59  HOH HOH A . 
C 2 HOH 33 133 63  HOH HOH A . 
C 2 HOH 34 134 64  HOH HOH A . 
C 2 HOH 35 135 65  HOH HOH A . 
C 2 HOH 36 136 70  HOH HOH A . 
C 2 HOH 37 137 71  HOH HOH A . 
C 2 HOH 38 138 72  HOH HOH A . 
C 2 HOH 39 139 74  HOH HOH A . 
C 2 HOH 40 140 75  HOH HOH A . 
C 2 HOH 41 141 77  HOH HOH A . 
C 2 HOH 42 142 78  HOH HOH A . 
C 2 HOH 43 143 79  HOH HOH A . 
C 2 HOH 44 144 80  HOH HOH A . 
C 2 HOH 45 145 82  HOH HOH A . 
C 2 HOH 46 146 83  HOH HOH A . 
C 2 HOH 47 147 84  HOH HOH A . 
C 2 HOH 48 148 86  HOH HOH A . 
C 2 HOH 49 149 87  HOH HOH A . 
C 2 HOH 50 150 88  HOH HOH A . 
C 2 HOH 51 151 91  HOH HOH A . 
C 2 HOH 52 152 93  HOH HOH A . 
C 2 HOH 53 153 94  HOH HOH A . 
C 2 HOH 54 154 100 HOH HOH A . 
C 2 HOH 55 155 103 HOH HOH A . 
C 2 HOH 56 156 105 HOH HOH A . 
C 2 HOH 57 157 107 HOH HOH A . 
C 2 HOH 58 158 108 HOH HOH A . 
C 2 HOH 59 159 109 HOH HOH A . 
C 2 HOH 60 160 111 HOH HOH A . 
C 2 HOH 61 161 112 HOH HOH A . 
C 2 HOH 62 162 113 HOH HOH A . 
C 2 HOH 63 163 114 HOH HOH A . 
C 2 HOH 64 164 115 HOH HOH A . 
C 2 HOH 65 165 116 HOH HOH A . 
C 2 HOH 66 166 118 HOH HOH A . 
C 2 HOH 67 167 119 HOH HOH A . 
C 2 HOH 68 168 120 HOH HOH A . 
C 2 HOH 69 169 123 HOH HOH A . 
C 2 HOH 70 170 127 HOH HOH A . 
C 2 HOH 71 171 129 HOH HOH A . 
C 2 HOH 72 172 131 HOH HOH A . 
C 2 HOH 73 173 134 HOH HOH A . 
C 2 HOH 74 174 136 HOH HOH A . 
C 2 HOH 75 175 137 HOH HOH A . 
C 2 HOH 76 176 138 HOH HOH A . 
C 2 HOH 77 177 140 HOH HOH A . 
C 2 HOH 78 178 141 HOH HOH A . 
C 2 HOH 79 179 144 HOH HOH A . 
C 2 HOH 80 180 145 HOH HOH A . 
C 2 HOH 81 181 146 HOH HOH A . 
C 2 HOH 82 182 147 HOH HOH A . 
C 2 HOH 83 183 159 HOH HOH A . 
C 2 HOH 84 184 160 HOH HOH A . 
C 2 HOH 85 185 163 HOH HOH A . 
C 2 HOH 86 186 164 HOH HOH A . 
D 2 HOH 1  101 1   HOH HOH B . 
D 2 HOH 2  102 2   HOH HOH B . 
D 2 HOH 3  103 4   HOH HOH B . 
D 2 HOH 4  104 6   HOH HOH B . 
D 2 HOH 5  105 7   HOH HOH B . 
D 2 HOH 6  106 9   HOH HOH B . 
D 2 HOH 7  107 10  HOH HOH B . 
D 2 HOH 8  108 11  HOH HOH B . 
D 2 HOH 9  109 12  HOH HOH B . 
D 2 HOH 10 110 14  HOH HOH B . 
D 2 HOH 11 111 15  HOH HOH B . 
D 2 HOH 12 112 18  HOH HOH B . 
D 2 HOH 13 113 19  HOH HOH B . 
D 2 HOH 14 114 20  HOH HOH B . 
D 2 HOH 15 115 23  HOH HOH B . 
D 2 HOH 16 116 24  HOH HOH B . 
D 2 HOH 17 117 25  HOH HOH B . 
D 2 HOH 18 118 28  HOH HOH B . 
D 2 HOH 19 119 29  HOH HOH B . 
D 2 HOH 20 120 32  HOH HOH B . 
D 2 HOH 21 121 41  HOH HOH B . 
D 2 HOH 22 122 43  HOH HOH B . 
D 2 HOH 23 123 50  HOH HOH B . 
D 2 HOH 24 124 54  HOH HOH B . 
D 2 HOH 25 125 55  HOH HOH B . 
D 2 HOH 26 126 57  HOH HOH B . 
D 2 HOH 27 127 58  HOH HOH B . 
D 2 HOH 28 128 60  HOH HOH B . 
D 2 HOH 29 129 61  HOH HOH B . 
D 2 HOH 30 130 62  HOH HOH B . 
D 2 HOH 31 131 66  HOH HOH B . 
D 2 HOH 32 132 67  HOH HOH B . 
D 2 HOH 33 133 68  HOH HOH B . 
D 2 HOH 34 134 69  HOH HOH B . 
D 2 HOH 35 135 73  HOH HOH B . 
D 2 HOH 36 136 76  HOH HOH B . 
D 2 HOH 37 137 81  HOH HOH B . 
D 2 HOH 38 138 85  HOH HOH B . 
D 2 HOH 39 139 89  HOH HOH B . 
D 2 HOH 40 140 90  HOH HOH B . 
D 2 HOH 41 141 92  HOH HOH B . 
D 2 HOH 42 142 95  HOH HOH B . 
D 2 HOH 43 143 96  HOH HOH B . 
D 2 HOH 44 144 97  HOH HOH B . 
D 2 HOH 45 145 98  HOH HOH B . 
D 2 HOH 46 146 99  HOH HOH B . 
D 2 HOH 47 147 101 HOH HOH B . 
D 2 HOH 48 148 102 HOH HOH B . 
D 2 HOH 49 149 104 HOH HOH B . 
D 2 HOH 50 150 106 HOH HOH B . 
D 2 HOH 51 151 110 HOH HOH B . 
D 2 HOH 52 152 117 HOH HOH B . 
D 2 HOH 53 153 121 HOH HOH B . 
D 2 HOH 54 154 122 HOH HOH B . 
D 2 HOH 55 155 124 HOH HOH B . 
D 2 HOH 56 156 125 HOH HOH B . 
D 2 HOH 57 157 126 HOH HOH B . 
D 2 HOH 58 158 128 HOH HOH B . 
D 2 HOH 59 159 130 HOH HOH B . 
D 2 HOH 60 160 132 HOH HOH B . 
D 2 HOH 61 161 133 HOH HOH B . 
D 2 HOH 62 162 135 HOH HOH B . 
D 2 HOH 63 163 139 HOH HOH B . 
D 2 HOH 64 164 142 HOH HOH B . 
D 2 HOH 65 165 143 HOH HOH B . 
D 2 HOH 66 166 148 HOH HOH B . 
D 2 HOH 67 167 149 HOH HOH B . 
D 2 HOH 68 168 150 HOH HOH B . 
D 2 HOH 69 169 151 HOH HOH B . 
D 2 HOH 70 170 152 HOH HOH B . 
D 2 HOH 71 171 153 HOH HOH B . 
D 2 HOH 72 172 154 HOH HOH B . 
D 2 HOH 73 173 155 HOH HOH B . 
D 2 HOH 74 174 156 HOH HOH B . 
D 2 HOH 75 175 157 HOH HOH B . 
D 2 HOH 76 176 158 HOH HOH B . 
D 2 HOH 77 177 161 HOH HOH B . 
D 2 HOH 78 178 162 HOH HOH B . 
# 
loop_
_software.pdbx_ordinal 
_software.name 
_software.version 
_software.date 
_software.type 
_software.contact_author 
_software.contact_author_email 
_software.classification 
_software.location 
_software.language 
_software.citation_id 
1 DENZO       .       ?               package 'Zbyszek Otwinowski' hkl@hkl-xray.com         'data reduction'  
http://www.hkl-xray.com/                     ?          ? 
2 SCALEPACK   .       ?               package 'Zbyszek Otwinowski' hkl@hkl-xray.com         'data scaling'    
http://www.hkl-xray.com/                     ?          ? 
3 AMoRE       .       ?               program 'Jorge Navaza'       ccp4@ccp4.ac.uk          phasing           
http://www.ccp4.ac.uk/                       Fortran_77 ? 
4 REFMAC      .       ?               program 'Garib N. Murshudov' garib@ysbl.york.ac.uk    refinement        
http://www.ccp4.ac.uk/dist/html/refmac5.html Fortran_77 ? 
5 PDB_EXTRACT 3.10    'June 10, 2010' package PDB                  deposit@deposit.rcsb.org 'data extraction' 
http://sw-tools.pdb.org/apps/PDB_EXTRACT/    C++        ? 
6 ADSC        Quantum ?               ?       ?                    ?                        'data collection' ? ?          ? 
# 
_cell.length_a           45.154 
_cell.length_b           45.154 
_cell.length_c           104.036 
_cell.angle_alpha        90.000 
_cell.angle_beta         90.000 
_cell.angle_gamma        120.000 
_cell.entry_id           4E5C 
_cell.pdbx_unique_axis   ? 
_cell.Z_PDB              12 
_cell.length_a_esd       ? 
_cell.length_b_esd       ? 
_cell.length_c_esd       ? 
_cell.angle_alpha_esd    ? 
_cell.angle_beta_esd     ? 
_cell.angle_gamma_esd    ? 
# 
_symmetry.space_group_name_H-M             'P 3 2 1' 
_symmetry.entry_id                         4E5C 
_symmetry.Int_Tables_number                150 
_symmetry.pdbx_full_space_group_name_H-M   ? 
_symmetry.cell_setting                     ? 
_symmetry.space_group_name_Hall            ? 
# 
_exptl.crystals_number   1 
_exptl.entry_id          4E5C 
_exptl.method            'X-RAY DIFFRACTION' 
# 
_exptl_crystal.id                    1 
_exptl_crystal.density_Matthews      2.49 
_exptl_crystal.density_meas          ? 
_exptl_crystal.density_percent_sol   50.54 
_exptl_crystal.description           ? 
_exptl_crystal.F_000                 ? 
_exptl_crystal.preparation           ? 
# 
_exptl_crystal_grow.crystal_id      1 
_exptl_crystal_grow.method          'VAPOR DIFFUSION, HANGING DROP' 
_exptl_crystal_grow.pH              6.0 
_exptl_crystal_grow.temp            291 
_exptl_crystal_grow.pdbx_details    '1.8 mM ammonium sulfate, 0.1 M MES, pH 6.0, VAPOR DIFFUSION, HANGING DROP, temperature 291K' 
_exptl_crystal_grow.temp_details    ? 
_exptl_crystal_grow.pdbx_pH_range   ? 
# 
_diffrn.id                     1 
_diffrn.ambient_temp           100 
_diffrn.ambient_temp_details   ? 
_diffrn.crystal_id             1 
# 
_diffrn_detector.diffrn_id              1 
_diffrn_detector.detector               CCD 
_diffrn_detector.type                   'ADSC QUANTUM 315r' 
_diffrn_detector.pdbx_collection_date   2010-12-05 
_diffrn_detector.details                ? 
# 
_diffrn_radiation.diffrn_id                        1 
_diffrn_radiation.pdbx_diffrn_protocol             'SINGLE WAVELENGTH' 
_diffrn_radiation.monochromator                    'Si(111)' 
_diffrn_radiation.wavelength_id                    1 
_diffrn_radiation.pdbx_monochromatic_or_laue_m_l   M 
_diffrn_radiation.pdbx_scattering_type             x-ray 
# 
_diffrn_radiation_wavelength.id           1 
_diffrn_radiation_wavelength.wavelength   0.9724 
_diffrn_radiation_wavelength.wt           1.0 
# 
_diffrn_source.diffrn_id                   1 
_diffrn_source.source                      SYNCHROTRON 
_diffrn_source.type                        'ESRF BEAMLINE ID23-1' 
_diffrn_source.pdbx_wavelength_list        0.9724 
_diffrn_source.pdbx_wavelength             ? 
_diffrn_source.pdbx_synchrotron_site       ESRF 
_diffrn_source.pdbx_synchrotron_beamline   ID23-1 
# 
_reflns.entry_id                     4E5C 
_reflns.d_resolution_high            1.700 
_reflns.d_resolution_low             20.0 
_reflns.number_obs                   13505 
_reflns.pdbx_Rmerge_I_obs            0.041 
_reflns.pdbx_netI_over_sigmaI        21.200 
_reflns.pdbx_chi_squared             1.132 
_reflns.pdbx_redundancy              3.200 
_reflns.percent_possible_obs         94.800 
_reflns.observed_criterion_sigma_F   2 
_reflns.observed_criterion_sigma_I   2 
_reflns.number_all                   14282 
_reflns.pdbx_Rsym_value              ? 
_reflns.B_iso_Wilson_estimate        ? 
_reflns.R_free_details               ? 
_reflns.limit_h_max                  ? 
_reflns.limit_h_min                  ? 
_reflns.limit_k_max                  ? 
_reflns.limit_k_min                  ? 
_reflns.limit_l_max                  ? 
_reflns.limit_l_min                  ? 
_reflns.observed_criterion_F_max     ? 
_reflns.observed_criterion_F_min     ? 
_reflns.pdbx_scaling_rejects         ? 
_reflns.pdbx_ordinal                 1 
_reflns.pdbx_diffrn_id               1 
# 
loop_
_reflns_shell.d_res_high 
_reflns_shell.d_res_low 
_reflns_shell.number_measured_obs 
_reflns_shell.number_measured_all 
_reflns_shell.number_unique_obs 
_reflns_shell.Rmerge_I_obs 
_reflns_shell.meanI_over_sigI_obs 
_reflns_shell.pdbx_Rsym_value 
_reflns_shell.pdbx_chi_squared 
_reflns_shell.pdbx_redundancy 
_reflns_shell.percent_possible_obs 
_reflns_shell.number_unique_all 
_reflns_shell.percent_possible_all 
_reflns_shell.pdbx_ordinal 
_reflns_shell.pdbx_diffrn_id 
1.700 1.760 ? ? ? 0.098 ? ? 1.101 2.1 ? 1124 80.4 1  1 
1.760 1.830 ? ? ? 0.115 ? ? 1.274 2.4 ? 1262 91.3 2  1 
1.830 1.910 ? ? ? 0.110 ? ? 1.317 3.2 ? 1368 97.6 3  1 
1.910 2.020 ? ? ? 0.079 ? ? 1.185 3.5 ? 1381 99.8 4  1 
2.020 2.140 ? ? ? 0.056 ? ? 1.032 3.5 ? 1426 99.9 5  1 
2.140 2.310 ? ? ? 0.044 ? ? 0.972 3.5 ? 1389 99.8 6  1 
2.310 2.540 ? ? ? 0.035 ? ? 0.877 3.5 ? 1419 99.9 7  1 
2.540 2.900 ? ? ? 0.028 ? ? 0.769 3.5 ? 1430 99.5 8  1 
2.900 3.660 ? ? ? 0.041 ? ? 1.524 3.3 ? 1386 95.7 9  1 
3.660 20.00 ? ? ? 0.036 ? ? 1.479 3.0 ? 1327 85.2 10 1 
# 
_refine.entry_id                                 4E5C 
_refine.ls_d_res_high                            1.700 
_refine.ls_d_res_low                             15.00 
_refine.pdbx_ls_sigma_F                          0.0 
_refine.pdbx_data_cutoff_high_absF               ? 
_refine.pdbx_data_cutoff_low_absF                ? 
_refine.ls_percent_reflns_obs                    94.78 
_refine.ls_number_reflns_obs                     13498 
_refine.ls_number_reflns_all                     ? 
_refine.pdbx_ls_cross_valid_method               THROUGHOUT 
_refine.pdbx_R_Free_selection_details            RANDOM 
_refine.details                                  'HYDROGENS HAVE BEEN ADDED IN THE RIDING POSITIONS' 
_refine.ls_R_factor_all                          ? 
_refine.ls_R_factor_obs                          0.2140 
_refine.ls_R_factor_R_work                       0.2125 
_refine.ls_wR_factor_R_work                      0.3109 
_refine.ls_R_factor_R_free                       0.2444 
_refine.ls_wR_factor_R_free                      0.3241 
_refine.ls_percent_reflns_R_free                 4.9000 
_refine.ls_number_reflns_R_free                  666 
_refine.ls_R_factor_R_free_error                 ? 
_refine.B_iso_mean                               28.382 
_refine.solvent_model_param_bsol                 ? 
_refine.solvent_model_param_ksol                 ? 
_refine.pdbx_isotropic_thermal_model             ? 
_refine.aniso_B[1][1]                            0.4900 
_refine.aniso_B[2][2]                            0.4900 
_refine.aniso_B[3][3]                            -0.7400 
_refine.aniso_B[1][2]                            0.2500 
_refine.aniso_B[1][3]                            0.0000 
_refine.aniso_B[2][3]                            0.0000 
_refine.correlation_coeff_Fo_to_Fc               0.9480 
_refine.correlation_coeff_Fo_to_Fc_free          0.9350 
_refine.overall_SU_R_Cruickshank_DPI             0.1637 
_refine.overall_SU_R_free                        0.1474 
_refine.pdbx_overall_ESU_R                       0.1240 
_refine.pdbx_overall_ESU_R_Free                  0.1190 
_refine.overall_SU_ML                            0.0680 
_refine.overall_SU_B                             2.5230 
_refine.solvent_model_details                    MASK 
_refine.pdbx_solvent_vdw_probe_radii             1.2000 
_refine.pdbx_solvent_ion_probe_radii             0.8000 
_refine.pdbx_solvent_shrinkage_radii             0.8000 
_refine.ls_number_parameters                     ? 
_refine.ls_number_restraints                     ? 
_refine.pdbx_starting_model                      ? 
_refine.pdbx_method_to_determine_struct          'MOLECULAR REPLACEMENT' 
_refine.pdbx_stereochemistry_target_values       'MAXIMUM LIKELIHOOD' 
_refine.pdbx_stereochem_target_val_spec_case     ? 
_refine.overall_FOM_work_R_set                   0.8192 
_refine.B_iso_max                                59.970 
_refine.B_iso_min                                13.980 
_refine.pdbx_overall_phase_error                 ? 
_refine.occupancy_max                            1.000 
_refine.occupancy_min                            0.330 
_refine.pdbx_ls_sigma_I                          ? 
_refine.ls_redundancy_reflns_obs                 ? 
_refine.ls_R_factor_R_free_error_details         ? 
_refine.pdbx_data_cutoff_high_rms_absF           ? 
_refine.overall_FOM_free_R_set                   ? 
_refine.pdbx_diffrn_id                           1 
_refine.pdbx_refine_id                           'X-RAY DIFFRACTION' 
_refine.pdbx_TLS_residual_ADP_flag               ? 
_refine.pdbx_overall_SU_R_free_Cruickshank_DPI   ? 
_refine.pdbx_overall_SU_R_Blow_DPI               ? 
_refine.pdbx_overall_SU_R_free_Blow_DPI          ? 
# 
_refine_hist.pdbx_refine_id                   'X-RAY DIFFRACTION' 
_refine_hist.cycle_id                         LAST 
_refine_hist.pdbx_number_atoms_protein        0 
_refine_hist.pdbx_number_atoms_nucleic_acid   822 
_refine_hist.pdbx_number_atoms_ligand         0 
_refine_hist.number_atoms_solvent             164 
_refine_hist.number_atoms_total               986 
_refine_hist.d_res_high                       1.700 
_refine_hist.d_res_low                        15.00 
# 
loop_
_refine_ls_restr.type 
_refine_ls_restr.number 
_refine_ls_restr.dev_ideal 
_refine_ls_restr.dev_ideal_target 
_refine_ls_restr.weight 
_refine_ls_restr.pdbx_restraint_function 
_refine_ls_restr.pdbx_refine_id 
r_bond_refined_d         916  0.011 0.021 ? ? 'X-RAY DIFFRACTION' 
r_bond_other_d           308  0.003 0.020 ? ? 'X-RAY DIFFRACTION' 
r_angle_refined_deg      1430 1.865 3.000 ? ? 'X-RAY DIFFRACTION' 
r_angle_other_deg        806  1.083 3.000 ? ? 'X-RAY DIFFRACTION' 
r_chiral_restr           190  0.074 0.200 ? ? 'X-RAY DIFFRACTION' 
r_gen_planes_refined     402  0.009 0.020 ? ? 'X-RAY DIFFRACTION' 
r_gen_planes_other       80   0.001 0.020 ? ? 'X-RAY DIFFRACTION' 
r_nbd_refined            90   0.109 0.200 ? ? 'X-RAY DIFFRACTION' 
r_nbd_other              395  0.260 0.200 ? ? 'X-RAY DIFFRACTION' 
r_nbtor_refined          323  0.242 0.200 ? ? 'X-RAY DIFFRACTION' 
r_nbtor_other            195  0.059 0.200 ? ? 'X-RAY DIFFRACTION' 
r_xyhbond_nbd_refined    92   0.162 0.200 ? ? 'X-RAY DIFFRACTION' 
r_symmetry_vdw_refined   9    0.063 0.200 ? ? 'X-RAY DIFFRACTION' 
r_symmetry_vdw_other     37   0.129 0.200 ? ? 'X-RAY DIFFRACTION' 
r_symmetry_hbond_refined 26   0.273 0.200 ? ? 'X-RAY DIFFRACTION' 
r_scbond_it              1353 1.353 3.000 ? ? 'X-RAY DIFFRACTION' 
r_scangle_it             1430 1.828 4.500 ? ? 'X-RAY DIFFRACTION' 
# 
_refine_ls_shell.d_res_high                       1.70 
_refine_ls_shell.d_res_low                        1.740 
_refine_ls_shell.pdbx_total_number_of_bins_used   20 
_refine_ls_shell.percent_reflns_obs               78.23 
_refine_ls_shell.number_reflns_R_work             764 
_refine_ls_shell.R_factor_all                     ? 
_refine_ls_shell.R_factor_R_work                  0.1980 
_refine_ls_shell.R_factor_R_free                  0.1970 
_refine_ls_shell.percent_reflns_R_free            ? 
_refine_ls_shell.number_reflns_R_free             48 
_refine_ls_shell.R_factor_R_free_error            ? 
_refine_ls_shell.number_reflns_all                812 
_refine_ls_shell.number_reflns_obs                ? 
_refine_ls_shell.redundancy_reflns_obs            ? 
_refine_ls_shell.pdbx_refine_id                   'X-RAY DIFFRACTION' 
# 
_struct.entry_id                  4E5C 
_struct.title                     'Crystal Structure of 19mer double-helical RNA containing CUG/CGG-repeats' 
_struct.pdbx_model_details        ? 
_struct.pdbx_CASP_flag            ? 
_struct.pdbx_model_type_details   ? 
# 
_struct_keywords.entry_id        4E5C 
_struct_keywords.text            'siRNA, trinucleotide repeat expansion, RNA' 
_struct_keywords.pdbx_keywords   RNA 
# 
loop_
_struct_asym.id 
_struct_asym.pdbx_blank_PDB_chainid_flag 
_struct_asym.pdbx_modified 
_struct_asym.entity_id 
_struct_asym.details 
A N N 1 ? 
B N N 1 ? 
C N N 2 ? 
D N N 2 ? 
# 
_struct_ref.id                         1 
_struct_ref.db_name                    PDB 
_struct_ref.db_code                    4E5C 
_struct_ref.pdbx_db_accession          4E5C 
_struct_ref.entity_id                  1 
_struct_ref.pdbx_align_begin           1 
_struct_ref.pdbx_seq_one_letter_code   GGCGGCGGCGGCUGCUGCC 
_struct_ref.pdbx_db_isoform            ? 
# 
loop_
_struct_ref_seq.align_id 
_struct_ref_seq.ref_id 
_struct_ref_seq.pdbx_PDB_id_code 
_struct_ref_seq.pdbx_strand_id 
_struct_ref_seq.seq_align_beg 
_struct_ref_seq.pdbx_seq_align_beg_ins_code 
_struct_ref_seq.seq_align_end 
_struct_ref_seq.pdbx_seq_align_end_ins_code 
_struct_ref_seq.pdbx_db_accession 
_struct_ref_seq.db_align_beg 
_struct_ref_seq.pdbx_db_align_beg_ins_code 
_struct_ref_seq.db_align_end 
_struct_ref_seq.pdbx_db_align_end_ins_code 
_struct_ref_seq.pdbx_auth_seq_align_beg 
_struct_ref_seq.pdbx_auth_seq_align_end 
1 1 4E5C A 1 ? 19 ? 4E5C 1 ? 19 ? 1 19 
2 1 4E5C B 1 ? 19 ? 4E5C 1 ? 19 ? 1 19 
# 
_pdbx_struct_assembly.id                   1 
_pdbx_struct_assembly.details              author_and_software_defined_assembly 
_pdbx_struct_assembly.method_details       PISA 
_pdbx_struct_assembly.oligomeric_details   dimeric 
_pdbx_struct_assembly.oligomeric_count     2 
# 
loop_
_pdbx_struct_assembly_prop.biol_id 
_pdbx_struct_assembly_prop.type 
_pdbx_struct_assembly_prop.value 
_pdbx_struct_assembly_prop.details 
1 'ABSA (A^2)' 1970 ? 
1 MORE         -14  ? 
1 'SSA (A^2)'  7180 ? 
# 
_pdbx_struct_assembly_gen.assembly_id       1 
_pdbx_struct_assembly_gen.oper_expression   1 
_pdbx_struct_assembly_gen.asym_id_list      A,B,C,D 
# 
_pdbx_struct_oper_list.id                   1 
_pdbx_struct_oper_list.type                 'identity operation' 
_pdbx_struct_oper_list.name                 1_555 
_pdbx_struct_oper_list.symmetry_operation   x,y,z 
_pdbx_struct_oper_list.matrix[1][1]         1.0000000000 
_pdbx_struct_oper_list.matrix[1][2]         0.0000000000 
_pdbx_struct_oper_list.matrix[1][3]         0.0000000000 
_pdbx_struct_oper_list.vector[1]            0.0000000000 
_pdbx_struct_oper_list.matrix[2][1]         0.0000000000 
_pdbx_struct_oper_list.matrix[2][2]         1.0000000000 
_pdbx_struct_oper_list.matrix[2][3]         0.0000000000 
_pdbx_struct_oper_list.vector[2]            0.0000000000 
_pdbx_struct_oper_list.matrix[3][1]         0.0000000000 
_pdbx_struct_oper_list.matrix[3][2]         0.0000000000 
_pdbx_struct_oper_list.matrix[3][3]         1.0000000000 
_pdbx_struct_oper_list.vector[3]            0.0000000000 
# 
_struct_biol.id        1 
_struct_biol.details   ? 
# 
loop_
_struct_conn.id 
_struct_conn.conn_type_id 
_struct_conn.pdbx_leaving_atom_flag 
_struct_conn.pdbx_PDB_id 
_struct_conn.ptnr1_label_asym_id 
_struct_conn.ptnr1_label_comp_id 
_struct_conn.ptnr1_label_seq_id 
_struct_conn.ptnr1_label_atom_id 
_struct_conn.pdbx_ptnr1_label_alt_id 
_struct_conn.pdbx_ptnr1_PDB_ins_code 
_struct_conn.pdbx_ptnr1_standard_comp_id 
_struct_conn.ptnr1_symmetry 
_struct_conn.ptnr2_label_asym_id 
_struct_conn.ptnr2_label_comp_id 
_struct_conn.ptnr2_label_seq_id 
_struct_conn.ptnr2_label_atom_id 
_struct_conn.pdbx_ptnr2_label_alt_id 
_struct_conn.pdbx_ptnr2_PDB_ins_code 
_struct_conn.ptnr1_auth_asym_id 
_struct_conn.ptnr1_auth_comp_id 
_struct_conn.ptnr1_auth_seq_id 
_struct_conn.ptnr2_auth_asym_id 
_struct_conn.ptnr2_auth_comp_id 
_struct_conn.ptnr2_auth_seq_id 
_struct_conn.ptnr2_symmetry 
_struct_conn.pdbx_ptnr3_label_atom_id 
_struct_conn.pdbx_ptnr3_label_seq_id 
_struct_conn.pdbx_ptnr3_label_comp_id 
_struct_conn.pdbx_ptnr3_label_asym_id 
_struct_conn.pdbx_ptnr3_label_alt_id 
_struct_conn.pdbx_ptnr3_PDB_ins_code 
_struct_conn.details 
_struct_conn.pdbx_dist_value 
_struct_conn.pdbx_value_order 
_struct_conn.pdbx_role 
hydrog1  hydrog ? ? A G 1  N1 ? ? ? 1_555 B C 19 N3 ? ? A G 1  B C 19 1_555 ? ? ? ? ? ? WATSON-CRICK ? ? ? 
hydrog2  hydrog ? ? A G 1  N2 ? ? ? 1_555 B C 19 O2 ? ? A G 1  B C 19 1_555 ? ? ? ? ? ? WATSON-CRICK ? ? ? 
hydrog3  hydrog ? ? A G 1  O6 ? ? ? 1_555 B C 19 N4 ? ? A G 1  B C 19 1_555 ? ? ? ? ? ? WATSON-CRICK ? ? ? 
hydrog4  hydrog ? ? A G 2  N1 ? ? ? 1_555 B C 18 N3 ? ? A G 2  B C 18 1_555 ? ? ? ? ? ? WATSON-CRICK ? ? ? 
hydrog5  hydrog ? ? A G 2  N2 ? ? ? 1_555 B C 18 O2 ? ? A G 2  B C 18 1_555 ? ? ? ? ? ? WATSON-CRICK ? ? ? 
hydrog6  hydrog ? ? A G 2  O6 ? ? ? 1_555 B C 18 N4 ? ? A G 2  B C 18 1_555 ? ? ? ? ? ? WATSON-CRICK ? ? ? 
hydrog7  hydrog ? ? A C 3  N3 ? ? ? 1_555 B G 17 N1 ? ? A C 3  B G 17 1_555 ? ? ? ? ? ? WATSON-CRICK ? ? ? 
hydrog8  hydrog ? ? A C 3  N4 ? ? ? 1_555 B G 17 O6 ? ? A C 3  B G 17 1_555 ? ? ? ? ? ? WATSON-CRICK ? ? ? 
hydrog9  hydrog ? ? A C 3  O2 ? ? ? 1_555 B G 17 N2 ? ? A C 3  B G 17 1_555 ? ? ? ? ? ? WATSON-CRICK ? ? ? 
hydrog10 hydrog ? ? A G 4  N1 ? ? ? 1_555 B U 16 O2 ? ? A G 4  B U 16 1_555 ? ? ? ? ? ? TYPE_28_PAIR ? ? ? 
hydrog11 hydrog ? ? A G 4  O6 ? ? ? 1_555 B U 16 N3 ? ? A G 4  B U 16 1_555 ? ? ? ? ? ? TYPE_28_PAIR ? ? ? 
hydrog12 hydrog ? ? A G 5  N1 ? ? ? 1_555 B C 15 N3 ? ? A G 5  B C 15 1_555 ? ? ? ? ? ? WATSON-CRICK ? ? ? 
hydrog13 hydrog ? ? A G 5  N2 ? ? ? 1_555 B C 15 O2 ? ? A G 5  B C 15 1_555 ? ? ? ? ? ? WATSON-CRICK ? ? ? 
hydrog14 hydrog ? ? A G 5  O6 ? ? ? 1_555 B C 15 N4 ? ? A G 5  B C 15 1_555 ? ? ? ? ? ? WATSON-CRICK ? ? ? 
hydrog15 hydrog ? ? A C 6  N3 ? ? ? 1_555 B G 14 N1 ? ? A C 6  B G 14 1_555 ? ? ? ? ? ? WATSON-CRICK ? ? ? 
hydrog16 hydrog ? ? A C 6  N4 ? ? ? 1_555 B G 14 O6 ? ? A C 6  B G 14 1_555 ? ? ? ? ? ? WATSON-CRICK ? ? ? 
hydrog17 hydrog ? ? A C 6  O2 ? ? ? 1_555 B G 14 N2 ? ? A C 6  B G 14 1_555 ? ? ? ? ? ? WATSON-CRICK ? ? ? 
hydrog18 hydrog ? ? A G 7  N1 ? ? ? 1_555 B U 13 O2 ? ? A G 7  B U 13 1_555 ? ? ? ? ? ? TYPE_28_PAIR ? ? ? 
hydrog19 hydrog ? ? A G 7  O6 ? ? ? 1_555 B U 13 N3 ? ? A G 7  B U 13 1_555 ? ? ? ? ? ? TYPE_28_PAIR ? ? ? 
hydrog20 hydrog ? ? A G 8  N1 ? ? ? 1_555 B C 12 N3 ? ? A G 8  B C 12 1_555 ? ? ? ? ? ? WATSON-CRICK ? ? ? 
hydrog21 hydrog ? ? A G 8  N2 ? ? ? 1_555 B C 12 O2 ? ? A G 8  B C 12 1_555 ? ? ? ? ? ? WATSON-CRICK ? ? ? 
hydrog22 hydrog ? ? A G 8  O6 ? ? ? 1_555 B C 12 N4 ? ? A G 8  B C 12 1_555 ? ? ? ? ? ? WATSON-CRICK ? ? ? 
hydrog23 hydrog ? ? A C 9  N3 ? ? ? 1_555 B G 11 N1 ? ? A C 9  B G 11 1_555 ? ? ? ? ? ? WATSON-CRICK ? ? ? 
hydrog24 hydrog ? ? A C 9  N4 ? ? ? 1_555 B G 11 O6 ? ? A C 9  B G 11 1_555 ? ? ? ? ? ? WATSON-CRICK ? ? ? 
hydrog25 hydrog ? ? A C 9  O2 ? ? ? 1_555 B G 11 N2 ? ? A C 9  B G 11 1_555 ? ? ? ? ? ? WATSON-CRICK ? ? ? 
hydrog26 hydrog ? ? A G 10 N1 ? ? ? 1_555 B G 10 O6 ? ? A G 10 B G 10 1_555 ? ? ? ? ? ? TYPE_6_PAIR  ? ? ? 
hydrog27 hydrog ? ? A G 10 N2 ? ? ? 1_555 B G 10 N7 ? ? A G 10 B G 10 1_555 ? ? ? ? ? ? TYPE_6_PAIR  ? ? ? 
hydrog28 hydrog ? ? A G 11 N1 ? ? ? 1_555 B C 9  N3 ? ? A G 11 B C 9  1_555 ? ? ? ? ? ? WATSON-CRICK ? ? ? 
hydrog29 hydrog ? ? A G 11 N2 ? ? ? 1_555 B C 9  O2 ? ? A G 11 B C 9  1_555 ? ? ? ? ? ? WATSON-CRICK ? ? ? 
hydrog30 hydrog ? ? A G 11 O6 ? ? ? 1_555 B C 9  N4 ? ? A G 11 B C 9  1_555 ? ? ? ? ? ? WATSON-CRICK ? ? ? 
hydrog31 hydrog ? ? A C 12 N3 ? ? ? 1_555 B G 8  N1 ? ? A C 12 B G 8  1_555 ? ? ? ? ? ? WATSON-CRICK ? ? ? 
hydrog32 hydrog ? ? A C 12 N4 ? ? ? 1_555 B G 8  O6 ? ? A C 12 B G 8  1_555 ? ? ? ? ? ? WATSON-CRICK ? ? ? 
hydrog33 hydrog ? ? A C 12 O2 ? ? ? 1_555 B G 8  N2 ? ? A C 12 B G 8  1_555 ? ? ? ? ? ? WATSON-CRICK ? ? ? 
hydrog34 hydrog ? ? A U 13 N3 ? ? ? 1_555 B G 7  O6 ? ? A U 13 B G 7  1_555 ? ? ? ? ? ? TYPE_28_PAIR ? ? ? 
hydrog35 hydrog ? ? A U 13 O2 ? ? ? 1_555 B G 7  N1 ? ? A U 13 B G 7  1_555 ? ? ? ? ? ? TYPE_28_PAIR ? ? ? 
hydrog36 hydrog ? ? A G 14 N1 ? ? ? 1_555 B C 6  N3 ? ? A G 14 B C 6  1_555 ? ? ? ? ? ? WATSON-CRICK ? ? ? 
hydrog37 hydrog ? ? A G 14 N2 ? ? ? 1_555 B C 6  O2 ? ? A G 14 B C 6  1_555 ? ? ? ? ? ? WATSON-CRICK ? ? ? 
hydrog38 hydrog ? ? A G 14 O6 ? ? ? 1_555 B C 6  N4 ? ? A G 14 B C 6  1_555 ? ? ? ? ? ? WATSON-CRICK ? ? ? 
hydrog39 hydrog ? ? A C 15 N3 ? ? ? 1_555 B G 5  N1 ? ? A C 15 B G 5  1_555 ? ? ? ? ? ? WATSON-CRICK ? ? ? 
hydrog40 hydrog ? ? A C 15 N4 ? ? ? 1_555 B G 5  O6 ? ? A C 15 B G 5  1_555 ? ? ? ? ? ? WATSON-CRICK ? ? ? 
hydrog41 hydrog ? ? A C 15 O2 ? ? ? 1_555 B G 5  N2 ? ? A C 15 B G 5  1_555 ? ? ? ? ? ? WATSON-CRICK ? ? ? 
hydrog42 hydrog ? ? A U 16 N3 ? ? ? 1_555 B G 4  O6 ? ? A U 16 B G 4  1_555 ? ? ? ? ? ? TYPE_28_PAIR ? ? ? 
hydrog43 hydrog ? ? A U 16 O2 ? ? ? 1_555 B G 4  N1 ? ? A U 16 B G 4  1_555 ? ? ? ? ? ? TYPE_28_PAIR ? ? ? 
hydrog44 hydrog ? ? A G 17 N1 ? ? ? 1_555 B C 3  N3 ? ? A G 17 B C 3  1_555 ? ? ? ? ? ? WATSON-CRICK ? ? ? 
hydrog45 hydrog ? ? A G 17 N2 ? ? ? 1_555 B C 3  O2 ? ? A G 17 B C 3  1_555 ? ? ? ? ? ? WATSON-CRICK ? ? ? 
hydrog46 hydrog ? ? A G 17 O6 ? ? ? 1_555 B C 3  N4 ? ? A G 17 B C 3  1_555 ? ? ? ? ? ? WATSON-CRICK ? ? ? 
hydrog47 hydrog ? ? A C 18 N3 ? ? ? 1_555 B G 2  N1 ? ? A C 18 B G 2  1_555 ? ? ? ? ? ? WATSON-CRICK ? ? ? 
hydrog48 hydrog ? ? A C 18 N4 ? ? ? 1_555 B G 2  O6 ? ? A C 18 B G 2  1_555 ? ? ? ? ? ? WATSON-CRICK ? ? ? 
hydrog49 hydrog ? ? A C 18 O2 ? ? ? 1_555 B G 2  N2 ? ? A C 18 B G 2  1_555 ? ? ? ? ? ? WATSON-CRICK ? ? ? 
hydrog50 hydrog ? ? A C 19 N3 ? ? ? 1_555 B G 1  N1 ? ? A C 19 B G 1  1_555 ? ? ? ? ? ? WATSON-CRICK ? ? ? 
hydrog51 hydrog ? ? A C 19 N4 ? ? ? 1_555 B G 1  O6 ? ? A C 19 B G 1  1_555 ? ? ? ? ? ? WATSON-CRICK ? ? ? 
hydrog52 hydrog ? ? A C 19 O2 ? ? ? 1_555 B G 1  N2 ? ? A C 19 B G 1  1_555 ? ? ? ? ? ? WATSON-CRICK ? ? ? 
# 
_struct_conn_type.id          hydrog 
_struct_conn_type.criteria    ? 
_struct_conn_type.reference   ? 
# 
_pdbx_validate_close_contact.id               1 
_pdbx_validate_close_contact.PDB_model_num    1 
_pdbx_validate_close_contact.auth_atom_id_1   OP2 
_pdbx_validate_close_contact.auth_asym_id_1   A 
_pdbx_validate_close_contact.auth_comp_id_1   C 
_pdbx_validate_close_contact.auth_seq_id_1    3 
_pdbx_validate_close_contact.PDB_ins_code_1   ? 
_pdbx_validate_close_contact.label_alt_id_1   ? 
_pdbx_validate_close_contact.auth_atom_id_2   O 
_pdbx_validate_close_contact.auth_asym_id_2   A 
_pdbx_validate_close_contact.auth_comp_id_2   HOH 
_pdbx_validate_close_contact.auth_seq_id_2    155 
_pdbx_validate_close_contact.PDB_ins_code_2   ? 
_pdbx_validate_close_contact.label_alt_id_2   ? 
_pdbx_validate_close_contact.dist             2.18 
# 
_pdbx_validate_symm_contact.id                1 
_pdbx_validate_symm_contact.PDB_model_num     1 
_pdbx_validate_symm_contact.auth_atom_id_1    O 
_pdbx_validate_symm_contact.auth_asym_id_1    A 
_pdbx_validate_symm_contact.auth_comp_id_1    HOH 
_pdbx_validate_symm_contact.auth_seq_id_1     146 
_pdbx_validate_symm_contact.PDB_ins_code_1    ? 
_pdbx_validate_symm_contact.label_alt_id_1    ? 
_pdbx_validate_symm_contact.site_symmetry_1   1_555 
_pdbx_validate_symm_contact.auth_atom_id_2    O 
_pdbx_validate_symm_contact.auth_asym_id_2    A 
_pdbx_validate_symm_contact.auth_comp_id_2    HOH 
_pdbx_validate_symm_contact.auth_seq_id_2     146 
_pdbx_validate_symm_contact.PDB_ins_code_2    ? 
_pdbx_validate_symm_contact.label_alt_id_2    ? 
_pdbx_validate_symm_contact.site_symmetry_2   3_465 
_pdbx_validate_symm_contact.dist              2.05 
# 
loop_
_pdbx_validate_rmsd_bond.id 
_pdbx_validate_rmsd_bond.PDB_model_num 
_pdbx_validate_rmsd_bond.auth_atom_id_1 
_pdbx_validate_rmsd_bond.auth_asym_id_1 
_pdbx_validate_rmsd_bond.auth_comp_id_1 
_pdbx_validate_rmsd_bond.auth_seq_id_1 
_pdbx_validate_rmsd_bond.PDB_ins_code_1 
_pdbx_validate_rmsd_bond.label_alt_id_1 
_pdbx_validate_rmsd_bond.auth_atom_id_2 
_pdbx_validate_rmsd_bond.auth_asym_id_2 
_pdbx_validate_rmsd_bond.auth_comp_id_2 
_pdbx_validate_rmsd_bond.auth_seq_id_2 
_pdbx_validate_rmsd_bond.PDB_ins_code_2 
_pdbx_validate_rmsd_bond.label_alt_id_2 
_pdbx_validate_rmsd_bond.bond_value 
_pdbx_validate_rmsd_bond.bond_target_value 
_pdbx_validate_rmsd_bond.bond_deviation 
_pdbx_validate_rmsd_bond.bond_standard_deviation 
_pdbx_validate_rmsd_bond.linker_flag 
1 1 P A G 1 ? ? OP3 A G 1 ? ? 1.469 1.607 -0.138 0.012 N 
2 1 P B G 1 ? ? OP3 B G 1 ? ? 1.477 1.607 -0.130 0.012 N 
# 
loop_
_pdbx_validate_rmsd_angle.id 
_pdbx_validate_rmsd_angle.PDB_model_num 
_pdbx_validate_rmsd_angle.auth_atom_id_1 
_pdbx_validate_rmsd_angle.auth_asym_id_1 
_pdbx_validate_rmsd_angle.auth_comp_id_1 
_pdbx_validate_rmsd_angle.auth_seq_id_1 
_pdbx_validate_rmsd_angle.PDB_ins_code_1 
_pdbx_validate_rmsd_angle.label_alt_id_1 
_pdbx_validate_rmsd_angle.auth_atom_id_2 
_pdbx_validate_rmsd_angle.auth_asym_id_2 
_pdbx_validate_rmsd_angle.auth_comp_id_2 
_pdbx_validate_rmsd_angle.auth_seq_id_2 
_pdbx_validate_rmsd_angle.PDB_ins_code_2 
_pdbx_validate_rmsd_angle.label_alt_id_2 
_pdbx_validate_rmsd_angle.auth_atom_id_3 
_pdbx_validate_rmsd_angle.auth_asym_id_3 
_pdbx_validate_rmsd_angle.auth_comp_id_3 
_pdbx_validate_rmsd_angle.auth_seq_id_3 
_pdbx_validate_rmsd_angle.PDB_ins_code_3 
_pdbx_validate_rmsd_angle.label_alt_id_3 
_pdbx_validate_rmsd_angle.angle_value 
_pdbx_validate_rmsd_angle.angle_target_value 
_pdbx_validate_rmsd_angle.angle_deviation 
_pdbx_validate_rmsd_angle.angle_standard_deviation 
_pdbx_validate_rmsd_angle.linker_flag 
1 1 C2    A G 2  ? ? N3    A G 2  ? ? C4    A G 2  ? ? 108.10 111.90 -3.80 0.50 N 
2 1 "O5'" A C 3  ? ? P     A C 3  ? ? OP2   A C 3  ? ? 99.97  105.70 -5.73 0.90 N 
3 1 "C4'" A G 7  ? ? "C3'" A G 7  ? ? "C2'" A G 7  ? ? 95.28  102.60 -7.32 1.00 N 
4 1 N9    B G 10 ? ? "C1'" B G 10 ? ? "C2'" B G 10 ? ? 104.40 112.00 -7.60 1.10 N 
5 1 "O4'" B G 10 ? ? "C1'" B G 10 ? ? N9    B G 10 ? ? 113.85 108.50 5.35  0.70 N 
# 
loop_
_pdbx_struct_special_symmetry.id 
_pdbx_struct_special_symmetry.PDB_model_num 
_pdbx_struct_special_symmetry.auth_asym_id 
_pdbx_struct_special_symmetry.auth_comp_id 
_pdbx_struct_special_symmetry.auth_seq_id 
_pdbx_struct_special_symmetry.PDB_ins_code 
_pdbx_struct_special_symmetry.label_asym_id 
_pdbx_struct_special_symmetry.label_comp_id 
_pdbx_struct_special_symmetry.label_seq_id 
1  1 A HOH 101 ? C HOH . 
2  1 A HOH 102 ? C HOH . 
3  1 A HOH 103 ? C HOH . 
4  1 A HOH 105 ? C HOH . 
5  1 A HOH 106 ? C HOH . 
6  1 A HOH 130 ? C HOH . 
7  1 B HOH 101 ? D HOH . 
8  1 B HOH 103 ? D HOH . 
9  1 B HOH 107 ? D HOH . 
10 1 B HOH 108 ? D HOH . 
11 1 B HOH 115 ? D HOH . 
12 1 B HOH 121 ? D HOH . 
# 
_pdbx_refine_tls.pdbx_refine_id   'X-RAY DIFFRACTION' 
_pdbx_refine_tls.id               1 
_pdbx_refine_tls.details          ? 
_pdbx_refine_tls.method           refined 
_pdbx_refine_tls.origin_x         -1.0937 
_pdbx_refine_tls.origin_y         1.5566 
_pdbx_refine_tls.origin_z         -1.6146 
_pdbx_refine_tls.T[1][1]          -0.0718 
_pdbx_refine_tls.T[2][2]          -0.0412 
_pdbx_refine_tls.T[3][3]          -0.0300 
_pdbx_refine_tls.T[1][2]          0.0096 
_pdbx_refine_tls.T[1][3]          -0.0150 
_pdbx_refine_tls.T[2][3]          0.0152 
_pdbx_refine_tls.L[1][1]          0.7278 
_pdbx_refine_tls.L[2][2]          0.6253 
_pdbx_refine_tls.L[3][3]          0.7185 
_pdbx_refine_tls.L[1][2]          -0.4972 
_pdbx_refine_tls.L[1][3]          0.3688 
_pdbx_refine_tls.L[2][3]          0.1379 
_pdbx_refine_tls.S[1][1]          0.0746 
_pdbx_refine_tls.S[2][2]          -0.0674 
_pdbx_refine_tls.S[3][3]          -0.0072 
_pdbx_refine_tls.S[1][2]          0.2100 
_pdbx_refine_tls.S[1][3]          0.0504 
_pdbx_refine_tls.S[2][3]          0.1774 
_pdbx_refine_tls.S[2][1]          -0.1959 
_pdbx_refine_tls.S[3][1]          0.0075 
_pdbx_refine_tls.S[3][2]          0.0434 
# 
loop_
_pdbx_refine_tls_group.pdbx_refine_id 
_pdbx_refine_tls_group.id 
_pdbx_refine_tls_group.refine_tls_id 
_pdbx_refine_tls_group.beg_auth_asym_id 
_pdbx_refine_tls_group.beg_auth_seq_id 
_pdbx_refine_tls_group.end_auth_asym_id 
_pdbx_refine_tls_group.end_auth_seq_id 
_pdbx_refine_tls_group.selection_details 
_pdbx_refine_tls_group.beg_label_asym_id 
_pdbx_refine_tls_group.beg_label_seq_id 
_pdbx_refine_tls_group.end_label_asym_id 
_pdbx_refine_tls_group.end_label_seq_id 
_pdbx_refine_tls_group.selection 
'X-RAY DIFFRACTION' 1 1 A 1 A 19 ? . . . . ? 
'X-RAY DIFFRACTION' 2 1 B 1 B 19 ? . . . . ? 
# 
_phasing.method   MR 
# 
loop_
_chem_comp_atom.comp_id 
_chem_comp_atom.atom_id 
_chem_comp_atom.type_symbol 
_chem_comp_atom.pdbx_aromatic_flag 
_chem_comp_atom.pdbx_stereo_config 
_chem_comp_atom.pdbx_ordinal 
C   OP3    O N N 1   
C   P      P N N 2   
C   OP1    O N N 3   
C   OP2    O N N 4   
C   "O5'"  O N N 5   
C   "C5'"  C N N 6   
C   "C4'"  C N R 7   
C   "O4'"  O N N 8   
C   "C3'"  C N S 9   
C   "O3'"  O N N 10  
C   "C2'"  C N R 11  
C   "O2'"  O N N 12  
C   "C1'"  C N R 13  
C   N1     N N N 14  
C   C2     C N N 15  
C   O2     O N N 16  
C   N3     N N N 17  
C   C4     C N N 18  
C   N4     N N N 19  
C   C5     C N N 20  
C   C6     C N N 21  
C   HOP3   H N N 22  
C   HOP2   H N N 23  
C   "H5'"  H N N 24  
C   "H5''" H N N 25  
C   "H4'"  H N N 26  
C   "H3'"  H N N 27  
C   "HO3'" H N N 28  
C   "H2'"  H N N 29  
C   "HO2'" H N N 30  
C   "H1'"  H N N 31  
C   H41    H N N 32  
C   H42    H N N 33  
C   H5     H N N 34  
C   H6     H N N 35  
G   OP3    O N N 36  
G   P      P N N 37  
G   OP1    O N N 38  
G   OP2    O N N 39  
G   "O5'"  O N N 40  
G   "C5'"  C N N 41  
G   "C4'"  C N R 42  
G   "O4'"  O N N 43  
G   "C3'"  C N S 44  
G   "O3'"  O N N 45  
G   "C2'"  C N R 46  
G   "O2'"  O N N 47  
G   "C1'"  C N R 48  
G   N9     N Y N 49  
G   C8     C Y N 50  
G   N7     N Y N 51  
G   C5     C Y N 52  
G   C6     C N N 53  
G   O6     O N N 54  
G   N1     N N N 55  
G   C2     C N N 56  
G   N2     N N N 57  
G   N3     N N N 58  
G   C4     C Y N 59  
G   HOP3   H N N 60  
G   HOP2   H N N 61  
G   "H5'"  H N N 62  
G   "H5''" H N N 63  
G   "H4'"  H N N 64  
G   "H3'"  H N N 65  
G   "HO3'" H N N 66  
G   "H2'"  H N N 67  
G   "HO2'" H N N 68  
G   "H1'"  H N N 69  
G   H8     H N N 70  
G   H1     H N N 71  
G   H21    H N N 72  
G   H22    H N N 73  
HOH O      O N N 74  
HOH H1     H N N 75  
HOH H2     H N N 76  
U   OP3    O N N 77  
U   P      P N N 78  
U   OP1    O N N 79  
U   OP2    O N N 80  
U   "O5'"  O N N 81  
U   "C5'"  C N N 82  
U   "C4'"  C N R 83  
U   "O4'"  O N N 84  
U   "C3'"  C N S 85  
U   "O3'"  O N N 86  
U   "C2'"  C N R 87  
U   "O2'"  O N N 88  
U   "C1'"  C N R 89  
U   N1     N N N 90  
U   C2     C N N 91  
U   O2     O N N 92  
U   N3     N N N 93  
U   C4     C N N 94  
U   O4     O N N 95  
U   C5     C N N 96  
U   C6     C N N 97  
U   HOP3   H N N 98  
U   HOP2   H N N 99  
U   "H5'"  H N N 100 
U   "H5''" H N N 101 
U   "H4'"  H N N 102 
U   "H3'"  H N N 103 
U   "HO3'" H N N 104 
U   "H2'"  H N N 105 
U   "HO2'" H N N 106 
U   "H1'"  H N N 107 
U   H3     H N N 108 
U   H5     H N N 109 
U   H6     H N N 110 
# 
loop_
_chem_comp_bond.comp_id 
_chem_comp_bond.atom_id_1 
_chem_comp_bond.atom_id_2 
_chem_comp_bond.value_order 
_chem_comp_bond.pdbx_aromatic_flag 
_chem_comp_bond.pdbx_stereo_config 
_chem_comp_bond.pdbx_ordinal 
C   OP3   P      sing N N 1   
C   OP3   HOP3   sing N N 2   
C   P     OP1    doub N N 3   
C   P     OP2    sing N N 4   
C   P     "O5'"  sing N N 5   
C   OP2   HOP2   sing N N 6   
C   "O5'" "C5'"  sing N N 7   
C   "C5'" "C4'"  sing N N 8   
C   "C5'" "H5'"  sing N N 9   
C   "C5'" "H5''" sing N N 10  
C   "C4'" "O4'"  sing N N 11  
C   "C4'" "C3'"  sing N N 12  
C   "C4'" "H4'"  sing N N 13  
C   "O4'" "C1'"  sing N N 14  
C   "C3'" "O3'"  sing N N 15  
C   "C3'" "C2'"  sing N N 16  
C   "C3'" "H3'"  sing N N 17  
C   "O3'" "HO3'" sing N N 18  
C   "C2'" "O2'"  sing N N 19  
C   "C2'" "C1'"  sing N N 20  
C   "C2'" "H2'"  sing N N 21  
C   "O2'" "HO2'" sing N N 22  
C   "C1'" N1     sing N N 23  
C   "C1'" "H1'"  sing N N 24  
C   N1    C2     sing N N 25  
C   N1    C6     sing N N 26  
C   C2    O2     doub N N 27  
C   C2    N3     sing N N 28  
C   N3    C4     doub N N 29  
C   C4    N4     sing N N 30  
C   C4    C5     sing N N 31  
C   N4    H41    sing N N 32  
C   N4    H42    sing N N 33  
C   C5    C6     doub N N 34  
C   C5    H5     sing N N 35  
C   C6    H6     sing N N 36  
G   OP3   P      sing N N 37  
G   OP3   HOP3   sing N N 38  
G   P     OP1    doub N N 39  
G   P     OP2    sing N N 40  
G   P     "O5'"  sing N N 41  
G   OP2   HOP2   sing N N 42  
G   "O5'" "C5'"  sing N N 43  
G   "C5'" "C4'"  sing N N 44  
G   "C5'" "H5'"  sing N N 45  
G   "C5'" "H5''" sing N N 46  
G   "C4'" "O4'"  sing N N 47  
G   "C4'" "C3'"  sing N N 48  
G   "C4'" "H4'"  sing N N 49  
G   "O4'" "C1'"  sing N N 50  
G   "C3'" "O3'"  sing N N 51  
G   "C3'" "C2'"  sing N N 52  
G   "C3'" "H3'"  sing N N 53  
G   "O3'" "HO3'" sing N N 54  
G   "C2'" "O2'"  sing N N 55  
G   "C2'" "C1'"  sing N N 56  
G   "C2'" "H2'"  sing N N 57  
G   "O2'" "HO2'" sing N N 58  
G   "C1'" N9     sing N N 59  
G   "C1'" "H1'"  sing N N 60  
G   N9    C8     sing Y N 61  
G   N9    C4     sing Y N 62  
G   C8    N7     doub Y N 63  
G   C8    H8     sing N N 64  
G   N7    C5     sing Y N 65  
G   C5    C6     sing N N 66  
G   C5    C4     doub Y N 67  
G   C6    O6     doub N N 68  
G   C6    N1     sing N N 69  
G   N1    C2     sing N N 70  
G   N1    H1     sing N N 71  
G   C2    N2     sing N N 72  
G   C2    N3     doub N N 73  
G   N2    H21    sing N N 74  
G   N2    H22    sing N N 75  
G   N3    C4     sing N N 76  
HOH O     H1     sing N N 77  
HOH O     H2     sing N N 78  
U   OP3   P      sing N N 79  
U   OP3   HOP3   sing N N 80  
U   P     OP1    doub N N 81  
U   P     OP2    sing N N 82  
U   P     "O5'"  sing N N 83  
U   OP2   HOP2   sing N N 84  
U   "O5'" "C5'"  sing N N 85  
U   "C5'" "C4'"  sing N N 86  
U   "C5'" "H5'"  sing N N 87  
U   "C5'" "H5''" sing N N 88  
U   "C4'" "O4'"  sing N N 89  
U   "C4'" "C3'"  sing N N 90  
U   "C4'" "H4'"  sing N N 91  
U   "O4'" "C1'"  sing N N 92  
U   "C3'" "O3'"  sing N N 93  
U   "C3'" "C2'"  sing N N 94  
U   "C3'" "H3'"  sing N N 95  
U   "O3'" "HO3'" sing N N 96  
U   "C2'" "O2'"  sing N N 97  
U   "C2'" "C1'"  sing N N 98  
U   "C2'" "H2'"  sing N N 99  
U   "O2'" "HO2'" sing N N 100 
U   "C1'" N1     sing N N 101 
U   "C1'" "H1'"  sing N N 102 
U   N1    C2     sing N N 103 
U   N1    C6     sing N N 104 
U   C2    O2     doub N N 105 
U   C2    N3     sing N N 106 
U   N3    C4     sing N N 107 
U   N3    H3     sing N N 108 
U   C4    O4     doub N N 109 
U   C4    C5     sing N N 110 
U   C5    C6     doub N N 111 
U   C5    H5     sing N N 112 
U   C6    H6     sing N N 113 
# 
loop_
_ndb_struct_conf_na.entry_id 
_ndb_struct_conf_na.feature 
4E5C 'double helix'         
4E5C 'a-form double helix'  
4E5C 'mismatched base pair' 
# 
loop_
_ndb_struct_na_base_pair.model_number 
_ndb_struct_na_base_pair.i_label_asym_id 
_ndb_struct_na_base_pair.i_label_comp_id 
_ndb_struct_na_base_pair.i_label_seq_id 
_ndb_struct_na_base_pair.i_symmetry 
_ndb_struct_na_base_pair.j_label_asym_id 
_ndb_struct_na_base_pair.j_label_comp_id 
_ndb_struct_na_base_pair.j_label_seq_id 
_ndb_struct_na_base_pair.j_symmetry 
_ndb_struct_na_base_pair.shear 
_ndb_struct_na_base_pair.stretch 
_ndb_struct_na_base_pair.stagger 
_ndb_struct_na_base_pair.buckle 
_ndb_struct_na_base_pair.propeller 
_ndb_struct_na_base_pair.opening 
_ndb_struct_na_base_pair.pair_number 
_ndb_struct_na_base_pair.pair_name 
_ndb_struct_na_base_pair.i_auth_asym_id 
_ndb_struct_na_base_pair.i_auth_seq_id 
_ndb_struct_na_base_pair.i_PDB_ins_code 
_ndb_struct_na_base_pair.j_auth_asym_id 
_ndb_struct_na_base_pair.j_auth_seq_id 
_ndb_struct_na_base_pair.j_PDB_ins_code 
_ndb_struct_na_base_pair.hbond_type_28 
_ndb_struct_na_base_pair.hbond_type_12 
1 A G 1  1_555 B C 19 1_555 -0.263 -0.113 -0.277 -7.433  -2.023  -0.548  1  A_G1:C19_B  A 1  ? B 19 ? 19 1 
1 A G 2  1_555 B C 18 1_555 -0.321 -0.200 -0.226 -4.534  -4.972  -2.963  2  A_G2:C18_B  A 2  ? B 18 ? 19 1 
1 A C 3  1_555 B G 17 1_555 0.157  -0.166 -0.132 0.666   -0.174  -2.852  3  A_C3:G17_B  A 3  ? B 17 ? 19 1 
1 A G 4  1_555 B U 16 1_555 -2.429 -0.574 -0.119 -2.442  -10.516 0.417   4  A_G4:U16_B  A 4  ? B 16 ? 28 1 
1 A G 5  1_555 B C 15 1_555 -0.161 -0.123 -0.243 -7.651  -5.421  -0.111  5  A_G5:C15_B  A 5  ? B 15 ? 19 1 
1 A C 6  1_555 B G 14 1_555 0.213  -0.087 -0.060 -3.383  -0.744  0.163   6  A_C6:G14_B  A 6  ? B 14 ? 19 1 
1 A G 7  1_555 B U 13 1_555 -2.377 -0.660 0.004  -0.743  -9.099  -4.433  7  A_G7:U13_B  A 7  ? B 13 ? 28 1 
1 A G 8  1_555 B C 12 1_555 -0.252 -0.183 0.042  1.167   -10.219 -0.489  8  A_G8:C12_B  A 8  ? B 12 ? 19 1 
1 A C 9  1_555 B G 11 1_555 0.250  -0.188 -0.031 3.339   -9.175  -2.376  9  A_C9:G11_B  A 9  ? B 11 ? 19 1 
1 A G 10 1_555 B G 10 1_555 1.623  3.445  0.031  -10.036 -3.211  -89.071 10 A_G10:G10_B A 10 ? B 10 ? 6  3 
1 A G 11 1_555 B C 9  1_555 -0.212 -0.163 0.081  0.453   -6.925  -0.328  11 A_G11:C9_B  A 11 ? B 9  ? 19 1 
1 A C 12 1_555 B G 8  1_555 0.275  -0.103 -0.039 9.345   -11.476 0.085   12 A_C12:G8_B  A 12 ? B 8  ? 19 1 
1 A U 13 1_555 B G 7  1_555 2.172  -0.455 -0.212 5.525   -14.405 0.739   13 A_U13:G7_B  A 13 ? B 7  ? 28 1 
1 A G 14 1_555 B C 6  1_555 -0.360 -0.121 -0.097 -1.585  -6.560  -0.658  14 A_G14:C6_B  A 14 ? B 6  ? 19 1 
1 A C 15 1_555 B G 5  1_555 0.211  -0.144 0.017  1.871   -10.507 -0.771  15 A_C15:G5_B  A 15 ? B 5  ? 19 1 
1 A U 16 1_555 B G 4  1_555 2.545  -0.587 0.056  1.420   -15.723 -2.157  16 A_U16:G4_B  A 16 ? B 4  ? 28 1 
1 A G 17 1_555 B C 3  1_555 -0.255 -0.104 -0.126 -4.229  -14.364 2.181   17 A_G17:C3_B  A 17 ? B 3  ? 19 1 
1 A C 18 1_555 B G 2  1_555 0.412  -0.134 -0.234 3.651   -17.180 0.107   18 A_C18:G2_B  A 18 ? B 2  ? 19 1 
1 A C 19 1_555 B G 1  1_555 0.297  0.362  -0.289 7.945   -11.729 0.601   19 A_C19:G1_B  A 19 ? B 1  ? 19 1 
# 
loop_
_ndb_struct_na_base_pair_step.model_number 
_ndb_struct_na_base_pair_step.i_label_asym_id_1 
_ndb_struct_na_base_pair_step.i_label_comp_id_1 
_ndb_struct_na_base_pair_step.i_label_seq_id_1 
_ndb_struct_na_base_pair_step.i_symmetry_1 
_ndb_struct_na_base_pair_step.j_label_asym_id_1 
_ndb_struct_na_base_pair_step.j_label_comp_id_1 
_ndb_struct_na_base_pair_step.j_label_seq_id_1 
_ndb_struct_na_base_pair_step.j_symmetry_1 
_ndb_struct_na_base_pair_step.i_label_asym_id_2 
_ndb_struct_na_base_pair_step.i_label_comp_id_2 
_ndb_struct_na_base_pair_step.i_label_seq_id_2 
_ndb_struct_na_base_pair_step.i_symmetry_2 
_ndb_struct_na_base_pair_step.j_label_asym_id_2 
_ndb_struct_na_base_pair_step.j_label_comp_id_2 
_ndb_struct_na_base_pair_step.j_label_seq_id_2 
_ndb_struct_na_base_pair_step.j_symmetry_2 
_ndb_struct_na_base_pair_step.shift 
_ndb_struct_na_base_pair_step.slide 
_ndb_struct_na_base_pair_step.rise 
_ndb_struct_na_base_pair_step.tilt 
_ndb_struct_na_base_pair_step.roll 
_ndb_struct_na_base_pair_step.twist 
_ndb_struct_na_base_pair_step.x_displacement 
_ndb_struct_na_base_pair_step.y_displacement 
_ndb_struct_na_base_pair_step.helical_rise 
_ndb_struct_na_base_pair_step.inclination 
_ndb_struct_na_base_pair_step.tip 
_ndb_struct_na_base_pair_step.helical_twist 
_ndb_struct_na_base_pair_step.step_number 
_ndb_struct_na_base_pair_step.step_name 
_ndb_struct_na_base_pair_step.i_auth_asym_id_1 
_ndb_struct_na_base_pair_step.i_auth_seq_id_1 
_ndb_struct_na_base_pair_step.i_PDB_ins_code_1 
_ndb_struct_na_base_pair_step.j_auth_asym_id_1 
_ndb_struct_na_base_pair_step.j_auth_seq_id_1 
_ndb_struct_na_base_pair_step.j_PDB_ins_code_1 
_ndb_struct_na_base_pair_step.i_auth_asym_id_2 
_ndb_struct_na_base_pair_step.i_auth_seq_id_2 
_ndb_struct_na_base_pair_step.i_PDB_ins_code_2 
_ndb_struct_na_base_pair_step.j_auth_asym_id_2 
_ndb_struct_na_base_pair_step.j_auth_seq_id_2 
_ndb_struct_na_base_pair_step.j_PDB_ins_code_2 
1 A G 1  1_555 B C 19 1_555 A G 2  1_555 B C 18 1_555 -0.647 -2.176 3.281 -1.595 3.293  29.526  -4.908  0.935  3.055 6.430   3.114 
29.747  1  AA_G1G2:C18C19_BB  A 1  ? B 19 ? A 2  ? B 18 ? 
1 A G 2  1_555 B C 18 1_555 A C 3  1_555 B G 17 1_555 -0.154 -1.827 3.273 -0.698 3.769  29.899  -4.257  0.159  3.027 7.267   1.346 
30.138  2  AA_G2C3:G17C18_BB  A 2  ? B 18 ? A 3  ? B 17 ? 
1 A C 3  1_555 B G 17 1_555 A G 4  1_555 B U 16 1_555 1.556  -2.286 3.390 -0.176 6.877  19.494  -9.125  -4.408 2.434 19.540  0.501 
20.662  3  AA_C3G4:U16G17_BB  A 3  ? B 17 ? A 4  ? B 16 ? 
1 A G 4  1_555 B U 16 1_555 A G 5  1_555 B C 15 1_555 -0.462 -1.987 3.382 -1.011 6.439  40.418  -3.540  0.551  3.054 9.246   1.452 
40.918  4  AA_G4G5:C15U16_BB  A 4  ? B 16 ? A 5  ? B 15 ? 
1 A G 5  1_555 B C 15 1_555 A C 6  1_555 B G 14 1_555 0.307  -2.353 3.196 0.389  2.173  30.110  -4.938  -0.514 3.026 4.175   
-0.748 30.189  5  AA_G5C6:G14C15_BB  A 5  ? B 15 ? A 6  ? B 14 ? 
1 A C 6  1_555 B G 14 1_555 A G 7  1_555 B U 13 1_555 0.088  -2.743 3.171 -0.031 5.837  14.977  -13.247 -0.331 1.966 21.364  0.112 
16.068  6  AA_C6G7:U13G14_BB  A 6  ? B 14 ? A 7  ? B 13 ? 
1 A G 7  1_555 B U 13 1_555 A G 8  1_555 B C 12 1_555 -0.245 -1.498 3.248 -2.714 5.858  40.724  -2.738  0.066  3.023 8.354   3.871 
41.211  7  AA_G7G8:C12U13_BB  A 7  ? B 13 ? A 8  ? B 12 ? 
1 A G 8  1_555 B C 12 1_555 A C 9  1_555 B G 11 1_555 -0.207 -2.003 3.223 -0.319 6.441  31.988  -4.604  0.317  2.779 11.541  0.571 
32.615  8  AA_G8C9:G11C12_BB  A 8  ? B 12 ? A 9  ? B 11 ? 
1 A C 9  1_555 B G 11 1_555 A G 10 1_555 B G 10 1_555 0.713  -3.892 3.175 7.823  7.512  79.102  -3.224  -0.361 2.906 5.873   
-6.116 79.721  9  AA_C9G10:G10G11_BB A 9  ? B 11 ? A 10 ? B 10 ? 
1 A G 10 1_555 B G 10 1_555 A G 11 1_555 B C 9  1_555 -1.565 0.237  3.214 -2.138 6.110  -23.447 -2.395  -4.356 2.907 -14.680 
-5.136 -24.312 10 AA_G10G11:C9G10_BB A 10 ? B 10 ? A 11 ? B 9  ? 
1 A G 11 1_555 B C 9  1_555 A C 12 1_555 B G 8  1_555 -0.254 -1.578 3.084 -0.495 3.018  33.572  -3.174  0.363  2.938 5.212   0.854 
33.707  11 AA_G11C12:G8C9_BB  A 11 ? B 9  ? A 12 ? B 8  ? 
1 A C 12 1_555 B G 8  1_555 A U 13 1_555 B G 7  1_555 0.631  -1.774 3.341 3.917  5.296  38.321  -3.308  -0.474 3.125 7.995   
-5.913 38.862  12 AA_C12U13:G7G8_BB  A 12 ? B 8  ? A 13 ? B 7  ? 
1 A U 13 1_555 B G 7  1_555 A G 14 1_555 B C 6  1_555 -1.702 -2.372 3.338 -3.692 13.263 19.759  -9.326  3.076  1.713 33.845  9.422 
24.043  13 AA_U13G14:C6G7_BB  A 13 ? B 7  ? A 14 ? B 6  ? 
1 A G 14 1_555 B C 6  1_555 A C 15 1_555 B G 5  1_555 -0.098 -1.625 3.243 -1.528 7.357  32.503  -3.981  -0.068 2.819 12.930  2.685 
33.337  14 AA_G14C15:G5C6_BB  A 14 ? B 6  ? A 15 ? B 5  ? 
1 A C 15 1_555 B G 5  1_555 A U 16 1_555 B G 4  1_555 -0.063 -1.270 3.302 1.365  8.500  42.054  -2.559  0.218  2.999 11.698  
-1.879 42.887  15 AA_C15U16:G4G5_BB  A 15 ? B 5  ? A 16 ? B 4  ? 
1 A U 16 1_555 B G 4  1_555 A G 17 1_555 B C 3  1_555 -0.185 -2.042 3.142 3.025  15.302 19.795  -8.067  1.093  1.228 37.818  
-7.475 25.154  16 AA_U16G17:C3G4_BB  A 16 ? B 4  ? A 17 ? B 3  ? 
1 A G 17 1_555 B C 3  1_555 A C 18 1_555 B G 2  1_555 -0.072 -0.969 3.092 0.215  4.177  36.421  -2.072  0.142  2.966 6.656   
-0.343 36.652  17 AA_G17C18:G2C3_BB  A 17 ? B 3  ? A 18 ? B 2  ? 
1 A C 18 1_555 B G 2  1_555 A C 19 1_555 B G 1  1_555 0.207  -1.450 3.206 2.152  5.707  30.257  -3.772  0.006  2.898 10.796  
-4.070 30.851  18 AA_C18C19:G1G2_BB  A 18 ? B 2  ? A 19 ? B 1  ? 
# 
_atom_sites.entry_id                    4E5C 
_atom_sites.fract_transf_matrix[1][1]   0.00836460 
_atom_sites.fract_transf_matrix[1][2]   0.01924262 
_atom_sites.fract_transf_matrix[1][3]   0.01461787 
_atom_sites.fract_transf_matrix[2][1]   0.02493970 
_atom_sites.fract_transf_matrix[2][2]   0.00560575 
_atom_sites.fract_transf_matrix[2][3]   0.00071719 
_atom_sites.fract_transf_matrix[3][1]   -0.00115659 
_atom_sites.fract_transf_matrix[3][2]   0.00608588 
_atom_sites.fract_transf_matrix[3][3]   -0.00734949 
_atom_sites.fract_transf_vector[1]      0.108427 
_atom_sites.fract_transf_vector[2]      0.744651 
_atom_sites.fract_transf_vector[3]      0.250631 
# 
loop_
_atom_type.symbol 
C 
N 
O 
P 
# 
loop_
_atom_site.group_PDB 
_atom_site.id 
_atom_site.type_symbol 
_atom_site.label_atom_id 
_atom_site.label_alt_id 
_atom_site.label_comp_id 
_atom_site.label_asym_id 
_atom_site.label_entity_id 
_atom_site.label_seq_id 
_atom_site.pdbx_PDB_ins_code 
_atom_site.Cartn_x 
_atom_site.Cartn_y 
_atom_site.Cartn_z 
_atom_site.occupancy 
_atom_site.B_iso_or_equiv 
_atom_site.pdbx_formal_charge 
_atom_site.auth_seq_id 
_atom_site.auth_comp_id 
_atom_site.auth_asym_id 
_atom_site.auth_atom_id 
_atom_site.pdbx_PDB_model_num 
ATOM   1   O OP3   . G   A 1 1  ? -0.467  -21.817 11.882  1.00 41.28 ? 1   G   A OP3   1 
ATOM   2   P P     . G   A 1 1  ? -0.894  -20.455 11.537  1.00 40.42 ? 1   G   A P     1 
ATOM   3   O OP1   . G   A 1 1  ? -1.392  -20.425 10.139  1.00 42.38 ? 1   G   A OP1   1 
ATOM   4   O OP2   . G   A 1 1  ? 0.156   -19.491 11.946  1.00 40.47 ? 1   G   A OP2   1 
ATOM   5   O "O5'" . G   A 1 1  ? -2.188  -20.165 12.401  1.00 36.42 ? 1   G   A "O5'" 1 
ATOM   6   C "C5'" . G   A 1 1  ? -3.344  -20.921 12.246  1.00 31.02 ? 1   G   A "C5'" 1 
ATOM   7   C "C4'" . G   A 1 1  ? -4.385  -20.457 13.236  1.00 29.02 ? 1   G   A "C4'" 1 
ATOM   8   O "O4'" . G   A 1 1  ? -3.988  -20.935 14.540  1.00 25.87 ? 1   G   A "O4'" 1 
ATOM   9   C "C3'" . G   A 1 1  ? -4.539  -18.958 13.418  1.00 24.33 ? 1   G   A "C3'" 1 
ATOM   10  O "O3'" . G   A 1 1  ? -5.432  -18.353 12.500  1.00 27.53 ? 1   G   A "O3'" 1 
ATOM   11  C "C2'" . G   A 1 1  ? -5.124  -18.924 14.823  1.00 23.64 ? 1   G   A "C2'" 1 
ATOM   12  O "O2'" . G   A 1 1  ? -6.481  -19.317 14.866  1.00 24.52 ? 1   G   A "O2'" 1 
ATOM   13  C "C1'" . G   A 1 1  ? -4.211  -19.930 15.515  1.00 23.21 ? 1   G   A "C1'" 1 
ATOM   14  N N9    . G   A 1 1  ? -2.936  -19.385 15.960  1.00 20.62 ? 1   G   A N9    1 
ATOM   15  C C8    . G   A 1 1  ? -1.675  -19.624 15.487  1.00 21.08 ? 1   G   A C8    1 
ATOM   16  N N7    . G   A 1 1  ? -0.751  -18.942 16.080  1.00 22.44 ? 1   G   A N7    1 
ATOM   17  C C5    . G   A 1 1  ? -1.435  -18.191 17.034  1.00 18.89 ? 1   G   A C5    1 
ATOM   18  C C6    . G   A 1 1  ? -0.973  -17.248 17.982  1.00 20.54 ? 1   G   A C6    1 
ATOM   19  O O6    . G   A 1 1  ? 0.171   -16.886 18.212  1.00 20.61 ? 1   G   A O6    1 
ATOM   20  N N1    . G   A 1 1  ? -2.027  -16.730 18.721  1.00 20.07 ? 1   G   A N1    1 
ATOM   21  C C2    . G   A 1 1  ? -3.352  -17.031 18.581  1.00 21.28 ? 1   G   A C2    1 
ATOM   22  N N2    . G   A 1 1  ? -4.223  -16.425 19.419  1.00 20.04 ? 1   G   A N2    1 
ATOM   23  N N3    . G   A 1 1  ? -3.800  -17.921 17.681  1.00 20.03 ? 1   G   A N3    1 
ATOM   24  C C4    . G   A 1 1  ? -2.774  -18.442 16.964  1.00 20.23 ? 1   G   A C4    1 
ATOM   25  P P     . G   A 1 2  ? -5.358  -16.774 12.141  1.00 26.91 ? 2   G   A P     1 
ATOM   26  O OP1   . G   A 1 2  ? -6.315  -16.610 10.999  1.00 28.98 ? 2   G   A OP1   1 
ATOM   27  O OP2   . G   A 1 2  ? -3.966  -16.390 12.018  1.00 28.17 ? 2   G   A OP2   1 
ATOM   28  O "O5'" . G   A 1 2  ? -5.990  -16.008 13.397  1.00 25.74 ? 2   G   A "O5'" 1 
ATOM   29  C "C5'" . G   A 1 2  ? -7.298  -16.232 13.831  1.00 23.72 ? 2   G   A "C5'" 1 
ATOM   30  C "C4'" . G   A 1 2  ? -7.558  -15.432 15.077  1.00 24.07 ? 2   G   A "C4'" 1 
ATOM   31  O "O4'" . G   A 1 2  ? -6.611  -15.828 16.095  1.00 24.45 ? 2   G   A "O4'" 1 
ATOM   32  C "C3'" . G   A 1 2  ? -7.334  -13.950 14.921  1.00 24.12 ? 2   G   A "C3'" 1 
ATOM   33  O "O3'" . G   A 1 2  ? -8.474  -13.358 14.305  1.00 26.70 ? 2   G   A "O3'" 1 
ATOM   34  C "C2'" . G   A 1 2  ? -7.169  -13.538 16.373  1.00 22.80 ? 2   G   A "C2'" 1 
ATOM   35  O "O2'" . G   A 1 2  ? -8.391  -13.556 17.097  1.00 26.97 ? 2   G   A "O2'" 1 
ATOM   36  C "C1'" . G   A 1 2  ? -6.269  -14.662 16.837  1.00 24.16 ? 2   G   A "C1'" 1 
ATOM   37  N N9    . G   A 1 2  ? -4.835  -14.504 16.702  1.00 24.42 ? 2   G   A N9    1 
ATOM   38  C C8    . G   A 1 2  ? -3.954  -15.163 15.866  1.00 21.11 ? 2   G   A C8    1 
ATOM   39  N N7    . G   A 1 2  ? -2.719  -14.823 16.042  1.00 23.79 ? 2   G   A N7    1 
ATOM   40  C C5    . G   A 1 2  ? -2.788  -13.905 17.093  1.00 21.31 ? 2   G   A C5    1 
ATOM   41  C C6    . G   A 1 2  ? -1.719  -13.215 17.710  1.00 21.56 ? 2   G   A C6    1 
ATOM   42  O O6    . G   A 1 2  ? -0.497  -13.300 17.466  1.00 21.12 ? 2   G   A O6    1 
ATOM   43  N N1    . G   A 1 2  ? -2.232  -12.386 18.696  1.00 22.04 ? 2   G   A N1    1 
ATOM   44  C C2    . G   A 1 2  ? -3.530  -12.223 19.069  1.00 20.62 ? 2   G   A C2    1 
ATOM   45  N N2    . G   A 1 2  ? -3.755  -11.335 20.059  1.00 22.67 ? 2   G   A N2    1 
ATOM   46  N N3    . G   A 1 2  ? -4.565  -12.871 18.500  1.00 22.75 ? 2   G   A N3    1 
ATOM   47  C C4    . G   A 1 2  ? -4.065  -13.692 17.511  1.00 20.61 ? 2   G   A C4    1 
ATOM   48  P P     . C   A 1 3  ? -8.274  -12.113 13.336  1.00 27.40 ? 3   C   A P     1 
ATOM   49  O OP1   . C   A 1 3  ? -9.638  -11.795 12.809  1.00 28.34 ? 3   C   A OP1   1 
ATOM   50  O OP2   . C   A 1 3  ? -7.104  -12.295 12.444  1.00 24.26 ? 3   C   A OP2   1 
ATOM   51  O "O5'" . C   A 1 3  ? -7.730  -10.933 14.268  1.00 24.79 ? 3   C   A "O5'" 1 
ATOM   52  C "C5'" . C   A 1 3  ? -8.589  -10.463 15.264  1.00 22.04 ? 3   C   A "C5'" 1 
ATOM   53  C "C4'" . C   A 1 3  ? -7.870  -9.424  16.088  1.00 21.61 ? 3   C   A "C4'" 1 
ATOM   54  O "O4'" . C   A 1 3  ? -6.824  -10.064 16.870  1.00 21.29 ? 3   C   A "O4'" 1 
ATOM   55  C "C3'" . C   A 1 3  ? -7.119  -8.358  15.322  1.00 21.28 ? 3   C   A "C3'" 1 
ATOM   56  O "O3'" . C   A 1 3  ? -8.054  -7.407  14.717  1.00 21.69 ? 3   C   A "O3'" 1 
ATOM   57  C "C2'" . C   A 1 3  ? -6.234  -7.823  16.446  1.00 22.15 ? 3   C   A "C2'" 1 
ATOM   58  O "O2'" . C   A 1 3  ? -6.955  -6.989  17.361  1.00 22.66 ? 3   C   A "O2'" 1 
ATOM   59  C "C1'" . C   A 1 3  ? -5.825  -9.124  17.139  1.00 19.64 ? 3   C   A "C1'" 1 
ATOM   60  N N1    . C   A 1 3  ? -4.493  -9.638  16.660  1.00 20.56 ? 3   C   A N1    1 
ATOM   61  C C2    . C   A 1 3  ? -3.355  -9.056  17.214  1.00 19.64 ? 3   C   A C2    1 
ATOM   62  O O2    . C   A 1 3  ? -3.477  -8.193  18.099  1.00 19.62 ? 3   C   A O2    1 
ATOM   63  N N3    . C   A 1 3  ? -2.149  -9.484  16.787  1.00 18.43 ? 3   C   A N3    1 
ATOM   64  C C4    . C   A 1 3  ? -2.082  -10.433 15.844  1.00 17.78 ? 3   C   A C4    1 
ATOM   65  N N4    . C   A 1 3  ? -0.883  -10.813 15.443  1.00 20.66 ? 3   C   A N4    1 
ATOM   66  C C5    . C   A 1 3  ? -3.223  -11.012 15.235  1.00 20.02 ? 3   C   A C5    1 
ATOM   67  C C6    . C   A 1 3  ? -4.407  -10.585 15.658  1.00 19.29 ? 3   C   A C6    1 
ATOM   68  P P     . G   A 1 4  ? -7.490  -6.393  13.628  1.00 23.63 ? 4   G   A P     1 
ATOM   69  O OP1   . G   A 1 4  ? -8.713  -5.652  13.223  1.00 24.20 ? 4   G   A OP1   1 
ATOM   70  O OP2   . G   A 1 4  ? -6.714  -7.109  12.586  1.00 24.55 ? 4   G   A OP2   1 
ATOM   71  O "O5'" . G   A 1 4  ? -6.513  -5.548  14.519  1.00 22.09 ? 4   G   A "O5'" 1 
ATOM   72  C "C5'" . G   A 1 4  ? -5.432  -4.798  14.064  1.00 20.44 ? 4   G   A "C5'" 1 
ATOM   73  C "C4'" . G   A 1 4  ? -4.697  -4.246  15.265  1.00 21.71 ? 4   G   A "C4'" 1 
ATOM   74  O "O4'" . G   A 1 4  ? -4.074  -5.333  16.018  1.00 20.41 ? 4   G   A "O4'" 1 
ATOM   75  C "C3'" . G   A 1 4  ? -3.519  -3.377  14.829  1.00 20.98 ? 4   G   A "C3'" 1 
ATOM   76  O "O3'" . G   A 1 4  ? -3.923  -2.040  14.529  1.00 19.94 ? 4   G   A "O3'" 1 
ATOM   77  C "C2'" . G   A 1 4  ? -2.581  -3.471  16.025  1.00 20.55 ? 4   G   A "C2'" 1 
ATOM   78  O "O2'" . G   A 1 4  ? -2.992  -2.594  17.064  1.00 21.65 ? 4   G   A "O2'" 1 
ATOM   79  C "C1'" . G   A 1 4  ? -2.743  -4.965  16.370  1.00 20.77 ? 4   G   A "C1'" 1 
ATOM   80  N N9    . G   A 1 4  ? -1.822  -5.814  15.597  1.00 19.14 ? 4   G   A N9    1 
ATOM   81  C C8    . G   A 1 4  ? -2.103  -6.784  14.672  1.00 19.43 ? 4   G   A C8    1 
ATOM   82  N N7    . G   A 1 4  ? -1.036  -7.348  14.134  1.00 20.26 ? 4   G   A N7    1 
ATOM   83  C C5    . G   A 1 4  ? 0.016   -6.689  14.755  1.00 17.93 ? 4   G   A C5    1 
ATOM   84  C C6    . G   A 1 4  ? 1.424   -6.828  14.617  1.00 19.47 ? 4   G   A C6    1 
ATOM   85  O O6    . G   A 1 4  ? 2.046   -7.605  13.852  1.00 19.13 ? 4   G   A O6    1 
ATOM   86  N N1    . G   A 1 4  ? 2.116   -5.947  15.430  1.00 18.10 ? 4   G   A N1    1 
ATOM   87  C C2    . G   A 1 4  ? 1.559   -5.047  16.309  1.00 19.97 ? 4   G   A C2    1 
ATOM   88  N N2    . G   A 1 4  ? 2.389   -4.299  17.021  1.00 20.00 ? 4   G   A N2    1 
ATOM   89  N N3    . G   A 1 4  ? 0.245   -4.912  16.455  1.00 19.06 ? 4   G   A N3    1 
ATOM   90  C C4    . G   A 1 4  ? -0.447  -5.741  15.654  1.00 18.73 ? 4   G   A C4    1 
ATOM   91  P P     . G   A 1 5  ? -3.347  -1.312  13.242  1.00 20.94 ? 5   G   A P     1 
ATOM   92  O OP1   . G   A 1 5  ? -4.076  -0.002  13.171  1.00 20.80 ? 5   G   A OP1   1 
ATOM   93  O OP2   . G   A 1 5  ? -3.409  -2.257  12.113  1.00 20.16 ? 5   G   A OP2   1 
ATOM   94  O "O5'" . G   A 1 5  ? -1.787  -1.084  13.479  1.00 18.18 ? 5   G   A "O5'" 1 
ATOM   95  C "C5'" . G   A 1 5  ? -1.445  -0.077  14.456  1.00 19.15 ? 5   G   A "C5'" 1 
ATOM   96  C "C4'" . G   A 1 5  ? 0.052   0.025   14.617  1.00 17.30 ? 5   G   A "C4'" 1 
ATOM   97  O "O4'" . G   A 1 5  ? 0.558   -1.223  15.178  1.00 15.68 ? 5   G   A "O4'" 1 
ATOM   98  C "C3'" . G   A 1 5  ? 0.832   0.143   13.312  1.00 17.41 ? 5   G   A "C3'" 1 
ATOM   99  O "O3'" . G   A 1 5  ? 0.689   1.437   12.767  1.00 19.43 ? 5   G   A "O3'" 1 
ATOM   100 C "C2'" . G   A 1 5  ? 2.206   -0.210  13.834  1.00 16.39 ? 5   G   A "C2'" 1 
ATOM   101 O "O2'" . G   A 1 5  ? 2.758   0.862   14.582  1.00 16.43 ? 5   G   A "O2'" 1 
ATOM   102 C "C1'" . G   A 1 5  ? 1.863   -1.436  14.665  1.00 16.63 ? 5   G   A "C1'" 1 
ATOM   103 N N9    . G   A 1 5  ? 1.811   -2.626  13.835  1.00 15.17 ? 5   G   A N9    1 
ATOM   104 C C8    . G   A 1 5  ? 0.735   -3.312  13.355  1.00 15.65 ? 5   G   A C8    1 
ATOM   105 N N7    . G   A 1 5  ? 1.046   -4.329  12.601  1.00 14.74 ? 5   G   A N7    1 
ATOM   106 C C5    . G   A 1 5  ? 2.445   -4.290  12.546  1.00 14.24 ? 5   G   A C5    1 
ATOM   107 C C6    . G   A 1 5  ? 3.380   -5.102  11.869  1.00 15.13 ? 5   G   A C6    1 
ATOM   108 O O6    . G   A 1 5  ? 3.168   -6.093  11.149  1.00 16.48 ? 5   G   A O6    1 
ATOM   109 N N1    . G   A 1 5  ? 4.694   -4.696  12.079  1.00 15.09 ? 5   G   A N1    1 
ATOM   110 C C2    . G   A 1 5  ? 5.086   -3.637  12.873  1.00 15.55 ? 5   G   A C2    1 
ATOM   111 N N2    . G   A 1 5  ? 6.400   -3.360  12.981  1.00 16.28 ? 5   G   A N2    1 
ATOM   112 N N3    . G   A 1 5  ? 4.205   -2.873  13.500  1.00 14.75 ? 5   G   A N3    1 
ATOM   113 C C4    . G   A 1 5  ? 2.922   -3.244  13.283  1.00 15.17 ? 5   G   A C4    1 
ATOM   114 P P     . C   A 1 6  ? 0.910   1.706   11.179  1.00 20.85 ? 6   C   A P     1 
ATOM   115 O OP1   . C   A 1 6  ? 0.640   3.158   10.992  1.00 21.72 ? 6   C   A OP1   1 
ATOM   116 O OP2   . C   A 1 6  ? 0.202   0.693   10.383  1.00 20.69 ? 6   C   A OP2   1 
ATOM   117 O "O5'" . C   A 1 6  ? 2.441   1.435   10.911  1.00 20.02 ? 6   C   A "O5'" 1 
ATOM   118 C "C5'" . C   A 1 6  ? 3.490   2.182   11.520  1.00 21.52 ? 6   C   A "C5'" 1 
ATOM   119 C "C4'" . C   A 1 6  ? 4.851   1.607   11.199  1.00 19.43 ? 6   C   A "C4'" 1 
ATOM   120 O "O4'" . C   A 1 6  ? 4.967   0.242   11.700  1.00 17.86 ? 6   C   A "O4'" 1 
ATOM   121 C "C3'" . C   A 1 6  ? 5.143   1.524   9.707   1.00 20.76 ? 6   C   A "C3'" 1 
ATOM   122 O "O3'" . C   A 1 6  ? 5.424   2.832   9.180   1.00 24.42 ? 6   C   A "O3'" 1 
ATOM   123 C "C2'" . C   A 1 6  ? 6.311   0.565   9.756   1.00 18.82 ? 6   C   A "C2'" 1 
ATOM   124 O "O2'" . C   A 1 6  ? 7.501   1.165   10.208  1.00 21.40 ? 6   C   A "O2'" 1 
ATOM   125 C "C1'" . C   A 1 6  ? 5.811   -0.470  10.781  1.00 18.78 ? 6   C   A "C1'" 1 
ATOM   126 N N1    . C   A 1 6  ? 5.064   -1.580  10.128  1.00 17.16 ? 6   C   A N1    1 
ATOM   127 C C2    . C   A 1 6  ? 5.825   -2.573  9.454   1.00 15.45 ? 6   C   A C2    1 
ATOM   128 O O2    . C   A 1 6  ? 7.050   -2.503  9.425   1.00 17.96 ? 6   C   A O2    1 
ATOM   129 N N3    . C   A 1 6  ? 5.177   -3.583  8.846   1.00 16.76 ? 6   C   A N3    1 
ATOM   130 C C4    . C   A 1 6  ? 3.846   -3.675  8.866   1.00 18.52 ? 6   C   A C4    1 
ATOM   131 N N4    . C   A 1 6  ? 3.281   -4.706  8.227   1.00 18.11 ? 6   C   A N4    1 
ATOM   132 C C5    . C   A 1 6  ? 3.054   -2.695  9.544   1.00 17.79 ? 6   C   A C5    1 
ATOM   133 C C6    . C   A 1 6  ? 3.697   -1.687  10.148  1.00 18.59 ? 6   C   A C6    1 
ATOM   134 P P     . G   A 1 7  ? 5.363   3.143   7.615   1.00 27.07 ? 7   G   A P     1 
ATOM   135 O OP1   . G   A 1 7  ? 5.747   4.561   7.427   1.00 30.04 ? 7   G   A OP1   1 
ATOM   136 O OP2   . G   A 1 7  ? 4.142   2.581   7.023   1.00 27.10 ? 7   G   A OP2   1 
ATOM   137 O "O5'" . G   A 1 7  ? 6.490   2.200   6.981   1.00 27.99 ? 7   G   A "O5'" 1 
ATOM   138 C "C5'" . G   A 1 7  ? 7.852   2.444   6.924   1.00 30.02 ? 7   G   A "C5'" 1 
ATOM   139 C "C4'" . G   A 1 7  ? 8.646   1.271   6.363   1.00 27.81 ? 7   G   A "C4'" 1 
ATOM   140 O "O4'" . G   A 1 7  ? 8.051   0.013   6.793   1.00 25.13 ? 7   G   A "O4'" 1 
ATOM   141 C "C3'" . G   A 1 7  ? 8.744   0.983   4.850   1.00 25.38 ? 7   G   A "C3'" 1 
ATOM   142 O "O3'" . G   A 1 7  ? 9.410   2.027   4.069   1.00 23.06 ? 7   G   A "O3'" 1 
ATOM   143 C "C2'" . G   A 1 7  ? 9.579   -0.300  5.003   1.00 20.23 ? 7   G   A "C2'" 1 
ATOM   144 O "O2'" . G   A 1 7  ? 10.905  -0.056  5.394   1.00 21.43 ? 7   G   A "O2'" 1 
ATOM   145 C "C1'" . G   A 1 7  ? 8.793   -1.017  6.129   1.00 21.67 ? 7   G   A "C1'" 1 
ATOM   146 N N9    . G   A 1 7  ? 7.833   -1.990  5.648   1.00 19.45 ? 7   G   A N9    1 
ATOM   147 C C8    . G   A 1 7  ? 6.483   -1.988  5.768   1.00 18.65 ? 7   G   A C8    1 
ATOM   148 N N7    . G   A 1 7  ? 5.865   -2.977  5.221   1.00 19.33 ? 7   G   A N7    1 
ATOM   149 C C5    . G   A 1 7  ? 6.912   -3.717  4.684   1.00 19.10 ? 7   G   A C5    1 
ATOM   150 C C6    . G   A 1 7  ? 6.835   -4.950  4.013   1.00 19.04 ? 7   G   A C6    1 
ATOM   151 O O6    . G   A 1 7  ? 5.808   -5.578  3.710   1.00 19.42 ? 7   G   A O6    1 
ATOM   152 N N1    . G   A 1 7  ? 8.101   -5.391  3.648   1.00 19.07 ? 7   G   A N1    1 
ATOM   153 C C2    . G   A 1 7  ? 9.285   -4.757  3.919   1.00 19.16 ? 7   G   A C2    1 
ATOM   154 N N2    . G   A 1 7  ? 10.398  -5.346  3.486   1.00 19.07 ? 7   G   A N2    1 
ATOM   155 N N3    . G   A 1 7  ? 9.350   -3.593  4.605   1.00 20.38 ? 7   G   A N3    1 
ATOM   156 C C4    . G   A 1 7  ? 8.118   -3.165  4.953   1.00 19.06 ? 7   G   A C4    1 
ATOM   157 P P     . G   A 1 8  ? 9.009   2.270   2.543   1.00 25.56 ? 8   G   A P     1 
ATOM   158 O OP1   . G   A 1 8  ? 9.743   3.509   2.160   1.00 27.47 ? 8   G   A OP1   1 
ATOM   159 O OP2   . G   A 1 8  ? 7.563   2.173   2.322   1.00 26.24 ? 8   G   A OP2   1 
ATOM   160 O "O5'" . G   A 1 8  ? 9.663   1.035   1.763   1.00 24.67 ? 8   G   A "O5'" 1 
ATOM   161 C "C5'" . G   A 1 8  ? 11.067  0.912   1.841   1.00 23.11 ? 8   G   A "C5'" 1 
ATOM   162 C "C4'" . G   A 1 8  ? 11.449  -0.309  1.036   1.00 21.92 ? 8   G   A "C4'" 1 
ATOM   163 O "O4'" . G   A 1 8  ? 11.025  -1.454  1.799   1.00 20.85 ? 8   G   A "O4'" 1 
ATOM   164 C "C3'" . G   A 1 8  ? 10.751  -0.481  -0.305  1.00 22.55 ? 8   G   A "C3'" 1 
ATOM   165 O "O3'" . G   A 1 8  ? 11.414  0.295   -1.319  1.00 24.26 ? 8   G   A "O3'" 1 
ATOM   166 C "C2'" . G   A 1 8  ? 10.930  -1.982  -0.533  1.00 22.94 ? 8   G   A "C2'" 1 
ATOM   167 O "O2'" . G   A 1 8  ? 12.263  -2.315  -0.940  1.00 22.99 ? 8   G   A "O2'" 1 
ATOM   168 C "C1'" . G   A 1 8  ? 10.576  -2.469  0.877   1.00 21.00 ? 8   G   A "C1'" 1 
ATOM   169 N N9    . G   A 1 8  ? 9.140   -2.702  1.031   1.00 20.25 ? 8   G   A N9    1 
ATOM   170 C C8    . G   A 1 8  ? 8.207   -1.901  1.657   1.00 19.85 ? 8   G   A C8    1 
ATOM   171 N N7    . G   A 1 8  ? 6.997   -2.365  1.606   1.00 19.34 ? 8   G   A N7    1 
ATOM   172 C C5    . G   A 1 8  ? 7.131   -3.565  0.900   1.00 19.39 ? 8   G   A C5    1 
ATOM   173 C C6    . G   A 1 8  ? 6.156   -4.529  0.552   1.00 18.33 ? 8   G   A C6    1 
ATOM   174 O O6    . G   A 1 8  ? 4.952   -4.487  0.816   1.00 20.02 ? 8   G   A O6    1 
ATOM   175 N N1    . G   A 1 8  ? 6.698   -5.601  -0.162  1.00 19.84 ? 8   G   A N1    1 
ATOM   176 C C2    . G   A 1 8  ? 8.024   -5.746  -0.519  1.00 20.42 ? 8   G   A C2    1 
ATOM   177 N N2    . G   A 1 8  ? 8.374   -6.854  -1.225  1.00 20.44 ? 8   G   A N2    1 
ATOM   178 N N3    . G   A 1 8  ? 8.942   -4.841  -0.169  1.00 18.21 ? 8   G   A N3    1 
ATOM   179 C C4    . G   A 1 8  ? 8.433   -3.796  0.543   1.00 20.18 ? 8   G   A C4    1 
ATOM   180 P P     . C   A 1 9  ? 10.630  0.865   -2.571  1.00 26.86 ? 9   C   A P     1 
ATOM   181 O OP1   . C   A 1 9  ? 11.656  1.681   -3.312  1.00 28.74 ? 9   C   A OP1   1 
ATOM   182 O OP2   . C   A 1 9  ? 9.339   1.426   -2.191  1.00 26.20 ? 9   C   A OP2   1 
ATOM   183 O "O5'" . C   A 1 9  ? 10.276  -0.420  -3.460  1.00 24.36 ? 9   C   A "O5'" 1 
ATOM   184 C "C5'" . C   A 1 9  ? 11.261  -1.188  -4.085  1.00 23.49 ? 9   C   A "C5'" 1 
ATOM   185 C "C4'" . C   A 1 9  ? 10.702  -2.426  -4.749  1.00 22.80 ? 9   C   A "C4'" 1 
ATOM   186 O "O4'" . C   A 1 9  ? 10.184  -3.331  -3.746  1.00 24.46 ? 9   C   A "O4'" 1 
ATOM   187 C "C3'" . C   A 1 9  ? 9.518   -2.194  -5.662  1.00 23.67 ? 9   C   A "C3'" 1 
ATOM   188 O "O3'" . C   A 1 9  ? 9.990   -1.638  -6.884  1.00 24.42 ? 9   C   A "O3'" 1 
ATOM   189 C "C2'" . C   A 1 9  ? 8.996   -3.630  -5.775  1.00 21.87 ? 9   C   A "C2'" 1 
ATOM   190 O "O2'" . C   A 1 9  ? 9.753   -4.440  -6.649  1.00 28.61 ? 9   C   A "O2'" 1 
ATOM   191 C "C1'" . C   A 1 9  ? 9.111   -4.061  -4.316  1.00 25.15 ? 9   C   A "C1'" 1 
ATOM   192 N N1    . C   A 1 9  ? 7.856   -3.755  -3.610  1.00 23.57 ? 9   C   A N1    1 
ATOM   193 C C2    . C   A 1 9  ? 6.763   -4.637  -3.798  1.00 21.48 ? 9   C   A C2    1 
ATOM   194 O O2    . C   A 1 9  ? 6.930   -5.614  -4.518  1.00 25.82 ? 9   C   A O2    1 
ATOM   195 N N3    . C   A 1 9  ? 5.605   -4.343  -3.192  1.00 23.73 ? 9   C   A N3    1 
ATOM   196 C C4    . C   A 1 9  ? 5.492   -3.261  -2.429  1.00 21.72 ? 9   C   A C4    1 
ATOM   197 N N4    . C   A 1 9  ? 4.339   -3.008  -1.841  1.00 23.52 ? 9   C   A N4    1 
ATOM   198 C C5    . C   A 1 9  ? 6.576   -2.344  -2.242  1.00 24.28 ? 9   C   A C5    1 
ATOM   199 C C6    . C   A 1 9  ? 7.709   -2.637  -2.850  1.00 22.25 ? 9   C   A C6    1 
ATOM   200 P P     . G   A 1 10 ? 9.059   -0.718  -7.806  1.00 25.04 ? 10  G   A P     1 
ATOM   201 O OP1   . G   A 1 10 ? 9.909   -0.359  -8.968  1.00 27.14 ? 10  G   A OP1   1 
ATOM   202 O OP2   . G   A 1 10 ? 8.369   0.245   -6.955  1.00 24.93 ? 10  G   A OP2   1 
ATOM   203 O "O5'" . G   A 1 10 ? 7.880   -1.723  -8.249  1.00 23.78 ? 10  G   A "O5'" 1 
ATOM   204 C "C5'" . G   A 1 10 ? 8.031   -2.633  -9.288  1.00 25.52 ? 10  G   A "C5'" 1 
ATOM   205 C "C4'" . G   A 1 10 ? 6.803   -3.540  -9.424  1.00 23.51 ? 10  G   A "C4'" 1 
ATOM   206 O "O4'" . G   A 1 10 ? 6.501   -4.145  -8.140  1.00 22.72 ? 10  G   A "O4'" 1 
ATOM   207 C "C3'" . G   A 1 10 ? 5.469   -2.941  -9.864  1.00 25.02 ? 10  G   A "C3'" 1 
ATOM   208 O "O3'" . G   A 1 10 ? 5.420   -2.686  -11.267 1.00 25.05 ? 10  G   A "O3'" 1 
ATOM   209 C "C2'" . G   A 1 10 ? 4.576   -4.120  -9.459  1.00 23.91 ? 10  G   A "C2'" 1 
ATOM   210 O "O2'" . G   A 1 10 ? 4.759   -5.191  -10.376 1.00 26.19 ? 10  G   A "O2'" 1 
ATOM   211 C "C1'" . G   A 1 10 ? 5.113   -4.427  -8.063  1.00 24.61 ? 10  G   A "C1'" 1 
ATOM   212 N N9    . G   A 1 10 ? 4.554   -3.609  -6.977  1.00 24.71 ? 10  G   A N9    1 
ATOM   213 C C8    . G   A 1 10 ? 5.148   -2.533  -6.318  1.00 24.87 ? 10  G   A C8    1 
ATOM   214 N N7    . G   A 1 10 ? 4.398   -1.970  -5.389  1.00 26.85 ? 10  G   A N7    1 
ATOM   215 C C5    . G   A 1 10 ? 3.226   -2.732  -5.472  1.00 24.29 ? 10  G   A C5    1 
ATOM   216 C C6    . G   A 1 10 ? 2.049   -2.625  -4.733  1.00 24.75 ? 10  G   A C6    1 
ATOM   217 O O6    . G   A 1 10 ? 1.777   -1.846  -3.853  1.00 25.38 ? 10  G   A O6    1 
ATOM   218 N N1    . G   A 1 10 ? 1.107   -3.575  -5.102  1.00 26.46 ? 10  G   A N1    1 
ATOM   219 C C2    . G   A 1 10 ? 1.263   -4.537  -6.071  1.00 25.88 ? 10  G   A C2    1 
ATOM   220 N N2    . G   A 1 10 ? 0.160   -5.331  -6.263  1.00 24.44 ? 10  G   A N2    1 
ATOM   221 N N3    . G   A 1 10 ? 2.393   -4.655  -6.786  1.00 23.57 ? 10  G   A N3    1 
ATOM   222 C C4    . G   A 1 10 ? 3.310   -3.728  -6.419  1.00 24.52 ? 10  G   A C4    1 
ATOM   223 P P     . G   A 1 11 ? 4.339   -1.699  -11.928 1.00 27.22 ? 11  G   A P     1 
ATOM   224 O OP1   . G   A 1 11 ? 4.644   -1.535  -13.349 1.00 29.81 ? 11  G   A OP1   1 
ATOM   225 O OP2   . G   A 1 11 ? 4.168   -0.546  -11.018 1.00 30.51 ? 11  G   A OP2   1 
ATOM   226 O "O5'" . G   A 1 11 ? 2.936   -2.410  -11.753 1.00 26.63 ? 11  G   A "O5'" 1 
ATOM   227 C "C5'" . G   A 1 11 ? 2.701   -3.538  -12.547 1.00 28.26 ? 11  G   A "C5'" 1 
ATOM   228 C "C4'" . G   A 1 11 ? 1.368   -4.153  -12.221 1.00 28.35 ? 11  G   A "C4'" 1 
ATOM   229 O "O4'" . G   A 1 11 ? 1.320   -4.498  -10.831 1.00 28.22 ? 11  G   A "O4'" 1 
ATOM   230 C "C3'" . G   A 1 11 ? 0.172   -3.230  -12.414 1.00 29.40 ? 11  G   A "C3'" 1 
ATOM   231 O "O3'" . G   A 1 11 ? -0.147  -3.102  -13.784 1.00 31.08 ? 11  G   A "O3'" 1 
ATOM   232 C "C2'" . G   A 1 11 ? -0.863  -4.008  -11.640 1.00 27.89 ? 11  G   A "C2'" 1 
ATOM   233 O "O2'" . G   A 1 11 ? -1.320  -5.136  -12.349 1.00 29.59 ? 11  G   A "O2'" 1 
ATOM   234 C "C1'" . G   A 1 11 ? -0.034  -4.357  -10.411 1.00 28.31 ? 11  G   A "C1'" 1 
ATOM   235 N N9    . G   A 1 11 ? -0.082  -3.368  -9.330  1.00 25.64 ? 11  G   A N9    1 
ATOM   236 C C8    . G   A 1 11 ? 0.906   -2.512  -8.916  1.00 26.11 ? 11  G   A C8    1 
ATOM   237 N N7    . G   A 1 11 ? 0.572   -1.764  -7.901  1.00 24.96 ? 11  G   A N7    1 
ATOM   238 C C5    . G   A 1 11 ? -0.735  -2.147  -7.616  1.00 23.71 ? 11  G   A C5    1 
ATOM   239 C C6    . G   A 1 11 ? -1.632  -1.667  -6.628  1.00 24.14 ? 11  G   A C6    1 
ATOM   240 O O6    . G   A 1 11 ? -1.449  -0.822  -5.742  1.00 24.06 ? 11  G   A O6    1 
ATOM   241 N N1    . G   A 1 11 ? -2.857  -2.312  -6.708  1.00 25.23 ? 11  G   A N1    1 
ATOM   242 C C2    . G   A 1 11 ? -3.180  -3.276  -7.630  1.00 26.28 ? 11  G   A C2    1 
ATOM   243 N N2    . G   A 1 11 ? -4.398  -3.789  -7.559  1.00 26.28 ? 11  G   A N2    1 
ATOM   244 N N3    . G   A 1 11 ? -2.354  -3.741  -8.555  1.00 25.99 ? 11  G   A N3    1 
ATOM   245 C C4    . G   A 1 11 ? -1.148  -3.123  -8.487  1.00 24.44 ? 11  G   A C4    1 
ATOM   246 P P     . C   A 1 12 ? -0.753  -1.751  -14.388 1.00 30.16 ? 12  C   A P     1 
ATOM   247 O OP1   . C   A 1 12 ? -0.681  -1.862  -15.869 1.00 32.33 ? 12  C   A OP1   1 
ATOM   248 O OP2   . C   A 1 12 ? -0.158  -0.565  -13.733 1.00 30.59 ? 12  C   A OP2   1 
ATOM   249 O "O5'" . C   A 1 12 ? -2.257  -1.812  -13.891 1.00 29.69 ? 12  C   A "O5'" 1 
ATOM   250 C "C5'" . C   A 1 12 ? -3.143  -2.779  -14.421 1.00 31.36 ? 12  C   A "C5'" 1 
ATOM   251 C "C4'" . C   A 1 12 ? -4.431  -2.792  -13.626 1.00 30.40 ? 12  C   A "C4'" 1 
ATOM   252 O "O4'" . C   A 1 12 ? -4.182  -3.130  -12.247 1.00 29.41 ? 12  C   A "O4'" 1 
ATOM   253 C "C3'" . C   A 1 12 ? -5.167  -1.452  -13.539 1.00 30.01 ? 12  C   A "C3'" 1 
ATOM   254 O "O3'" . C   A 1 12 ? -5.899  -1.188  -14.731 1.00 32.76 ? 12  C   A "O3'" 1 
ATOM   255 C "C2'" . C   A 1 12 ? -6.081  -1.709  -12.354 1.00 29.62 ? 12  C   A "C2'" 1 
ATOM   256 O "O2'" . C   A 1 12 ? -7.182  -2.551  -12.650 1.00 30.76 ? 12  C   A "O2'" 1 
ATOM   257 C "C1'" . C   A 1 12 ? -5.102  -2.427  -11.432 1.00 28.44 ? 12  C   A "C1'" 1 
ATOM   258 N N1    . C   A 1 12 ? -4.356  -1.480  -10.582 1.00 27.87 ? 12  C   A N1    1 
ATOM   259 C C2    . C   A 1 12 ? -4.991  -0.965  -9.454  1.00 26.08 ? 12  C   A C2    1 
ATOM   260 O O2    . C   A 1 12 ? -6.153  -1.314  -9.161  1.00 27.33 ? 12  C   A O2    1 
ATOM   261 N N3    . C   A 1 12 ? -4.294  -0.100  -8.692  1.00 25.91 ? 12  C   A N3    1 
ATOM   262 C C4    . C   A 1 12 ? -3.062  0.270   -8.998  1.00 24.98 ? 12  C   A C4    1 
ATOM   263 N N4    . C   A 1 12 ? -2.474  1.136   -8.167  1.00 24.89 ? 12  C   A N4    1 
ATOM   264 C C5    . C   A 1 12 ? -2.401  -0.220  -10.156 1.00 26.03 ? 12  C   A C5    1 
ATOM   265 C C6    . C   A 1 12 ? -3.089  -1.076  -10.921 1.00 26.60 ? 12  C   A C6    1 
ATOM   266 P P     . U   A 1 13 ? -6.044  0.303   -15.282 1.00 33.39 ? 13  U   A P     1 
ATOM   267 O OP1   . U   A 1 13 ? -6.897  0.265   -16.500 1.00 36.02 ? 13  U   A OP1   1 
ATOM   268 O OP2   . U   A 1 13 ? -4.742  1.001   -15.293 1.00 31.84 ? 13  U   A OP2   1 
ATOM   269 O "O5'" . U   A 1 13 ? -6.890  1.020   -14.130 1.00 32.81 ? 13  U   A "O5'" 1 
ATOM   270 C "C5'" . U   A 1 13 ? -8.237  0.650   -13.882 1.00 32.00 ? 13  U   A "C5'" 1 
ATOM   271 C "C4'" . U   A 1 13 ? -8.755  1.321   -12.621 1.00 31.17 ? 13  U   A "C4'" 1 
ATOM   272 O "O4'" . U   A 1 13 ? -7.953  0.890   -11.503 1.00 29.12 ? 13  U   A "O4'" 1 
ATOM   273 C "C3'" . U   A 1 13 ? -8.721  2.851   -12.555 1.00 31.13 ? 13  U   A "C3'" 1 
ATOM   274 O "O3'" . U   A 1 13 ? -9.839  3.421   -13.223 1.00 32.42 ? 13  U   A "O3'" 1 
ATOM   275 C "C2'" . U   A 1 13 ? -8.739  3.081   -11.043 1.00 29.48 ? 13  U   A "C2'" 1 
ATOM   276 O "O2'" . U   A 1 13 ? -10.030 3.025   -10.460 1.00 28.73 ? 13  U   A "O2'" 1 
ATOM   277 C "C1'" . U   A 1 13 ? -7.867  1.925   -10.549 1.00 28.00 ? 13  U   A "C1'" 1 
ATOM   278 N N1    . U   A 1 13 ? -6.461  2.397   -10.400 1.00 27.53 ? 13  U   A N1    1 
ATOM   279 C C2    . U   A 1 13 ? -6.195  3.105   -9.257  1.00 26.44 ? 13  U   A C2    1 
ATOM   280 O O2    . U   A 1 13 ? -7.064  3.303   -8.421  1.00 25.81 ? 13  U   A O2    1 
ATOM   281 N N3    . U   A 1 13 ? -4.908  3.563   -9.155  1.00 25.03 ? 13  U   A N3    1 
ATOM   282 C C4    . U   A 1 13 ? -3.877  3.391   -10.056 1.00 27.09 ? 13  U   A C4    1 
ATOM   283 O O4    . U   A 1 13 ? -2.771  3.868   -9.820  1.00 27.06 ? 13  U   A O4    1 
ATOM   284 C C5    . U   A 1 13 ? -4.230  2.648   -11.231 1.00 27.62 ? 13  U   A C5    1 
ATOM   285 C C6    . U   A 1 13 ? -5.485  2.196   -11.359 1.00 28.61 ? 13  U   A C6    1 
ATOM   286 P P     . G   A 1 14 ? -9.908  4.977   -13.633 1.00 32.38 ? 14  G   A P     1 
ATOM   287 O OP1   . G   A 1 14 ? -10.904 5.082   -14.726 1.00 33.55 ? 14  G   A OP1   1 
ATOM   288 O OP2   . G   A 1 14 ? -8.564  5.544   -13.853 1.00 32.26 ? 14  G   A OP2   1 
ATOM   289 O "O5'" . G   A 1 14 ? -10.466 5.644   -12.305 1.00 29.93 ? 14  G   A "O5'" 1 
ATOM   290 C "C5'" . G   A 1 14 ? -11.813 5.544   -11.895 1.00 30.39 ? 14  G   A "C5'" 1 
ATOM   291 C "C4'" . G   A 1 14 ? -12.120 6.466   -10.724 1.00 30.69 ? 14  G   A "C4'" 1 
ATOM   292 O "O4'" . G   A 1 14 ? -11.428 6.041   -9.524  1.00 29.35 ? 14  G   A "O4'" 1 
ATOM   293 C "C3'" . G   A 1 14 ? -11.737 7.944   -10.889 1.00 30.66 ? 14  G   A "C3'" 1 
ATOM   294 O "O3'" . G   A 1 14 ? -12.705 8.637   -11.675 1.00 31.27 ? 14  G   A "O3'" 1 
ATOM   295 C "C2'" . G   A 1 14 ? -11.696 8.387   -9.430  1.00 29.81 ? 14  G   A "C2'" 1 
ATOM   296 O "O2'" . G   A 1 14 ? -12.966 8.516   -8.811  1.00 30.27 ? 14  G   A "O2'" 1 
ATOM   297 C "C1'" . G   A 1 14 ? -10.961 7.197   -8.833  1.00 29.68 ? 14  G   A "C1'" 1 
ATOM   298 N N9    . G   A 1 14 ? -9.514  7.250   -8.931  1.00 28.33 ? 14  G   A N9    1 
ATOM   299 C C8    . G   A 1 14 ? -8.699  6.544   -9.794  1.00 28.57 ? 14  G   A C8    1 
ATOM   300 N N7    . G   A 1 14 ? -7.431  6.774   -9.604  1.00 29.00 ? 14  G   A N7    1 
ATOM   301 C C5    . G   A 1 14 ? -7.401  7.699   -8.556  1.00 28.30 ? 14  G   A C5    1 
ATOM   302 C C6    . G   A 1 14 ? -6.304  8.324   -7.908  1.00 27.88 ? 14  G   A C6    1 
ATOM   303 O O6    . G   A 1 14 ? -5.106  8.169   -8.155  1.00 27.61 ? 14  G   A O6    1 
ATOM   304 N N1    . G   A 1 14 ? -6.716  9.206   -6.892  1.00 26.64 ? 14  G   A N1    1 
ATOM   305 C C2    . G   A 1 14 ? -8.026  9.440   -6.541  1.00 28.29 ? 14  G   A C2    1 
ATOM   306 N N2    . G   A 1 14 ? -8.249  10.317  -5.542  1.00 28.14 ? 14  G   A N2    1 
ATOM   307 N N3    . G   A 1 14 ? -9.060  8.855   -7.142  1.00 27.98 ? 14  G   A N3    1 
ATOM   308 C C4    . G   A 1 14 ? -8.677  8.004   -8.136  1.00 28.37 ? 14  G   A C4    1 
ATOM   309 P P     . C   A 1 15 ? -12.332 9.889   -12.554 1.00 31.26 ? 15  C   A P     1 
ATOM   310 O OP1   . C   A 1 15 ? -13.614 10.311  -13.230 1.00 31.72 ? 15  C   A OP1   1 
ATOM   311 O OP2   . C   A 1 15 ? -11.173 9.625   -13.421 1.00 30.85 ? 15  C   A OP2   1 
ATOM   312 O "O5'" . C   A 1 15 ? -11.934 11.031  -11.528 1.00 30.47 ? 15  C   A "O5'" 1 
ATOM   313 C "C5'" . C   A 1 15 ? -12.879 11.533  -10.608 1.00 30.55 ? 15  C   A "C5'" 1 
ATOM   314 C "C4'" . C   A 1 15 ? -12.201 12.485  -9.638  1.00 28.87 ? 15  C   A "C4'" 1 
ATOM   315 O "O4'" . C   A 1 15 ? -11.253 11.766  -8.806  1.00 29.32 ? 15  C   A "O4'" 1 
ATOM   316 C "C3'" . C   A 1 15 ? -11.374 13.599  -10.269 1.00 30.11 ? 15  C   A "C3'" 1 
ATOM   317 O "O3'" . C   A 1 15 ? -12.189 14.683  -10.682 1.00 28.67 ? 15  C   A "O3'" 1 
ATOM   318 C "C2'" . C   A 1 15 ? -10.469 13.967  -9.102  1.00 28.96 ? 15  C   A "C2'" 1 
ATOM   319 O "O2'" . C   A 1 15 ? -11.108 14.713  -8.096  1.00 28.94 ? 15  C   A "O2'" 1 
ATOM   320 C "C1'" . C   A 1 15 ? -10.136 12.596  -8.550  1.00 27.09 ? 15  C   A "C1'" 1 
ATOM   321 N N1    . C   A 1 15 ? -8.881  12.004  -9.108  1.00 26.92 ? 15  C   A N1    1 
ATOM   322 C C2    . C   A 1 15 ? -7.661  12.431  -8.560  1.00 27.01 ? 15  C   A C2    1 
ATOM   323 O O2    . C   A 1 15 ? -7.649  13.308  -7.677  1.00 25.54 ? 15  C   A O2    1 
ATOM   324 N N3    . C   A 1 15 ? -6.520  11.882  -9.047  1.00 24.88 ? 15  C   A N3    1 
ATOM   325 C C4    . C   A 1 15 ? -6.554  10.950  -10.010 1.00 26.91 ? 15  C   A C4    1 
ATOM   326 N N4    . C   A 1 15 ? -5.399  10.434  -10.451 1.00 25.17 ? 15  C   A N4    1 
ATOM   327 C C5    . C   A 1 15 ? -7.788  10.496  -10.561 1.00 27.37 ? 15  C   A C5    1 
ATOM   328 C C6    . C   A 1 15 ? -8.909  11.042  -10.085 1.00 28.05 ? 15  C   A C6    1 
ATOM   329 P P     . U   A 1 16 ? -11.739 15.617  -11.881 1.00 31.20 ? 16  U   A P     1 
ATOM   330 O OP1   . U   A 1 16 ? -12.846 16.589  -12.106 1.00 30.16 ? 16  U   A OP1   1 
ATOM   331 O OP2   . U   A 1 16 ? -11.240 14.837  -13.042 1.00 30.50 ? 16  U   A OP2   1 
ATOM   332 O "O5'" . U   A 1 16 ? -10.460 16.386  -11.328 1.00 29.74 ? 16  U   A "O5'" 1 
ATOM   333 C "C5'" . U   A 1 16 ? -10.564 17.278  -10.242 1.00 29.88 ? 16  U   A "C5'" 1 
ATOM   334 C "C4'" . U   A 1 16 ? -9.187  17.740  -9.833  1.00 29.72 ? 16  U   A "C4'" 1 
ATOM   335 O "O4'" . U   A 1 16 ? -8.461  16.595  -9.302  1.00 28.24 ? 16  U   A "O4'" 1 
ATOM   336 C "C3'" . U   A 1 16 ? -8.289  18.281  -10.949 1.00 30.26 ? 16  U   A "C3'" 1 
ATOM   337 O "O3'" . U   A 1 16 ? -8.520  19.660  -11.276 1.00 30.84 ? 16  U   A "O3'" 1 
ATOM   338 C "C2'" . U   A 1 16 ? -6.921  18.068  -10.308 1.00 30.13 ? 16  U   A "C2'" 1 
ATOM   339 O "O2'" . U   A 1 16 ? -6.643  19.020  -9.300  1.00 29.03 ? 16  U   A "O2'" 1 
ATOM   340 C "C1'" . U   A 1 16 ? -7.100  16.707  -9.666  1.00 30.04 ? 16  U   A "C1'" 1 
ATOM   341 N N1    . U   A 1 16 ? -6.697  15.548  -10.533 1.00 30.00 ? 16  U   A N1    1 
ATOM   342 C C2    . U   A 1 16 ? -5.360  15.193  -10.571 1.00 31.13 ? 16  U   A C2    1 
ATOM   343 O O2    . U   A 1 16 ? -4.514  15.802  -9.940  1.00 30.59 ? 16  U   A O2    1 
ATOM   344 N N3    . U   A 1 16 ? -5.077  14.112  -11.379 1.00 29.73 ? 16  U   A N3    1 
ATOM   345 C C4    . U   A 1 16 ? -5.983  13.385  -12.152 1.00 31.81 ? 16  U   A C4    1 
ATOM   346 O O4    . U   A 1 16 ? -5.614  12.428  -12.843 1.00 32.08 ? 16  U   A O4    1 
ATOM   347 C C5    . U   A 1 16 ? -7.350  13.831  -12.065 1.00 31.37 ? 16  U   A C5    1 
ATOM   348 C C6    . U   A 1 16 ? -7.642  14.871  -11.284 1.00 31.40 ? 16  U   A C6    1 
ATOM   349 P P     . G   A 1 17 ? -8.184  20.252  -12.722 1.00 31.24 ? 17  G   A P     1 
ATOM   350 O OP1   . G   A 1 17 ? -8.729  21.602  -12.846 1.00 30.29 ? 17  G   A OP1   1 
ATOM   351 O OP2   . G   A 1 17 ? -8.533  19.218  -13.719 1.00 33.25 ? 17  G   A OP2   1 
ATOM   352 O "O5'" . G   A 1 17 ? -6.579  20.325  -12.677 1.00 32.52 ? 17  G   A "O5'" 1 
ATOM   353 C "C5'" . G   A 1 17 ? -5.968  21.445  -12.029 1.00 32.89 ? 17  G   A "C5'" 1 
ATOM   354 C "C4'" . G   A 1 17 ? -4.469  21.310  -11.985 1.00 33.73 ? 17  G   A "C4'" 1 
ATOM   355 O "O4'" . G   A 1 17 ? -4.091  20.035  -11.430 1.00 33.99 ? 17  G   A "O4'" 1 
ATOM   356 C "C3'" . G   A 1 17 ? -3.770  21.331  -13.333 1.00 35.54 ? 17  G   A "C3'" 1 
ATOM   357 O "O3'" . G   A 1 17 ? -3.704  22.631  -13.842 1.00 37.21 ? 17  G   A "O3'" 1 
ATOM   358 C "C2'" . G   A 1 17 ? -2.418  20.790  -12.898 1.00 36.67 ? 17  G   A "C2'" 1 
ATOM   359 O "O2'" . G   A 1 17 ? -1.680  21.766  -12.180 1.00 38.24 ? 17  G   A "O2'" 1 
ATOM   360 C "C1'" . G   A 1 17 ? -2.863  19.634  -12.016 1.00 34.66 ? 17  G   A "C1'" 1 
ATOM   361 N N9    . G   A 1 17 ? -3.086  18.332  -12.656 1.00 34.04 ? 17  G   A N9    1 
ATOM   362 C C8    . G   A 1 17 ? -4.291  17.737  -12.989 1.00 33.84 ? 17  G   A C8    1 
ATOM   363 N N7    . G   A 1 17 ? -4.164  16.550  -13.512 1.00 33.80 ? 17  G   A N7    1 
ATOM   364 C C5    . G   A 1 17 ? -2.789  16.342  -13.525 1.00 34.09 ? 17  G   A C5    1 
ATOM   365 C C6    . G   A 1 17 ? -2.043  15.231  -13.991 1.00 35.30 ? 17  G   A C6    1 
ATOM   366 O O6    . G   A 1 17 ? -2.447  14.171  -14.495 1.00 34.29 ? 17  G   A O6    1 
ATOM   367 N N1    . G   A 1 17 ? -0.677  15.431  -13.820 1.00 33.88 ? 17  G   A N1    1 
ATOM   368 C C2    . G   A 1 17 ? -0.086  16.559  -13.287 1.00 35.01 ? 17  G   A C2    1 
ATOM   369 N N2    . G   A 1 17 ? 1.254   16.549  -13.224 1.00 34.73 ? 17  G   A N2    1 
ATOM   370 N N3    . G   A 1 17 ? -0.765  17.616  -12.852 1.00 34.53 ? 17  G   A N3    1 
ATOM   371 C C4    . G   A 1 17 ? -2.112  17.427  -13.002 1.00 33.78 ? 17  G   A C4    1 
ATOM   372 P P     . C   A 1 18 ? -3.594  22.915  -15.420 1.00 37.28 ? 18  C   A P     1 
ATOM   373 O OP1   . C   A 1 18 ? -3.715  24.366  -15.674 1.00 39.64 ? 18  C   A OP1   1 
ATOM   374 O OP2   . C   A 1 18 ? -4.429  21.905  -16.094 1.00 39.96 ? 18  C   A OP2   1 
ATOM   375 O "O5'" . C   A 1 18 ? -2.114  22.395  -15.678 1.00 41.93 ? 18  C   A "O5'" 1 
ATOM   376 C "C5'" . C   A 1 18 ? -1.012  23.175  -15.265 1.00 44.42 ? 18  C   A "C5'" 1 
ATOM   377 C "C4'" . C   A 1 18 ? 0.250   22.397  -15.538 1.00 44.21 ? 18  C   A "C4'" 1 
ATOM   378 O "O4'" . C   A 1 18 ? 0.164   21.086  -14.938 1.00 43.88 ? 18  C   A "O4'" 1 
ATOM   379 C "C3'" . C   A 1 18 ? 0.483   22.121  -17.008 1.00 46.64 ? 18  C   A "C3'" 1 
ATOM   380 O "O3'" . C   A 1 18 ? 1.051   23.285  -17.633 1.00 50.28 ? 18  C   A "O3'" 1 
ATOM   381 C "C2'" . C   A 1 18 ? 1.419   20.934  -16.919 1.00 45.55 ? 18  C   A "C2'" 1 
ATOM   382 O "O2'" . C   A 1 18 ? 2.726   21.390  -16.626 1.00 47.43 ? 18  C   A "O2'" 1 
ATOM   383 C "C1'" . C   A 1 18 ? 0.820   20.130  -15.762 1.00 43.66 ? 18  C   A "C1'" 1 
ATOM   384 N N1    . C   A 1 18 ? -0.166  19.031  -16.145 1.00 42.65 ? 18  C   A N1    1 
ATOM   385 C C2    . C   A 1 18 ? 0.272   17.737  -16.461 1.00 42.71 ? 18  C   A C2    1 
ATOM   386 O O2    . C   A 1 18 ? 1.482   17.464  -16.445 1.00 41.79 ? 18  C   A O2    1 
ATOM   387 N N3    . C   A 1 18 ? -0.651  16.790  -16.786 1.00 41.64 ? 18  C   A N3    1 
ATOM   388 C C4    . C   A 1 18 ? -1.950  17.076  -16.829 1.00 41.21 ? 18  C   A C4    1 
ATOM   389 N N4    . C   A 1 18 ? -2.801  16.112  -17.170 1.00 40.47 ? 18  C   A N4    1 
ATOM   390 C C5    . C   A 1 18 ? -2.422  18.379  -16.518 1.00 41.97 ? 18  C   A C5    1 
ATOM   391 C C6    . C   A 1 18 ? -1.515  19.303  -16.191 1.00 42.95 ? 18  C   A C6    1 
ATOM   392 P P     . C   A 1 19 ? 0.997   23.450  -19.222 1.00 52.28 ? 19  C   A P     1 
ATOM   393 O OP1   . C   A 1 19 ? 1.738   24.674  -19.601 1.00 53.51 ? 19  C   A OP1   1 
ATOM   394 O OP2   . C   A 1 19 ? -0.408  23.325  -19.681 1.00 52.87 ? 19  C   A OP2   1 
ATOM   395 O "O5'" . C   A 1 19 ? 1.762   22.119  -19.643 1.00 50.85 ? 19  C   A "O5'" 1 
ATOM   396 C "C5'" . C   A 1 19 ? 3.167   22.138  -19.824 1.00 51.79 ? 19  C   A "C5'" 1 
ATOM   397 C "C4'" . C   A 1 19 ? 3.625   20.837  -20.449 1.00 51.22 ? 19  C   A "C4'" 1 
ATOM   398 O "O4'" . C   A 1 19 ? 3.152   19.720  -19.668 1.00 49.34 ? 19  C   A "O4'" 1 
ATOM   399 C "C3'" . C   A 1 19 ? 3.075   20.560  -21.842 1.00 52.02 ? 19  C   A "C3'" 1 
ATOM   400 O "O3'" . C   A 1 19 ? 3.763   21.307  -22.840 1.00 54.50 ? 19  C   A "O3'" 1 
ATOM   401 C "C2'" . C   A 1 19 ? 3.311   19.058  -21.935 1.00 50.89 ? 19  C   A "C2'" 1 
ATOM   402 O "O2'" . C   A 1 19 ? 4.642   18.739  -22.285 1.00 50.89 ? 19  C   A "O2'" 1 
ATOM   403 C "C1'" . C   A 1 19 ? 2.958   18.598  -20.517 1.00 48.64 ? 19  C   A "C1'" 1 
ATOM   404 N N1    . C   A 1 19 ? 1.524   18.087  -20.429 1.00 47.82 ? 19  C   A N1    1 
ATOM   405 C C2    . C   A 1 19 ? 1.249   16.723  -20.595 1.00 46.68 ? 19  C   A C2    1 
ATOM   406 O O2    . C   A 1 19 ? 2.172   15.927  -20.793 1.00 47.25 ? 19  C   A O2    1 
ATOM   407 N N3    . C   A 1 19 ? -0.036  16.292  -20.518 1.00 45.72 ? 19  C   A N3    1 
ATOM   408 C C4    . C   A 1 19 ? -1.031  17.146  -20.313 1.00 45.40 ? 19  C   A C4    1 
ATOM   409 N N4    . C   A 1 19 ? -2.269  16.647  -20.256 1.00 45.53 ? 19  C   A N4    1 
ATOM   410 C C5    . C   A 1 19 ? -0.791  18.537  -20.142 1.00 47.04 ? 19  C   A C5    1 
ATOM   411 C C6    . C   A 1 19 ? 0.483   18.959  -20.215 1.00 47.96 ? 19  C   A C6    1 
ATOM   412 O OP3   . G   B 1 1  ? -5.266  6.429   -20.097 1.00 60.85 ? 1   G   B OP3   1 
ATOM   413 P P     . G   B 1 1  ? -4.868  5.832   -21.388 1.00 61.63 ? 1   G   B P     1 
ATOM   414 O OP1   . G   B 1 1  ? -5.561  6.564   -22.477 1.00 64.12 ? 1   G   B OP1   1 
ATOM   415 O OP2   . G   B 1 1  ? -5.057  4.370   -21.285 1.00 62.14 ? 1   G   B OP2   1 
ATOM   416 O "O5'" . G   B 1 1  ? -3.319  6.149   -21.588 1.00 59.67 ? 1   G   B "O5'" 1 
ATOM   417 C "C5'" . G   B 1 1  ? -2.495  5.277   -22.335 1.00 57.54 ? 1   G   B "C5'" 1 
ATOM   418 C "C4'" . G   B 1 1  ? -1.224  5.998   -22.708 1.00 56.41 ? 1   G   B "C4'" 1 
ATOM   419 O "O4'" . G   B 1 1  ? -1.547  7.169   -23.483 1.00 56.01 ? 1   G   B "O4'" 1 
ATOM   420 C "C3'" . G   B 1 1  ? -0.443  6.592   -21.545 1.00 55.12 ? 1   G   B "C3'" 1 
ATOM   421 O "O3'" . G   B 1 1  ? 0.294   5.588   -20.876 1.00 55.77 ? 1   G   B "O3'" 1 
ATOM   422 C "C2'" . G   B 1 1  ? 0.422   7.609   -22.272 1.00 54.86 ? 1   G   B "C2'" 1 
ATOM   423 O "O2'" . G   B 1 1  ? 1.475   7.032   -23.024 1.00 56.42 ? 1   G   B "O2'" 1 
ATOM   424 C "C1'" . G   B 1 1  ? -0.637  8.218   -23.182 1.00 53.93 ? 1   G   B "C1'" 1 
ATOM   425 N N9    . G   B 1 1  ? -1.381  9.332   -22.584 1.00 52.45 ? 1   G   B N9    1 
ATOM   426 C C8    . G   B 1 1  ? -2.714  9.306   -22.242 1.00 51.67 ? 1   G   B C8    1 
ATOM   427 N N7    . G   B 1 1  ? -3.133  10.425  -21.740 1.00 51.60 ? 1   G   B N7    1 
ATOM   428 C C5    . G   B 1 1  ? -2.021  11.250  -21.746 1.00 51.61 ? 1   G   B C5    1 
ATOM   429 C C6    . G   B 1 1  ? -1.898  12.585  -21.311 1.00 51.87 ? 1   G   B C6    1 
ATOM   430 O O6    . G   B 1 1  ? -2.767  13.313  -20.829 1.00 52.72 ? 1   G   B O6    1 
ATOM   431 N N1    . G   B 1 1  ? -0.615  13.086  -21.481 1.00 53.08 ? 1   G   B N1    1 
ATOM   432 C C2    . G   B 1 1  ? 0.440   12.372  -22.003 1.00 52.87 ? 1   G   B C2    1 
ATOM   433 N N2    . G   B 1 1  ? 1.594   13.053  -22.078 1.00 53.51 ? 1   G   B N2    1 
ATOM   434 N N3    . G   B 1 1  ? 0.343   11.106  -22.420 1.00 53.44 ? 1   G   B N3    1 
ATOM   435 C C4    . G   B 1 1  ? -0.923  10.600  -22.271 1.00 52.23 ? 1   G   B C4    1 
ATOM   436 P P     . G   B 1 2  ? 0.547   5.702   -19.297 1.00 52.61 ? 2   G   B P     1 
ATOM   437 O OP1   . G   B 1 2  ? 1.142   4.421   -18.886 1.00 54.11 ? 2   G   B OP1   1 
ATOM   438 O OP2   . G   B 1 2  ? -0.696  6.165   -18.633 1.00 53.40 ? 2   G   B OP2   1 
ATOM   439 O "O5'" . G   B 1 2  ? 1.614   6.883   -19.255 1.00 51.40 ? 2   G   B "O5'" 1 
ATOM   440 C "C5'" . G   B 1 2  ? 2.892   6.739   -19.807 1.00 51.44 ? 2   G   B "C5'" 1 
ATOM   441 C "C4'" . G   B 1 2  ? 3.659   8.041   -19.664 1.00 51.32 ? 2   G   B "C4'" 1 
ATOM   442 O "O4'" . G   B 1 2  ? 2.949   9.105   -20.336 1.00 50.79 ? 2   G   B "O4'" 1 
ATOM   443 C "C3'" . G   B 1 2  ? 3.830   8.581   -18.243 1.00 50.04 ? 2   G   B "C3'" 1 
ATOM   444 O "O3'" . G   B 1 2  ? 4.876   7.916   -17.559 1.00 52.33 ? 2   G   B "O3'" 1 
ATOM   445 C "C2'" . G   B 1 2  ? 4.160   10.039  -18.516 1.00 50.09 ? 2   G   B "C2'" 1 
ATOM   446 O "O2'" . G   B 1 2  ? 5.488   10.297  -18.948 1.00 50.83 ? 2   G   B "O2'" 1 
ATOM   447 C "C1'" . G   B 1 2  ? 3.161   10.322  -19.635 1.00 48.59 ? 2   G   B "C1'" 1 
ATOM   448 N N9    . G   B 1 2  ? 1.866   10.812  -19.173 1.00 46.96 ? 2   G   B N9    1 
ATOM   449 C C8    . G   B 1 2  ? 0.685   10.121  -19.082 1.00 46.43 ? 2   G   B C8    1 
ATOM   450 N N7    . G   B 1 2  ? -0.305  10.844  -18.645 1.00 45.48 ? 2   G   B N7    1 
ATOM   451 C C5    . G   B 1 2  ? 0.252   12.085  -18.443 1.00 45.94 ? 2   G   B C5    1 
ATOM   452 C C6    . G   B 1 2  ? -0.343  13.272  -17.976 1.00 45.95 ? 2   G   B C6    1 
ATOM   453 O O6    . G   B 1 2  ? -1.528  13.435  -17.670 1.00 46.21 ? 2   G   B O6    1 
ATOM   454 N N1    . G   B 1 2  ? 0.571   14.322  -17.905 1.00 46.18 ? 2   G   B N1    1 
ATOM   455 C C2    . G   B 1 2  ? 1.903   14.231  -18.241 1.00 46.87 ? 2   G   B C2    1 
ATOM   456 N N2    . G   B 1 2  ? 2.642   15.337  -18.112 1.00 47.54 ? 2   G   B N2    1 
ATOM   457 N N3    . G   B 1 2  ? 2.474   13.118  -18.674 1.00 47.56 ? 2   G   B N3    1 
ATOM   458 C C4    . G   B 1 2  ? 1.590   12.090  -18.757 1.00 46.43 ? 2   G   B C4    1 
ATOM   459 P P     . C   B 1 3  ? 4.833   7.654   -15.980 1.00 51.06 ? 3   C   B P     1 
ATOM   460 O OP1   . C   B 1 3  ? 5.970   6.738   -15.689 1.00 52.28 ? 3   C   B OP1   1 
ATOM   461 O OP2   . C   B 1 3  ? 3.466   7.264   -15.562 1.00 49.47 ? 3   C   B OP2   1 
ATOM   462 O "O5'" . C   B 1 3  ? 5.140   9.109   -15.396 1.00 49.47 ? 3   C   B "O5'" 1 
ATOM   463 C "C5'" . C   B 1 3  ? 6.422   9.693   -15.469 1.00 48.72 ? 3   C   B "C5'" 1 
ATOM   464 C "C4'" . C   B 1 3  ? 6.386   11.128  -14.968 1.00 47.69 ? 3   C   B "C4'" 1 
ATOM   465 O "O4'" . C   B 1 3  ? 5.510   11.896  -15.836 1.00 46.12 ? 3   C   B "O4'" 1 
ATOM   466 C "C3'" . C   B 1 3  ? 5.802   11.339  -13.567 1.00 45.91 ? 3   C   B "C3'" 1 
ATOM   467 O "O3'" . C   B 1 3  ? 6.736   11.022  -12.504 1.00 46.70 ? 3   C   B "O3'" 1 
ATOM   468 C "C2'" . C   B 1 3  ? 5.416   12.810  -13.662 1.00 44.88 ? 3   C   B "C2'" 1 
ATOM   469 O "O2'" . C   B 1 3  ? 6.479   13.740  -13.653 1.00 45.82 ? 3   C   B "O2'" 1 
ATOM   470 C "C1'" . C   B 1 3  ? 4.790   12.849  -15.052 1.00 44.03 ? 3   C   B "C1'" 1 
ATOM   471 N N1    . C   B 1 3  ? 3.318   12.550  -15.023 1.00 42.19 ? 3   C   B N1    1 
ATOM   472 C C2    . C   B 1 3  ? 2.412   13.583  -14.751 1.00 41.63 ? 3   C   B C2    1 
ATOM   473 O O2    . C   B 1 3  ? 2.824   14.738  -14.546 1.00 41.60 ? 3   C   B O2    1 
ATOM   474 N N3    . C   B 1 3  ? 1.089   13.273  -14.732 1.00 40.93 ? 3   C   B N3    1 
ATOM   475 C C4    . C   B 1 3  ? 0.660   12.023  -14.936 1.00 40.64 ? 3   C   B C4    1 
ATOM   476 N N4    . C   B 1 3  ? -0.657  11.778  -14.904 1.00 40.49 ? 3   C   B N4    1 
ATOM   477 C C5    . C   B 1 3  ? 1.569   10.958  -15.199 1.00 40.29 ? 3   C   B C5    1 
ATOM   478 C C6    . C   B 1 3  ? 2.864   11.274  -15.219 1.00 40.85 ? 3   C   B C6    1 
ATOM   479 P P     . G   B 1 4  ? 6.198   10.652  -11.042 1.00 48.11 ? 4   G   B P     1 
ATOM   480 O OP1   . G   B 1 4  ? 7.420   10.392  -10.237 1.00 48.90 ? 4   G   B OP1   1 
ATOM   481 O OP2   . G   B 1 4  ? 5.148   9.618   -11.069 1.00 45.44 ? 4   G   B OP2   1 
ATOM   482 O "O5'" . G   B 1 4  ? 5.484   11.989  -10.523 1.00 45.60 ? 4   G   B "O5'" 1 
ATOM   483 C "C5'" . G   B 1 4  ? 6.253   13.061  -10.031 1.00 42.95 ? 4   G   B "C5'" 1 
ATOM   484 C "C4'" . G   B 1 4  ? 5.381   14.237  -9.651  1.00 40.85 ? 4   G   B "C4'" 1 
ATOM   485 O "O4'" . G   B 1 4  ? 4.452   14.514  -10.727 1.00 40.23 ? 4   G   B "O4'" 1 
ATOM   486 C "C3'" . G   B 1 4  ? 4.425   14.079  -8.470  1.00 38.01 ? 4   G   B "C3'" 1 
ATOM   487 O "O3'" . G   B 1 4  ? 5.082   14.066  -7.202  1.00 36.79 ? 4   G   B "O3'" 1 
ATOM   488 C "C2'" . G   B 1 4  ? 3.576   15.318  -8.662  1.00 35.81 ? 4   G   B "C2'" 1 
ATOM   489 O "O2'" . G   B 1 4  ? 4.239   16.513  -8.318  1.00 36.70 ? 4   G   B "O2'" 1 
ATOM   490 C "C1'" . G   B 1 4  ? 3.350   15.232  -10.183 1.00 36.16 ? 4   G   B "C1'" 1 
ATOM   491 N N9    . G   B 1 4  ? 2.126   14.541  -10.553 1.00 34.22 ? 4   G   B N9    1 
ATOM   492 C C8    . G   B 1 4  ? 1.964   13.299  -11.121 1.00 34.75 ? 4   G   B C8    1 
ATOM   493 N N7    . G   B 1 4  ? 0.721   12.958  -11.310 1.00 34.39 ? 4   G   B N7    1 
ATOM   494 C C5    . G   B 1 4  ? 0.013   14.053  -10.838 1.00 34.06 ? 4   G   B C5    1 
ATOM   495 C C6    . G   B 1 4  ? -1.375  14.276  -10.780 1.00 34.27 ? 4   G   B C6    1 
ATOM   496 O O6    . G   B 1 4  ? -2.260  13.508  -11.173 1.00 34.07 ? 4   G   B O6    1 
ATOM   497 N N1    . G   B 1 4  ? -1.676  15.509  -10.208 1.00 33.90 ? 4   G   B N1    1 
ATOM   498 C C2    . G   B 1 4  ? -0.761  16.424  -9.744  1.00 34.71 ? 4   G   B C2    1 
ATOM   499 N N2    . G   B 1 4  ? -1.219  17.578  -9.232  1.00 34.63 ? 4   G   B N2    1 
ATOM   500 N N3    . G   B 1 4  ? 0.554   16.225  -9.806  1.00 34.86 ? 4   G   B N3    1 
ATOM   501 C C4    . G   B 1 4  ? 0.856   15.022  -10.354 1.00 34.59 ? 4   G   B C4    1 
ATOM   502 P P     . G   B 1 5  ? 4.524   13.084  -6.080  1.00 34.70 ? 5   G   B P     1 
ATOM   503 O OP1   . G   B 1 5  ? 5.479   13.282  -4.957  1.00 37.04 ? 5   G   B OP1   1 
ATOM   504 O OP2   . G   B 1 5  ? 4.231   11.724  -6.563  1.00 36.09 ? 5   G   B OP2   1 
ATOM   505 O "O5'" . G   B 1 5  ? 3.154   13.750  -5.593  1.00 32.34 ? 5   G   B "O5'" 1 
ATOM   506 C "C5'" . G   B 1 5  ? 3.180   15.049  -4.990  1.00 31.20 ? 5   G   B "C5'" 1 
ATOM   507 C "C4'" . G   B 1 5  ? 1.776   15.556  -4.717  1.00 29.27 ? 5   G   B "C4'" 1 
ATOM   508 O "O4'" . G   B 1 5  ? 1.068   15.819  -5.966  1.00 30.47 ? 5   G   B "O4'" 1 
ATOM   509 C "C3'" . G   B 1 5  ? 0.880   14.598  -3.988  1.00 28.21 ? 5   G   B "C3'" 1 
ATOM   510 O "O3'" . G   B 1 5  ? 1.150   14.700  -2.584  1.00 26.52 ? 5   G   B "O3'" 1 
ATOM   511 C "C2'" . G   B 1 5  ? -0.490  15.155  -4.333  1.00 28.02 ? 5   G   B "C2'" 1 
ATOM   512 O "O2'" . G   B 1 5  ? -0.801  16.348  -3.622  1.00 25.36 ? 5   G   B "O2'" 1 
ATOM   513 C "C1'" . G   B 1 5  ? -0.286  15.447  -5.816  1.00 29.45 ? 5   G   B "C1'" 1 
ATOM   514 N N9    . G   B 1 5  ? -0.588  14.302  -6.667  1.00 29.00 ? 5   G   B N9    1 
ATOM   515 C C8    . G   B 1 5  ? 0.251   13.361  -7.230  1.00 29.64 ? 5   G   B C8    1 
ATOM   516 N N7    . G   B 1 5  ? -0.362  12.457  -7.935  1.00 29.25 ? 5   G   B N7    1 
ATOM   517 C C5    . G   B 1 5  ? -1.708  12.821  -7.813  1.00 29.21 ? 5   G   B C5    1 
ATOM   518 C C6    . G   B 1 5  ? -2.882  12.252  -8.362  1.00 29.59 ? 5   G   B C6    1 
ATOM   519 O O6    . G   B 1 5  ? -3.024  11.245  -9.072  1.00 30.06 ? 5   G   B O6    1 
ATOM   520 N N1    . G   B 1 5  ? -4.018  12.949  -7.970  1.00 28.75 ? 5   G   B N1    1 
ATOM   521 C C2    . G   B 1 5  ? -4.056  14.071  -7.185  1.00 29.70 ? 5   G   B C2    1 
ATOM   522 N N2    . G   B 1 5  ? -5.265  14.605  -6.918  1.00 28.93 ? 5   G   B N2    1 
ATOM   523 N N3    . G   B 1 5  ? -2.970  14.630  -6.681  1.00 29.19 ? 5   G   B N3    1 
ATOM   524 C C4    . G   B 1 5  ? -1.848  13.944  -7.033  1.00 30.19 ? 5   G   B C4    1 
ATOM   525 P P     . C   B 1 6  ? 1.014   13.406  -1.703  1.00 25.39 ? 6   C   B P     1 
ATOM   526 O OP1   . C   B 1 6  ? 1.530   13.782  -0.344  1.00 25.98 ? 6   C   B OP1   1 
ATOM   527 O OP2   . C   B 1 6  ? 1.593   12.245  -2.402  1.00 25.88 ? 6   C   B OP2   1 
ATOM   528 O "O5'" . C   B 1 6  ? -0.561  13.143  -1.583  1.00 25.92 ? 6   C   B "O5'" 1 
ATOM   529 C "C5'" . C   B 1 6  ? -1.397  14.132  -0.951  1.00 25.95 ? 6   C   B "C5'" 1 
ATOM   530 C "C4'" . C   B 1 6  ? -2.861  13.821  -1.189  1.00 26.38 ? 6   C   B "C4'" 1 
ATOM   531 O "O4'" . C   B 1 6  ? -3.197  13.983  -2.600  1.00 26.43 ? 6   C   B "O4'" 1 
ATOM   532 C "C3'" . C   B 1 6  ? -3.283  12.401  -0.861  1.00 25.25 ? 6   C   B "C3'" 1 
ATOM   533 O "O3'" . C   B 1 6  ? -3.359  12.255  0.554   1.00 26.30 ? 6   C   B "O3'" 1 
ATOM   534 C "C2'" . C   B 1 6  ? -4.631  12.383  -1.593  1.00 25.87 ? 6   C   B "C2'" 1 
ATOM   535 O "O2'" . C   B 1 6  ? -5.644  13.078  -0.902  1.00 26.33 ? 6   C   B "O2'" 1 
ATOM   536 C "C1'" . C   B 1 6  ? -4.274  13.106  -2.886  1.00 26.73 ? 6   C   B "C1'" 1 
ATOM   537 N N1    . C   B 1 6  ? -3.850  12.118  -3.902  1.00 27.76 ? 6   C   B N1    1 
ATOM   538 C C2    . C   B 1 6  ? -4.844  11.473  -4.665  1.00 26.55 ? 6   C   B C2    1 
ATOM   539 O O2    . C   B 1 6  ? -6.034  11.742  -4.499  1.00 27.46 ? 6   C   B O2    1 
ATOM   540 N N3    . C   B 1 6  ? -4.452  10.564  -5.573  1.00 26.58 ? 6   C   B N3    1 
ATOM   541 C C4    . C   B 1 6  ? -3.168  10.265  -5.748  1.00 27.58 ? 6   C   B C4    1 
ATOM   542 N N4    . C   B 1 6  ? -2.877  9.348   -6.680  1.00 27.41 ? 6   C   B N4    1 
ATOM   543 C C5    . C   B 1 6  ? -2.144  10.905  -4.993  1.00 27.27 ? 6   C   B C5    1 
ATOM   544 C C6    . C   B 1 6  ? -2.526  11.814  -4.086  1.00 26.91 ? 6   C   B C6    1 
ATOM   545 P P     . G   B 1 7  ? -3.375  10.830  1.271   1.00 25.17 ? 7   G   B P     1 
ATOM   546 O OP1   . G   B 1 7  ? -3.469  11.036  2.738   1.00 27.21 ? 7   G   B OP1   1 
ATOM   547 O OP2   . G   B 1 7  ? -2.260  10.006  0.755   1.00 24.62 ? 7   G   B OP2   1 
ATOM   548 O "O5'" . G   B 1 7  ? -4.736  10.217  0.696   1.00 24.07 ? 7   G   B "O5'" 1 
ATOM   549 C "C5'" . G   B 1 7  ? -4.942  8.835   0.498   1.00 24.35 ? 7   G   B "C5'" 1 
ATOM   550 C "C4'" . G   B 1 7  ? -6.265  8.669   -0.218  1.00 23.30 ? 7   G   B "C4'" 1 
ATOM   551 O "O4'" . G   B 1 7  ? -6.226  9.252   -1.551  1.00 23.13 ? 7   G   B "O4'" 1 
ATOM   552 C "C3'" . G   B 1 7  ? -6.663  7.231   -0.463  1.00 23.31 ? 7   G   B "C3'" 1 
ATOM   553 O "O3'" . G   B 1 7  ? -7.256  6.708   0.686   1.00 24.67 ? 7   G   B "O3'" 1 
ATOM   554 C "C2'" . G   B 1 7  ? -7.664  7.396   -1.595  1.00 24.14 ? 7   G   B "C2'" 1 
ATOM   555 O "O2'" . G   B 1 7  ? -8.906  7.865   -1.117  1.00 24.44 ? 7   G   B "O2'" 1 
ATOM   556 C "C1'" . G   B 1 7  ? -6.923  8.411   -2.454  1.00 24.01 ? 7   G   B "C1'" 1 
ATOM   557 N N9    . G   B 1 7  ? -6.008  7.767   -3.388  1.00 23.21 ? 7   G   B N9    1 
ATOM   558 C C8    . G   B 1 7  ? -4.640  7.831   -3.430  1.00 24.12 ? 7   G   B C8    1 
ATOM   559 N N7    . G   B 1 7  ? -4.111  7.115   -4.387  1.00 24.31 ? 7   G   B N7    1 
ATOM   560 C C5    . G   B 1 7  ? -5.199  6.553   -5.023  1.00 23.20 ? 7   G   B C5    1 
ATOM   561 C C6    . G   B 1 7  ? -5.262  5.673   -6.113  1.00 24.56 ? 7   G   B C6    1 
ATOM   562 O O6    . G   B 1 7  ? -4.309  5.241   -6.771  1.00 24.51 ? 7   G   B O6    1 
ATOM   563 N N1    . G   B 1 7  ? -6.564  5.331   -6.444  1.00 24.22 ? 7   G   B N1    1 
ATOM   564 C C2    . G   B 1 7  ? -7.694  5.762   -5.781  1.00 25.27 ? 7   G   B C2    1 
ATOM   565 N N2    . G   B 1 7  ? -8.886  5.331   -6.219  1.00 25.05 ? 7   G   B N2    1 
ATOM   566 N N3    . G   B 1 7  ? -7.641  6.576   -4.736  1.00 24.14 ? 7   G   B N3    1 
ATOM   567 C C4    . G   B 1 7  ? -6.373  6.945   -4.425  1.00 24.78 ? 7   G   B C4    1 
ATOM   568 P P     . G   B 1 8  ? -7.063  5.155   1.041   1.00 25.40 ? 8   G   B P     1 
ATOM   569 O OP1   . G   B 1 8  ? -7.619  4.944   2.397   1.00 26.70 ? 8   G   B OP1   1 
ATOM   570 O OP2   . G   B 1 8  ? -5.678  4.762   0.700   1.00 27.70 ? 8   G   B OP2   1 
ATOM   571 O "O5'" . G   B 1 8  ? -7.948  4.417   -0.048  1.00 25.56 ? 8   G   B "O5'" 1 
ATOM   572 C "C5'" . G   B 1 8  ? -9.366  4.536   -0.098  1.00 25.11 ? 8   G   B "C5'" 1 
ATOM   573 C "C4'" . G   B 1 8  ? -9.918  3.697   -1.229  1.00 26.00 ? 8   G   B "C4'" 1 
ATOM   574 O "O4'" . G   B 1 8  ? -9.486  4.222   -2.500  1.00 24.81 ? 8   G   B "O4'" 1 
ATOM   575 C "C3'" . G   B 1 8  ? -9.466  2.231   -1.255  1.00 25.36 ? 8   G   B "C3'" 1 
ATOM   576 O "O3'" . G   B 1 8  ? -10.156 1.458   -0.254  1.00 28.98 ? 8   G   B "O3'" 1 
ATOM   577 C "C2'" . G   B 1 8  ? -9.800  1.883   -2.692  1.00 25.57 ? 8   G   B "C2'" 1 
ATOM   578 O "O2'" . G   B 1 8  ? -11.190 1.747   -2.968  1.00 28.21 ? 8   G   B "O2'" 1 
ATOM   579 C "C1'" . G   B 1 8  ? -9.257  3.123   -3.383  1.00 25.59 ? 8   G   B "C1'" 1 
ATOM   580 N N9    . G   B 1 8  ? -7.832  3.063   -3.707  1.00 23.39 ? 8   G   B N9    1 
ATOM   581 C C8    . G   B 1 8  ? -6.782  3.733   -3.123  1.00 23.80 ? 8   G   B C8    1 
ATOM   582 N N7    . G   B 1 8  ? -5.629  3.478   -3.667  1.00 23.23 ? 8   G   B N7    1 
ATOM   583 C C5    . G   B 1 8  ? -5.940  2.589   -4.691  1.00 23.22 ? 8   G   B C5    1 
ATOM   584 C C6    . G   B 1 8  ? -5.111  1.931   -5.630  1.00 25.00 ? 8   G   B C6    1 
ATOM   585 O O6    . G   B 1 8  ? -3.893  2.044   -5.776  1.00 23.97 ? 8   G   B O6    1 
ATOM   586 N N1    . G   B 1 8  ? -5.843  1.097   -6.478  1.00 25.23 ? 8   G   B N1    1 
ATOM   587 C C2    . G   B 1 8  ? -7.214  0.908   -6.430  1.00 25.80 ? 8   G   B C2    1 
ATOM   588 N N2    . G   B 1 8  ? -7.775  0.076   -7.316  1.00 25.56 ? 8   G   B N2    1 
ATOM   589 N N3    . G   B 1 8  ? -7.995  1.513   -5.547  1.00 24.44 ? 8   G   B N3    1 
ATOM   590 C C4    . G   B 1 8  ? -7.290  2.330   -4.725  1.00 23.75 ? 8   G   B C4    1 
ATOM   591 P P     . C   B 1 9  ? -9.431  0.226   0.499   1.00 29.77 ? 9   C   B P     1 
ATOM   592 O OP1   . C   B 1 9  ? -10.415 -0.221  1.508   1.00 29.89 ? 9   C   B OP1   1 
ATOM   593 O OP2   . C   B 1 9  ? -8.088  0.633   0.978   1.00 30.04 ? 9   C   B OP2   1 
ATOM   594 O "O5'" . C   B 1 9  ? -9.287  -0.835  -0.681  1.00 28.26 ? 9   C   B "O5'" 1 
ATOM   595 C "C5'" . C   B 1 9  ? -10.417 -1.367  -1.342  1.00 28.58 ? 9   C   B "C5'" 1 
ATOM   596 C "C4'" . C   B 1 9  ? -10.004 -2.263  -2.487  1.00 27.75 ? 9   C   B "C4'" 1 
ATOM   597 O "O4'" . C   B 1 9  ? -9.367  -1.478  -3.517  1.00 26.71 ? 9   C   B "O4'" 1 
ATOM   598 C "C3'" . C   B 1 9  ? -8.976  -3.352  -2.177  1.00 27.88 ? 9   C   B "C3'" 1 
ATOM   599 O "O3'" . C   B 1 9  ? -9.586  -4.451  -1.487  1.00 29.05 ? 9   C   B "O3'" 1 
ATOM   600 C "C2'" . C   B 1 9  ? -8.544  -3.678  -3.602  1.00 27.60 ? 9   C   B "C2'" 1 
ATOM   601 O "O2'" . C   B 1 9  ? -9.508  -4.372  -4.361  1.00 28.59 ? 9   C   B "O2'" 1 
ATOM   602 C "C1'" . C   B 1 9  ? -8.398  -2.270  -4.173  1.00 26.78 ? 9   C   B "C1'" 1 
ATOM   603 N N1    . C   B 1 9  ? -7.031  -1.666  -3.969  1.00 24.74 ? 9   C   B N1    1 
ATOM   604 C C2    . C   B 1 9  ? -6.057  -2.039  -4.888  1.00 24.02 ? 9   C   B C2    1 
ATOM   605 O O2    . C   B 1 9  ? -6.388  -2.809  -5.815  1.00 23.91 ? 9   C   B O2    1 
ATOM   606 N N3    . C   B 1 9  ? -4.818  -1.498  -4.738  1.00 21.34 ? 9   C   B N3    1 
ATOM   607 C C4    . C   B 1 9  ? -4.515  -0.670  -3.728  1.00 24.11 ? 9   C   B C4    1 
ATOM   608 N N4    . C   B 1 9  ? -3.258  -0.197  -3.646  1.00 23.13 ? 9   C   B N4    1 
ATOM   609 C C5    . C   B 1 9  ? -5.504  -0.288  -2.776  1.00 23.10 ? 9   C   B C5    1 
ATOM   610 C C6    . C   B 1 9  ? -6.725  -0.823  -2.928  1.00 23.68 ? 9   C   B C6    1 
ATOM   611 P P     . G   B 1 10 ? -8.708  -5.421  -0.573  1.00 31.10 ? 10  G   B P     1 
ATOM   612 O OP1   . G   B 1 10 ? -9.642  -6.291  0.204   1.00 33.46 ? 10  G   B OP1   1 
ATOM   613 O OP2   . G   B 1 10 ? -7.621  -4.677  0.129   1.00 29.74 ? 10  G   B OP2   1 
ATOM   614 O "O5'" . G   B 1 10 ? -8.121  -6.304  -1.754  1.00 31.38 ? 10  G   B "O5'" 1 
ATOM   615 C "C5'" . G   B 1 10 ? -6.922  -7.036  -1.651  1.00 31.43 ? 10  G   B "C5'" 1 
ATOM   616 C "C4'" . G   B 1 10 ? -6.664  -7.602  -3.042  1.00 30.52 ? 10  G   B "C4'" 1 
ATOM   617 O "O4'" . G   B 1 10 ? -6.671  -6.550  -4.075  1.00 28.72 ? 10  G   B "O4'" 1 
ATOM   618 C "C3'" . G   B 1 10 ? -5.327  -8.300  -3.143  1.00 28.78 ? 10  G   B "C3'" 1 
ATOM   619 O "O3'" . G   B 1 10 ? -5.431  -9.623  -2.562  1.00 31.45 ? 10  G   B "O3'" 1 
ATOM   620 C "C2'" . G   B 1 10 ? -5.089  -8.208  -4.653  1.00 27.44 ? 10  G   B "C2'" 1 
ATOM   621 O "O2'" . G   B 1 10 ? -5.757  -9.172  -5.419  1.00 30.75 ? 10  G   B "O2'" 1 
ATOM   622 C "C1'" . G   B 1 10 ? -5.617  -6.802  -4.987  1.00 28.85 ? 10  G   B "C1'" 1 
ATOM   623 N N9    . G   B 1 10 ? -4.476  -5.939  -4.810  1.00 27.81 ? 10  G   B N9    1 
ATOM   624 C C8    . G   B 1 10 ? -3.378  -5.978  -5.649  1.00 27.23 ? 10  G   B C8    1 
ATOM   625 N N7    . G   B 1 10 ? -2.429  -5.169  -5.295  1.00 25.16 ? 10  G   B N7    1 
ATOM   626 C C5    . G   B 1 10 ? -2.915  -4.585  -4.144  1.00 25.32 ? 10  G   B C5    1 
ATOM   627 C C6    . G   B 1 10 ? -2.296  -3.629  -3.318  1.00 25.55 ? 10  G   B C6    1 
ATOM   628 O O6    . G   B 1 10 ? -1.196  -3.073  -3.426  1.00 25.85 ? 10  G   B O6    1 
ATOM   629 N N1    . G   B 1 10 ? -3.110  -3.305  -2.258  1.00 26.22 ? 10  G   B N1    1 
ATOM   630 C C2    . G   B 1 10 ? -4.348  -3.817  -1.994  1.00 24.84 ? 10  G   B C2    1 
ATOM   631 N N2    . G   B 1 10 ? -4.935  -3.330  -0.873  1.00 26.24 ? 10  G   B N2    1 
ATOM   632 N N3    . G   B 1 10 ? -4.940  -4.710  -2.757  1.00 25.12 ? 10  G   B N3    1 
ATOM   633 C C4    . G   B 1 10 ? -4.171  -5.050  -3.812  1.00 25.02 ? 10  G   B C4    1 
ATOM   634 P P     . G   B 1 11 ? -4.151  -10.251 -1.840  1.00 34.21 ? 11  G   B P     1 
ATOM   635 O OP1   . G   B 1 11 ? -4.446  -11.659 -1.478  1.00 34.94 ? 11  G   B OP1   1 
ATOM   636 O OP2   . G   B 1 11 ? -3.720  -9.354  -0.744  1.00 33.23 ? 11  G   B OP2   1 
ATOM   637 O "O5'" . G   B 1 11 ? -3.038  -10.163 -2.981  1.00 29.13 ? 11  G   B "O5'" 1 
ATOM   638 C "C5'" . G   B 1 11 ? -3.057  -11.039 -4.090  1.00 27.74 ? 11  G   B "C5'" 1 
ATOM   639 C "C4'" . G   B 1 11 ? -1.733  -10.969 -4.798  1.00 26.18 ? 11  G   B "C4'" 1 
ATOM   640 O "O4'" . G   B 1 11 ? -1.517  -9.643  -5.360  1.00 26.24 ? 11  G   B "O4'" 1 
ATOM   641 C "C3'" . G   B 1 11 ? -0.482  -11.205 -3.944  1.00 24.14 ? 11  G   B "C3'" 1 
ATOM   642 O "O3'" . G   B 1 11 ? -0.322  -12.581 -3.635  1.00 24.14 ? 11  G   B "O3'" 1 
ATOM   643 C "C2'" . G   B 1 11 ? 0.564   -10.693 -4.913  1.00 22.74 ? 11  G   B "C2'" 1 
ATOM   644 O "O2'" . G   B 1 11 ? 0.784   -11.480 -6.070  1.00 24.84 ? 11  G   B "O2'" 1 
ATOM   645 C "C1'" . G   B 1 11 ? -0.109  -9.406  -5.339  1.00 25.06 ? 11  G   B "C1'" 1 
ATOM   646 N N9    . G   B 1 11 ? 0.181   -8.326  -4.418  1.00 23.35 ? 11  G   B N9    1 
ATOM   647 C C8    . G   B 1 11 ? -0.653  -7.755  -3.499  1.00 22.28 ? 11  G   B C8    1 
ATOM   648 N N7    . G   B 1 11 ? -0.111  -6.784  -2.841  1.00 23.22 ? 11  G   B N7    1 
ATOM   649 C C5    . G   B 1 11 ? 1.191   -6.705  -3.346  1.00 21.89 ? 11  G   B C5    1 
ATOM   650 C C6    . G   B 1 11 ? 2.259   -5.834  -3.017  1.00 21.77 ? 11  G   B C6    1 
ATOM   651 O O6    . G   B 1 11 ? 2.250   -4.926  -2.167  1.00 21.14 ? 11  G   B O6    1 
ATOM   652 N N1    . G   B 1 11 ? 3.386   -6.133  -3.773  1.00 21.56 ? 11  G   B N1    1 
ATOM   653 C C2    . G   B 1 11 ? 3.520   -7.099  -4.727  1.00 23.84 ? 11  G   B C2    1 
ATOM   654 N N2    . G   B 1 11 ? 4.718   -7.205  -5.344  1.00 24.39 ? 11  G   B N2    1 
ATOM   655 N N3    . G   B 1 11 ? 2.514   -7.905  -5.075  1.00 24.39 ? 11  G   B N3    1 
ATOM   656 C C4    . G   B 1 11 ? 1.397   -7.648  -4.322  1.00 21.43 ? 11  G   B C4    1 
ATOM   657 P P     . C   B 1 12 ? 0.328   -13.103 -2.296  1.00 23.45 ? 12  C   B P     1 
ATOM   658 O OP1   . C   B 1 12 ? 0.239   -14.585 -2.415  1.00 25.31 ? 12  C   B OP1   1 
ATOM   659 O OP2   . C   B 1 12 ? -0.122  -12.417 -1.086  1.00 21.08 ? 12  C   B OP2   1 
ATOM   660 O "O5'" . C   B 1 12 ? 1.866   -12.632 -2.438  1.00 20.17 ? 12  C   B "O5'" 1 
ATOM   661 C "C5'" . C   B 1 12 ? 2.596   -13.212 -3.488  1.00 19.30 ? 12  C   B "C5'" 1 
ATOM   662 C "C4'" . C   B 1 12 ? 3.990   -12.648 -3.466  1.00 18.43 ? 12  C   B "C4'" 1 
ATOM   663 O "O4'" . C   B 1 12 ? 3.891   -11.250 -3.829  1.00 17.69 ? 12  C   B "O4'" 1 
ATOM   664 C "C3'" . C   B 1 12 ? 4.728   -12.597 -2.149  1.00 16.25 ? 12  C   B "C3'" 1 
ATOM   665 O "O3'" . C   B 1 12 ? 5.332   -13.864 -1.870  1.00 14.49 ? 12  C   B "O3'" 1 
ATOM   666 C "C2'" . C   B 1 12 ? 5.794   -11.564 -2.472  1.00 15.76 ? 12  C   B "C2'" 1 
ATOM   667 O "O2'" . C   B 1 12 ? 6.833   -12.061 -3.310  1.00 16.20 ? 12  C   B "O2'" 1 
ATOM   668 C "C1'" . C   B 1 12 ? 4.953   -10.546 -3.220  1.00 16.10 ? 12  C   B "C1'" 1 
ATOM   669 N N1    . C   B 1 12 ? 4.414   -9.521  -2.283  1.00 16.23 ? 12  C   B N1    1 
ATOM   670 C C2    . C   B 1 12 ? 5.277   -8.513  -1.864  1.00 15.83 ? 12  C   B C2    1 
ATOM   671 O O2    . C   B 1 12 ? 6.444   -8.491  -2.272  1.00 15.06 ? 12  C   B O2    1 
ATOM   672 N N3    . C   B 1 12 ? 4.811   -7.581  -0.998  1.00 14.03 ? 12  C   B N3    1 
ATOM   673 C C4    . C   B 1 12 ? 3.526   -7.635  -0.559  1.00 15.21 ? 12  C   B C4    1 
ATOM   674 N N4    . C   B 1 12 ? 3.126   -6.667  0.281   1.00 15.10 ? 12  C   B N4    1 
ATOM   675 C C5    . C   B 1 12 ? 2.641   -8.674  -0.953  1.00 15.77 ? 12  C   B C5    1 
ATOM   676 C C6    . C   B 1 12 ? 3.119   -9.593  -1.811  1.00 16.74 ? 12  C   B C6    1 
ATOM   677 P P     . U   B 1 13 ? 5.466   -14.381 -0.419  1.00 15.43 ? 13  U   B P     1 
ATOM   678 O OP1   . U   B 1 13 ? 5.959   -15.788 -0.471  1.00 16.44 ? 13  U   B OP1   1 
ATOM   679 O OP2   . U   B 1 13 ? 4.253   -14.092 0.386   1.00 16.47 ? 13  U   B OP2   1 
ATOM   680 O "O5'" . U   B 1 13 ? 6.603   -13.469 0.241   1.00 14.57 ? 13  U   B "O5'" 1 
ATOM   681 C "C5'" . U   B 1 13 ? 7.914   -13.501 -0.356  1.00 13.64 ? 13  U   B "C5'" 1 
ATOM   682 C "C4'" . U   B 1 13 ? 8.739   -12.331 0.186   1.00 12.33 ? 13  U   B "C4'" 1 
ATOM   683 O "O4'" . U   B 1 13 ? 8.175   -11.055 -0.239  1.00 12.38 ? 13  U   B "O4'" 1 
ATOM   684 C "C3'" . U   B 1 13 ? 8.826   -12.200 1.693   1.00 11.78 ? 13  U   B "C3'" 1 
ATOM   685 O "O3'" . U   B 1 13 ? 9.790   -13.080 2.295   1.00 10.33 ? 13  U   B "O3'" 1 
ATOM   686 C "C2'" . U   B 1 13 ? 9.251   -10.728 1.822   1.00 10.61 ? 13  U   B "C2'" 1 
ATOM   687 O "O2'" . U   B 1 13 ? 10.625  -10.519 1.493   1.00 12.63 ? 13  U   B "O2'" 1 
ATOM   688 C "C1'" . U   B 1 13 ? 8.364   -10.081 0.775   1.00 11.78 ? 13  U   B "C1'" 1 
ATOM   689 N N1    . U   B 1 13 ? 7.027   -9.638  1.322   1.00 11.50 ? 13  U   B N1    1 
ATOM   690 C C2    . U   B 1 13 ? 7.003   -8.430  1.973   1.00 13.28 ? 13  U   B C2    1 
ATOM   691 O O2    . U   B 1 13 ? 8.013   -7.764  2.108   1.00 12.83 ? 13  U   B O2    1 
ATOM   692 N N3    . U   B 1 13 ? 5.778   -8.064  2.478   1.00 12.25 ? 13  U   B N3    1 
ATOM   693 C C4    . U   B 1 13 ? 4.595   -8.771  2.393   1.00 14.71 ? 13  U   B C4    1 
ATOM   694 O O4    . U   B 1 13 ? 3.553   -8.322  2.908   1.00 15.11 ? 13  U   B O4    1 
ATOM   695 C C5    . U   B 1 13 ? 4.708   -10.028 1.704   1.00 14.20 ? 13  U   B C5    1 
ATOM   696 C C6    . U   B 1 13 ? 5.897   -10.412 1.206   1.00 13.48 ? 13  U   B C6    1 
ATOM   697 P P     . G   B 1 14 ? 9.676   -13.522 3.810   1.00 11.29 ? 14  G   B P     1 
ATOM   698 O OP1   . G   B 1 14 ? 10.668  -14.615 4.055   1.00 12.13 ? 14  G   B OP1   1 
ATOM   699 O OP2   . G   B 1 14 ? 8.256   -13.737 4.170   1.00 11.48 ? 14  G   B OP2   1 
ATOM   700 O "O5'" . G   B 1 14 ? 10.089  -12.185 4.667   1.00 12.02 ? 14  G   B "O5'" 1 
ATOM   701 C "C5'" . G   B 1 14 ? 11.421  -11.962 4.994   1.00 13.78 ? 14  G   B "C5'" 1 
ATOM   702 C "C4'" . G   B 1 14 ? 11.610  -10.571 5.552   1.00 9.58  ? 14  G   B "C4'" 1 
ATOM   703 O "O4'" . G   B 1 14 ? 10.891  -9.569  4.785   1.00 10.82 ? 14  G   B "O4'" 1 
ATOM   704 C "C3'" . G   B 1 14 ? 11.096  -10.339 6.965   1.00 9.27  ? 14  G   B "C3'" 1 
ATOM   705 O "O3'" . G   B 1 14 ? 11.946  -11.012 7.860   1.00 10.10 ? 14  G   B "O3'" 1 
ATOM   706 C "C2'" . G   B 1 14 ? 11.222  -8.820  6.983   1.00 9.79  ? 14  G   B "C2'" 1 
ATOM   707 O "O2'" . G   B 1 14 ? 12.589  -8.444  7.017   1.00 10.47 ? 14  G   B "O2'" 1 
ATOM   708 C "C1'" . G   B 1 14 ? 10.554  -8.491  5.661   1.00 11.01 ? 14  G   B "C1'" 1 
ATOM   709 N N9    . G   B 1 14 ? 9.099   -8.355  5.775   1.00 9.82  ? 14  G   B N9    1 
ATOM   710 C C8    . G   B 1 14 ? 8.088   -9.199  5.360   1.00 11.18 ? 14  G   B C8    1 
ATOM   711 N N7    . G   B 1 14 ? 6.898   -8.761  5.650   1.00 11.03 ? 14  G   B N7    1 
ATOM   712 C C5    . G   B 1 14 ? 7.124   -7.551  6.306   1.00 9.73  ? 14  G   B C5    1 
ATOM   713 C C6    . G   B 1 14 ? 6.216   -6.621  6.874   1.00 9.08  ? 14  G   B C6    1 
ATOM   714 O O6    . G   B 1 14 ? 4.967   -6.651  6.893   1.00 9.81  ? 14  G   B O6    1 
ATOM   715 N N1    . G   B 1 14 ? 6.886   -5.548  7.446   1.00 9.70  ? 14  G   B N1    1 
ATOM   716 C C2    . G   B 1 14 ? 8.250   -5.392  7.477   1.00 9.77  ? 14  G   B C2    1 
ATOM   717 N N2    . G   B 1 14 ? 8.726   -4.283  8.078   1.00 8.68  ? 14  G   B N2    1 
ATOM   718 N N3    . G   B 1 14 ? 9.100   -6.260  6.946   1.00 7.08  ? 14  G   B N3    1 
ATOM   719 C C4    . G   B 1 14 ? 8.469   -7.319  6.393   1.00 8.09  ? 14  G   B C4    1 
ATOM   720 P P     . C   B 1 15 ? 11.536  -11.318 9.354   1.00 11.34 ? 15  C   B P     1 
ATOM   721 O OP1   . C   B 1 15 ? 12.651  -12.100 9.964   1.00 12.84 ? 15  C   B OP1   1 
ATOM   722 O OP2   . C   B 1 15 ? 10.154  -11.821 9.425   1.00 13.49 ? 15  C   B OP2   1 
ATOM   723 O "O5'" . C   B 1 15 ? 11.440  -9.916  10.079  1.00 10.00 ? 15  C   B "O5'" 1 
ATOM   724 C "C5'" . C   B 1 15 ? 12.599  -9.092  10.314  1.00 10.67 ? 15  C   B "C5'" 1 
ATOM   725 C "C4'" . C   B 1 15 ? 12.216  -7.776  10.925  1.00 8.28  ? 15  C   B "C4'" 1 
ATOM   726 O "O4'" . C   B 1 15 ? 11.372  -7.024  10.037  1.00 8.93  ? 15  C   B "O4'" 1 
ATOM   727 C "C3'" . C   B 1 15 ? 11.428  -7.855  12.220  1.00 9.91  ? 15  C   B "C3'" 1 
ATOM   728 O "O3'" . C   B 1 15 ? 12.270  -8.175  13.298  1.00 10.97 ? 15  C   B "O3'" 1 
ATOM   729 C "C2'" . C   B 1 15 ? 10.891  -6.456  12.286  1.00 7.65  ? 15  C   B "C2'" 1 
ATOM   730 O "O2'" . C   B 1 15 ? 11.849  -5.449  12.621  1.00 9.42  ? 15  C   B "O2'" 1 
ATOM   731 C "C1'" . C   B 1 15 ? 10.475  -6.277  10.824  1.00 9.12  ? 15  C   B "C1'" 1 
ATOM   732 N N1    . C   B 1 15 ? 9.082   -6.731  10.582  1.00 8.14  ? 15  C   B N1    1 
ATOM   733 C C2    . C   B 1 15 ? 8.054   -5.893  11.040  1.00 8.53  ? 15  C   B C2    1 
ATOM   734 O O2    . C   B 1 15 ? 8.342   -4.832  11.628  1.00 10.18 ? 15  C   B O2    1 
ATOM   735 N N3    . C   B 1 15 ? 6.782   -6.279  10.815  1.00 7.76  ? 15  C   B N3    1 
ATOM   736 C C4    . C   B 1 15 ? 6.499   -7.441  10.198  1.00 9.34  ? 15  C   B C4    1 
ATOM   737 N N4    . C   B 1 15 ? 5.225   -7.788  9.999   1.00 9.84  ? 15  C   B N4    1 
ATOM   738 C C5    . C   B 1 15 ? 7.526   -8.315  9.719   1.00 9.23  ? 15  C   B C5    1 
ATOM   739 C C6    . C   B 1 15 ? 8.787   -7.929  9.968   1.00 8.33  ? 15  C   B C6    1 
ATOM   740 P P     . U   B 1 16 ? 11.741  -9.117  14.460  1.00 13.53 ? 16  U   B P     1 
ATOM   741 O OP1   . U   B 1 16 ? 12.901  -9.280  15.417  1.00 17.39 ? 16  U   B OP1   1 
ATOM   742 O OP2   . U   B 1 16 ? 11.077  -10.314 13.945  1.00 14.34 ? 16  U   B OP2   1 
ATOM   743 O "O5'" . U   B 1 16 ? 10.623  -8.207  15.160  1.00 12.84 ? 16  U   B "O5'" 1 
ATOM   744 C "C5'" . U   B 1 16 ? 10.942  -6.973  15.732  1.00 12.11 ? 16  U   B "C5'" 1 
ATOM   745 C "C4'" . U   B 1 16 ? 9.690   -6.223  16.137  1.00 13.23 ? 16  U   B "C4'" 1 
ATOM   746 O "O4'" . U   B 1 16 ? 8.924   -5.875  14.956  1.00 11.47 ? 16  U   B "O4'" 1 
ATOM   747 C "C3'" . U   B 1 16 ? 8.734   -6.984  17.034  1.00 13.48 ? 16  U   B "C3'" 1 
ATOM   748 O "O3'" . U   B 1 16 ? 9.189   -6.985  18.402  1.00 16.58 ? 16  U   B "O3'" 1 
ATOM   749 C "C2'" . U   B 1 16 ? 7.470   -6.185  16.783  1.00 12.38 ? 16  U   B "C2'" 1 
ATOM   750 O "O2'" . U   B 1 16 ? 7.449   -4.968  17.490  1.00 12.86 ? 16  U   B "O2'" 1 
ATOM   751 C "C1'" . U   B 1 16 ? 7.540   -5.898  15.280  1.00 11.41 ? 16  U   B "C1'" 1 
ATOM   752 N N1    . U   B 1 16 ? 6.842   -6.952  14.496  1.00 8.86  ? 16  U   B N1    1 
ATOM   753 C C2    . U   B 1 16 ? 5.474   -6.887  14.476  1.00 10.92 ? 16  U   B C2    1 
ATOM   754 O O2    . U   B 1 16 ? 4.875   -5.980  15.039  1.00 10.67 ? 16  U   B O2    1 
ATOM   755 N N3    . U   B 1 16 ? 4.872   -7.883  13.758  1.00 10.14 ? 16  U   B N3    1 
ATOM   756 C C4    . U   B 1 16 ? 5.467   -8.942  13.102  1.00 12.73 ? 16  U   B C4    1 
ATOM   757 O O4    . U   B 1 16 ? 4.746   -9.767  12.522  1.00 12.87 ? 16  U   B O4    1 
ATOM   758 C C5    . U   B 1 16 ? 6.904   -8.950  13.197  1.00 11.29 ? 16  U   B C5    1 
ATOM   759 C C6    . U   B 1 16 ? 7.510   -7.980  13.881  1.00 11.34 ? 16  U   B C6    1 
ATOM   760 P P     . G   B 1 17 ? 8.596   -8.001  19.463  1.00 18.24 ? 17  G   B P     1 
ATOM   761 O OP1   . G   B 1 17 ? 9.604   -8.047  20.563  1.00 18.61 ? 17  G   B OP1   1 
ATOM   762 O OP2   . G   B 1 17 ? 8.130   -9.268  18.838  1.00 17.05 ? 17  G   B OP2   1 
ATOM   763 O "O5'" . G   B 1 17 ? 7.304   -7.233  20.012  1.00 14.63 ? 17  G   B "O5'" 1 
ATOM   764 C "C5'" . G   B 1 17 ? 7.392   -6.049  20.813  1.00 14.38 ? 17  G   B "C5'" 1 
ATOM   765 C "C4'" . G   B 1 17 ? 5.988   -5.673  21.284  1.00 12.84 ? 17  G   B "C4'" 1 
ATOM   766 O "O4'" . G   B 1 17 ? 5.194   -5.246  20.152  1.00 13.74 ? 17  G   B "O4'" 1 
ATOM   767 C "C3'" . G   B 1 17 ? 5.151   -6.768  21.915  1.00 15.05 ? 17  G   B "C3'" 1 
ATOM   768 O "O3'" . G   B 1 17 ? 5.473   -7.025  23.294  1.00 16.99 ? 17  G   B "O3'" 1 
ATOM   769 C "C2'" . G   B 1 17 ? 3.775   -6.154  21.778  1.00 14.66 ? 17  G   B "C2'" 1 
ATOM   770 O "O2'" . G   B 1 17 ? 3.577   -5.067  22.678  1.00 16.88 ? 17  G   B "O2'" 1 
ATOM   771 C "C1'" . G   B 1 17 ? 3.839   -5.663  20.342  1.00 15.11 ? 17  G   B "C1'" 1 
ATOM   772 N N9    . G   B 1 17 ? 3.540   -6.697  19.353  1.00 13.97 ? 17  G   B N9    1 
ATOM   773 C C8    . G   B 1 17 ? 4.440   -7.424  18.622  1.00 13.78 ? 17  G   B C8    1 
ATOM   774 N N7    . G   B 1 17 ? 3.896   -8.255  17.801  1.00 13.93 ? 17  G   B N7    1 
ATOM   775 C C5    . G   B 1 17 ? 2.523   -8.073  17.995  1.00 13.09 ? 17  G   B C5    1 
ATOM   776 C C6    . G   B 1 17 ? 1.411   -8.702  17.377  1.00 14.04 ? 17  G   B C6    1 
ATOM   777 O O6    . G   B 1 17 ? 1.375   -9.590  16.519  1.00 13.13 ? 17  G   B O6    1 
ATOM   778 N N1    . G   B 1 17 ? 0.209   -8.227  17.877  1.00 13.92 ? 17  G   B N1    1 
ATOM   779 C C2    . G   B 1 17 ? 0.090   -7.245  18.847  1.00 14.72 ? 17  G   B C2    1 
ATOM   780 N N2    . G   B 1 17 ? -1.153  -6.917  19.217  1.00 14.37 ? 17  G   B N2    1 
ATOM   781 N N3    . G   B 1 17 ? 1.123   -6.653  19.443  1.00 11.82 ? 17  G   B N3    1 
ATOM   782 C C4    . G   B 1 17 ? 2.300   -7.117  18.963  1.00 14.48 ? 17  G   B C4    1 
ATOM   783 P P     . C   B 1 18 ? 5.248   -8.490  23.885  1.00 17.21 ? 18  C   B P     1 
ATOM   784 O OP1   . C   B 1 18 ? 5.822   -8.471  25.269  1.00 19.31 ? 18  C   B OP1   1 
ATOM   785 O OP2   . C   B 1 18 ? 5.638   -9.564  22.946  1.00 19.24 ? 18  C   B OP2   1 
ATOM   786 O "O5'" . C   B 1 18 ? 3.649   -8.562  23.993  1.00 16.94 ? 18  C   B "O5'" 1 
ATOM   787 C "C5'" . C   B 1 18 ? 2.899   -7.703  24.846  1.00 16.17 ? 18  C   B "C5'" 1 
ATOM   788 C "C4'" . C   B 1 18 ? 1.420   -7.891  24.553  1.00 14.43 ? 18  C   B "C4'" 1 
ATOM   789 O "O4'" . C   B 1 18 ? 1.158   -7.658  23.160  1.00 15.28 ? 18  C   B "O4'" 1 
ATOM   790 C "C3'" . C   B 1 18 ? 0.833   -9.281  24.760  1.00 14.58 ? 18  C   B "C3'" 1 
ATOM   791 O "O3'" . C   B 1 18 ? 0.642   -9.553  26.141  1.00 15.02 ? 18  C   B "O3'" 1 
ATOM   792 C "C2'" . C   B 1 18 ? -0.462  -9.152  23.980  1.00 14.99 ? 18  C   B "C2'" 1 
ATOM   793 O "O2'" . C   B 1 18 ? -1.468  -8.354  24.564  1.00 17.66 ? 18  C   B "O2'" 1 
ATOM   794 C "C1'" . C   B 1 18 ? 0.057   -8.442  22.740  1.00 15.50 ? 18  C   B "C1'" 1 
ATOM   795 N N1    . C   B 1 18 ? 0.522   -9.385  21.710  1.00 14.79 ? 18  C   B N1    1 
ATOM   796 C C2    . C   B 1 18 ? -0.474  -10.020 20.950  1.00 15.34 ? 18  C   B C2    1 
ATOM   797 O O2    . C   B 1 18 ? -1.663  -9.766  21.172  1.00 15.59 ? 18  C   B O2    1 
ATOM   798 N N3    . C   B 1 18 ? -0.067  -10.880 19.985  1.00 15.09 ? 18  C   B N3    1 
ATOM   799 C C4    . C   B 1 18 ? 1.219   -11.091 19.776  1.00 12.51 ? 18  C   B C4    1 
ATOM   800 N N4    . C   B 1 18 ? 1.588   -11.944 18.806  1.00 17.08 ? 18  C   B N4    1 
ATOM   801 C C5    . C   B 1 18 ? 2.255   -10.445 20.541  1.00 15.74 ? 18  C   B C5    1 
ATOM   802 C C6    . C   B 1 18 ? 1.848   -9.618  21.504  1.00 15.56 ? 18  C   B C6    1 
ATOM   803 P P     . C   B 1 19 ? 0.783   -11.029 26.714  1.00 18.66 ? 19  C   B P     1 
ATOM   804 O OP1   . C   B 1 19 ? 0.614   -10.942 28.188  1.00 19.72 ? 19  C   B OP1   1 
ATOM   805 O OP2   . C   B 1 19 ? 2.020   -11.641 26.213  1.00 18.54 ? 19  C   B OP2   1 
ATOM   806 O "O5'" . C   B 1 19 ? -0.421  -11.821 26.060  1.00 18.80 ? 19  C   B "O5'" 1 
ATOM   807 C "C5'" . C   B 1 19 ? -1.737  -11.481 26.447  1.00 16.32 ? 19  C   B "C5'" 1 
ATOM   808 C "C4'" . C   B 1 19 ? -2.712  -12.262 25.616  1.00 16.48 ? 19  C   B "C4'" 1 
ATOM   809 O "O4'" . C   B 1 19 ? -2.572  -11.897 24.236  1.00 15.98 ? 19  C   B "O4'" 1 
ATOM   810 C "C3'" . C   B 1 19 ? -2.566  -13.774 25.613  1.00 17.40 ? 19  C   B "C3'" 1 
ATOM   811 O "O3'" . C   B 1 19 ? -3.053  -14.318 26.839  1.00 20.08 ? 19  C   B "O3'" 1 
ATOM   812 C "C2'" . C   B 1 19 ? -3.441  -14.100 24.419  1.00 15.30 ? 19  C   B "C2'" 1 
ATOM   813 O "O2'" . C   B 1 19 ? -4.829  -13.997 24.672  1.00 18.54 ? 19  C   B "O2'" 1 
ATOM   814 C "C1'" . C   B 1 19 ? -2.981  -13.005 23.450  1.00 13.99 ? 19  C   B "C1'" 1 
ATOM   815 N N1    . C   B 1 19 ? -1.854  -13.471 22.639  1.00 12.39 ? 19  C   B N1    1 
ATOM   816 C C2    . C   B 1 19 ? -2.190  -14.283 21.540  1.00 13.81 ? 19  C   B C2    1 
ATOM   817 O O2    . C   B 1 19 ? -3.386  -14.574 21.304  1.00 16.77 ? 19  C   B O2    1 
ATOM   818 N N3    . C   B 1 19 ? -1.183  -14.748 20.766  1.00 16.29 ? 19  C   B N3    1 
ATOM   819 C C4    . C   B 1 19 ? 0.095   -14.474 21.029  1.00 14.31 ? 19  C   B C4    1 
ATOM   820 N N4    . C   B 1 19 ? 1.023   -15.001 20.215  1.00 14.38 ? 19  C   B N4    1 
ATOM   821 C C5    . C   B 1 19 ? 0.455   -13.666 22.141  1.00 14.82 ? 19  C   B C5    1 
ATOM   822 C C6    . C   B 1 19 ? -0.538  -13.198 22.908  1.00 14.41 ? 19  C   B C6    1 
HETATM 823 O O     . HOH C 2 .  ? -3.625  -0.025  17.490  0.33 22.88 ? 101 HOH A O     1 
HETATM 824 O O     . HOH C 2 .  ? 11.376  -3.949  -8.729  0.33 30.03 ? 102 HOH A O     1 
HETATM 825 O O     . HOH C 2 .  ? 11.043  -2.094  -10.929 0.33 30.64 ? 103 HOH A O     1 
HETATM 826 O O     . HOH C 2 .  ? -4.260  -8.529  12.675  1.00 24.18 ? 104 HOH A O     1 
HETATM 827 O O     . HOH C 2 .  ? -4.001  1.954   15.103  0.33 28.00 ? 105 HOH A O     1 
HETATM 828 O O     . HOH C 2 .  ? -7.739  21.461  -8.590  0.33 31.19 ? 106 HOH A O     1 
HETATM 829 O O     . HOH C 2 .  ? 2.200   3.598   14.745  1.00 28.19 ? 107 HOH A O     1 
HETATM 830 O O     . HOH C 2 .  ? -7.005  -17.000 19.390  1.00 26.50 ? 108 HOH A O     1 
HETATM 831 O O     . HOH C 2 .  ? 0.417   -5.123  8.280   1.00 31.50 ? 109 HOH A O     1 
HETATM 832 O O     . HOH C 2 .  ? -0.630  -5.752  10.927  1.00 26.59 ? 110 HOH A O     1 
HETATM 833 O O     . HOH C 2 .  ? -11.407 -6.606  12.766  1.00 25.75 ? 111 HOH A O     1 
HETATM 834 O O     . HOH C 2 .  ? -4.066  18.121  -8.429  1.00 32.69 ? 112 HOH A O     1 
HETATM 835 O O     . HOH C 2 .  ? 1.144   -2.423  5.668   1.00 46.14 ? 113 HOH A O     1 
HETATM 836 O O     . HOH C 2 .  ? -1.931  24.534  -11.891 1.00 35.46 ? 114 HOH A O     1 
HETATM 837 O O     . HOH C 2 .  ? 2.049   -7.498  -11.827 1.00 57.95 ? 115 HOH A O     1 
HETATM 838 O O     . HOH C 2 .  ? 0.108   1.943   -8.662  1.00 36.30 ? 116 HOH A O     1 
HETATM 839 O O     . HOH C 2 .  ? -0.821  -12.794 13.112  1.00 31.49 ? 117 HOH A O     1 
HETATM 840 O O     . HOH C 2 .  ? -7.429  -18.790 17.250  1.00 33.06 ? 118 HOH A O     1 
HETATM 841 O O     . HOH C 2 .  ? -10.424 3.478   -7.964  1.00 34.74 ? 119 HOH A O     1 
HETATM 842 O O     . HOH C 2 .  ? -0.551  -9.087  12.233  1.00 30.16 ? 120 HOH A O     1 
HETATM 843 O O     . HOH C 2 .  ? 2.389   -18.286 17.676  1.00 32.20 ? 121 HOH A O     1 
HETATM 844 O O     . HOH C 2 .  ? 0.987   -0.185  7.685   1.00 30.00 ? 122 HOH A O     1 
HETATM 845 O O     . HOH C 2 .  ? -9.772  12.306  -13.916 1.00 42.89 ? 123 HOH A O     1 
HETATM 846 O O     . HOH C 2 .  ? 6.212   -5.518  -12.734 1.00 36.05 ? 124 HOH A O     1 
HETATM 847 O O     . HOH C 2 .  ? -0.510  -1.867  10.160  1.00 35.24 ? 125 HOH A O     1 
HETATM 848 O O     . HOH C 2 .  ? 3.730   -0.204  6.794   1.00 31.71 ? 126 HOH A O     1 
HETATM 849 O O     . HOH C 2 .  ? 13.183  -4.269  -2.528  1.00 28.07 ? 127 HOH A O     1 
HETATM 850 O O     . HOH C 2 .  ? -5.985  5.712   -11.486 1.00 39.94 ? 128 HOH A O     1 
HETATM 851 O O     . HOH C 2 .  ? -10.286 -17.972 16.172  1.00 34.43 ? 129 HOH A O     1 
HETATM 852 O O     . HOH C 2 .  ? -8.246  24.256  -11.851 0.33 29.89 ? 130 HOH A O     1 
HETATM 853 O O     . HOH C 2 .  ? -8.677  8.267   -13.255 1.00 37.58 ? 131 HOH A O     1 
HETATM 854 O O     . HOH C 2 .  ? 7.078   1.021   -0.420  1.00 31.77 ? 132 HOH A O     1 
HETATM 855 O O     . HOH C 2 .  ? 1.449   -7.984  10.550  1.00 32.55 ? 133 HOH A O     1 
HETATM 856 O O     . HOH C 2 .  ? 11.340  -2.432  5.916   1.00 39.84 ? 134 HOH A O     1 
HETATM 857 O O     . HOH C 2 .  ? -6.223  15.527  -15.003 1.00 33.56 ? 135 HOH A O     1 
HETATM 858 O O     . HOH C 2 .  ? -5.510  1.077   11.214  1.00 35.28 ? 136 HOH A O     1 
HETATM 859 O O     . HOH C 2 .  ? 13.756  2.638   -1.592  1.00 37.53 ? 137 HOH A O     1 
HETATM 860 O O     . HOH C 2 .  ? 1.927   0.667   -7.035  1.00 35.66 ? 138 HOH A O     1 
HETATM 861 O O     . HOH C 2 .  ? -5.982  -5.841  -9.437  1.00 42.40 ? 139 HOH A O     1 
HETATM 862 O O     . HOH C 2 .  ? 8.276   1.192   12.851  1.00 37.07 ? 140 HOH A O     1 
HETATM 863 O O     . HOH C 2 .  ? 4.698   -0.953  2.302   1.00 37.30 ? 141 HOH A O     1 
HETATM 864 O O     . HOH C 2 .  ? -10.276 22.380  -14.852 1.00 44.34 ? 142 HOH A O     1 
HETATM 865 O O     . HOH C 2 .  ? -3.355  -13.682 12.291  1.00 36.75 ? 143 HOH A O     1 
HETATM 866 O O     . HOH C 2 .  ? -8.294  2.466   -17.257 1.00 46.96 ? 144 HOH A O     1 
HETATM 867 O O     . HOH C 2 .  ? 1.231   -14.548 15.963  1.00 40.63 ? 145 HOH A O     1 
HETATM 868 O O     . HOH C 2 .  ? 10.870  -7.132  -5.833  1.00 33.09 ? 146 HOH A O     1 
HETATM 869 O O     . HOH C 2 .  ? -10.027 16.006  -6.044  1.00 40.75 ? 147 HOH A O     1 
HETATM 870 O O     . HOH C 2 .  ? -3.483  7.039   -10.065 1.00 37.44 ? 148 HOH A O     1 
HETATM 871 O O     . HOH C 2 .  ? 12.369  2.219   5.091   1.00 33.59 ? 149 HOH A O     1 
HETATM 872 O O     . HOH C 2 .  ? 3.940   0.197   -8.229  1.00 36.99 ? 150 HOH A O     1 
HETATM 873 O O     . HOH C 2 .  ? -2.127  1.342   -13.724 1.00 38.08 ? 151 HOH A O     1 
HETATM 874 O O     . HOH C 2 .  ? 0.038   1.140   -5.196  1.00 47.38 ? 152 HOH A O     1 
HETATM 875 O O     . HOH C 2 .  ? -8.935  16.305  -14.098 1.00 41.36 ? 153 HOH A O     1 
HETATM 876 O O     . HOH C 2 .  ? -11.055 -13.362 16.295  1.00 42.87 ? 154 HOH A O     1 
HETATM 877 O O     . HOH C 2 .  ? -5.101  -11.478 12.158  1.00 37.94 ? 155 HOH A O     1 
HETATM 878 O O     . HOH C 2 .  ? 3.391   -0.188  4.360   1.00 40.66 ? 156 HOH A O     1 
HETATM 879 O O     . HOH C 2 .  ? 9.413   -1.984  10.540  1.00 35.95 ? 157 HOH A O     1 
HETATM 880 O O     . HOH C 2 .  ? -7.498  -14.215 10.359  1.00 45.61 ? 158 HOH A O     1 
HETATM 881 O O     . HOH C 2 .  ? -5.550  16.903  -17.334 1.00 45.69 ? 159 HOH A O     1 
HETATM 882 O O     . HOH C 2 .  ? -11.560 -9.134  13.335  1.00 48.38 ? 160 HOH A O     1 
HETATM 883 O O     . HOH C 2 .  ? -9.497  -9.940  10.535  1.00 43.41 ? 161 HOH A O     1 
HETATM 884 O O     . HOH C 2 .  ? -2.677  -6.553  -9.044  1.00 49.52 ? 162 HOH A O     1 
HETATM 885 O O     . HOH C 2 .  ? 0.812   0.328   -11.497 1.00 40.27 ? 163 HOH A O     1 
HETATM 886 O O     . HOH C 2 .  ? 4.930   0.245   -3.912  1.00 37.49 ? 164 HOH A O     1 
HETATM 887 O O     . HOH C 2 .  ? -0.626  -2.697  7.817   1.00 51.81 ? 165 HOH A O     1 
HETATM 888 O O     . HOH C 2 .  ? -5.951  19.633  -15.714 1.00 46.35 ? 166 HOH A O     1 
HETATM 889 O O     . HOH C 2 .  ? -12.362 1.778   -11.329 1.00 39.76 ? 167 HOH A O     1 
HETATM 890 O O     . HOH C 2 .  ? -3.117  11.033  -13.069 1.00 37.20 ? 168 HOH A O     1 
HETATM 891 O O     . HOH C 2 .  ? -9.239  -5.376  10.152  1.00 46.52 ? 169 HOH A O     1 
HETATM 892 O O     . HOH C 2 .  ? 4.298   -0.299  -0.727  1.00 41.26 ? 170 HOH A O     1 
HETATM 893 O O     . HOH C 2 .  ? 2.096   5.436   9.942   1.00 43.44 ? 171 HOH A O     1 
HETATM 894 O O     . HOH C 2 .  ? -8.556  -14.970 19.612  1.00 38.95 ? 172 HOH A O     1 
HETATM 895 O O     . HOH C 2 .  ? 0.346   -6.799  6.258   1.00 47.96 ? 173 HOH A O     1 
HETATM 896 O O     . HOH C 2 .  ? -6.535  -13.719 20.406  1.00 36.31 ? 174 HOH A O     1 
HETATM 897 O O     . HOH C 2 .  ? 10.501  0.139   9.754   1.00 47.68 ? 175 HOH A O     1 
HETATM 898 O O     . HOH C 2 .  ? 2.903   -3.144  2.027   1.00 39.75 ? 176 HOH A O     1 
HETATM 899 O O     . HOH C 2 .  ? -5.417  8.821   -12.855 1.00 40.81 ? 177 HOH A O     1 
HETATM 900 O O     . HOH C 2 .  ? -7.599  24.651  -14.516 1.00 40.13 ? 178 HOH A O     1 
HETATM 901 O O     . HOH C 2 .  ? 1.339   -21.586 14.313  1.00 43.40 ? 179 HOH A O     1 
HETATM 902 O O     . HOH C 2 .  ? -6.260  -5.286  19.703  1.00 39.61 ? 180 HOH A O     1 
HETATM 903 O O     . HOH C 2 .  ? 8.100   5.608   6.663   1.00 51.24 ? 181 HOH A O     1 
HETATM 904 O O     . HOH C 2 .  ? -5.606  -6.113  10.269  1.00 42.99 ? 182 HOH A O     1 
HETATM 905 O O     . HOH C 2 .  ? -0.143  -7.283  -8.211  1.00 29.25 ? 183 HOH A O     1 
HETATM 906 O O     . HOH C 2 .  ? 3.081   -3.511  4.843   1.00 34.16 ? 184 HOH A O     1 
HETATM 907 O O     . HOH C 2 .  ? -0.418  -15.515 14.469  1.00 38.24 ? 185 HOH A O     1 
HETATM 908 O O     . HOH C 2 .  ? -7.585  -8.093  10.369  1.00 42.40 ? 186 HOH A O     1 
HETATM 909 O O     . HOH D 2 .  ? 12.935  -12.149 1.174   0.33 20.62 ? 101 HOH B O     1 
HETATM 910 O O     . HOH D 2 .  ? 10.846  -7.637  1.797   1.00 17.86 ? 102 HOH B O     1 
HETATM 911 O O     . HOH D 2 .  ? -2.101  -8.043  27.176  0.33 20.53 ? 103 HOH B O     1 
HETATM 912 O O     . HOH D 2 .  ? 15.078  -9.532  7.760   1.00 20.65 ? 104 HOH B O     1 
HETATM 913 O O     . HOH D 2 .  ? 5.146   -3.441  16.561  1.00 23.28 ? 105 HOH B O     1 
HETATM 914 O O     . HOH D 2 .  ? 10.106  -16.999 5.291   1.00 25.34 ? 106 HOH B O     1 
HETATM 915 O O     . HOH D 2 .  ? -1.714  -10.058 29.609  0.33 26.58 ? 107 HOH B O     1 
HETATM 916 O O     . HOH D 2 .  ? 13.436  -14.785 4.355   0.33 23.66 ? 108 HOH B O     1 
HETATM 917 O O     . HOH D 2 .  ? 0.111   10.505  2.008   1.00 29.88 ? 109 HOH B O     1 
HETATM 918 O O     . HOH D 2 .  ? 4.653   -17.391 -2.243  1.00 27.40 ? 110 HOH B O     1 
HETATM 919 O O     . HOH D 2 .  ? 7.653   -11.561 8.413   1.00 22.84 ? 111 HOH B O     1 
HETATM 920 O O     . HOH D 2 .  ? 2.189   -12.403 0.876   1.00 23.39 ? 112 HOH B O     1 
HETATM 921 O O     . HOH D 2 .  ? 3.030   -6.395  4.881   1.00 29.73 ? 113 HOH B O     1 
HETATM 922 O O     . HOH D 2 .  ? 6.151   -11.915 4.253   1.00 32.67 ? 114 HOH B O     1 
HETATM 923 O O     . HOH D 2 .  ? -6.113  13.066  1.683   0.33 31.40 ? 115 HOH B O     1 
HETATM 924 O O     . HOH D 2 .  ? 4.594   -10.286 5.717   1.00 27.34 ? 116 HOH B O     1 
HETATM 925 O O     . HOH D 2 .  ? 6.107   -10.444 20.318  1.00 28.27 ? 117 HOH B O     1 
HETATM 926 O O     . HOH D 2 .  ? 9.216   -11.260 11.967  1.00 25.07 ? 118 HOH B O     1 
HETATM 927 O O     . HOH D 2 .  ? -3.096  -16.915 26.980  1.00 36.09 ? 119 HOH B O     1 
HETATM 928 O O     . HOH D 2 .  ? 9.165   -10.778 -3.543  1.00 35.32 ? 120 HOH B O     1 
HETATM 929 O O     . HOH D 2 .  ? -5.726  11.028  4.145   0.33 32.12 ? 121 HOH B O     1 
HETATM 930 O O     . HOH D 2 .  ? 3.531   15.585  -0.622  1.00 30.44 ? 122 HOH B O     1 
HETATM 931 O O     . HOH D 2 .  ? -5.956  -14.907 22.181  1.00 32.14 ? 123 HOH B O     1 
HETATM 932 O O     . HOH D 2 .  ? 10.639  -3.035  13.432  1.00 37.26 ? 124 HOH B O     1 
HETATM 933 O O     . HOH D 2 .  ? -3.116  17.232  -2.599  1.00 31.44 ? 125 HOH B O     1 
HETATM 934 O O     . HOH D 2 .  ? -2.002  9.013   -1.767  1.00 35.18 ? 126 HOH B O     1 
HETATM 935 O O     . HOH D 2 .  ? -0.562  -9.833  -0.105  1.00 31.62 ? 127 HOH B O     1 
HETATM 936 O O     . HOH D 2 .  ? 6.021   -9.534  16.578  1.00 32.77 ? 128 HOH B O     1 
HETATM 937 O O     . HOH D 2 .  ? -3.416  -6.731  -0.229  1.00 40.60 ? 129 HOH B O     1 
HETATM 938 O O     . HOH D 2 .  ? 4.739   -10.248 8.577   1.00 33.09 ? 130 HOH B O     1 
HETATM 939 O O     . HOH D 2 .  ? 12.262  -15.068 7.388   1.00 35.31 ? 131 HOH B O     1 
HETATM 940 O O     . HOH D 2 .  ? -7.217  15.041  -2.511  1.00 37.28 ? 132 HOH B O     1 
HETATM 941 O O     . HOH D 2 .  ? -1.056  -5.691  -0.682  1.00 43.86 ? 133 HOH B O     1 
HETATM 942 O O     . HOH D 2 .  ? 10.033  -14.470 8.683   1.00 31.59 ? 134 HOH B O     1 
HETATM 943 O O     . HOH D 2 .  ? 5.555   -11.712 11.018  1.00 36.11 ? 135 HOH B O     1 
HETATM 944 O O     . HOH D 2 .  ? -2.226  -1.212  -0.237  1.00 36.83 ? 136 HOH B O     1 
HETATM 945 O O     . HOH D 2 .  ? 4.541   -12.414 18.779  1.00 34.53 ? 137 HOH B O     1 
HETATM 946 O O     . HOH D 2 .  ? 16.196  -9.906  10.035  1.00 37.08 ? 138 HOH B O     1 
HETATM 947 O O     . HOH D 2 .  ? 6.412   -10.812 26.685  1.00 37.48 ? 139 HOH B O     1 
HETATM 948 O O     . HOH D 2 .  ? -6.169  -13.659 27.272  1.00 36.78 ? 140 HOH B O     1 
HETATM 949 O O     . HOH D 2 .  ? -5.240  12.562  -21.892 0.50 36.41 ? 141 HOH B O     1 
HETATM 950 O O     . HOH D 2 .  ? -7.954  7.398   3.641   1.00 40.83 ? 142 HOH B O     1 
HETATM 951 O O     . HOH D 2 .  ? 1.259   -4.105  23.355  1.00 36.65 ? 143 HOH B O     1 
HETATM 952 O O     . HOH D 2 .  ? -1.750  7.257   1.329   1.00 43.75 ? 144 HOH B O     1 
HETATM 953 O O     . HOH D 2 .  ? 3.709   -14.591 21.214  1.00 37.08 ? 145 HOH B O     1 
HETATM 954 O O     . HOH D 2 .  ? -0.309  -15.129 28.018  1.00 47.70 ? 146 HOH B O     1 
HETATM 955 O O     . HOH D 2 .  ? 5.075   -14.952 7.030   1.00 48.23 ? 147 HOH B O     1 
HETATM 956 O O     . HOH D 2 .  ? -7.823  -4.800  -6.831  1.00 39.47 ? 148 HOH B O     1 
HETATM 957 O O     . HOH D 2 .  ? 1.965   -16.625 -2.485  1.00 42.24 ? 149 HOH B O     1 
HETATM 958 O O     . HOH D 2 .  ? 0.393   -6.717  1.620   1.00 40.29 ? 150 HOH B O     1 
HETATM 959 O O     . HOH D 2 .  ? 12.776  -12.241 12.604  1.00 39.21 ? 151 HOH B O     1 
HETATM 960 O O     . HOH D 2 .  ? 6.390   17.191  -6.656  1.00 42.85 ? 152 HOH B O     1 
HETATM 961 O O     . HOH D 2 .  ? -5.869  1.955   0.093   1.00 41.25 ? 153 HOH B O     1 
HETATM 962 O O     . HOH D 2 .  ? 9.090   -11.760 15.316  1.00 48.03 ? 154 HOH B O     1 
HETATM 963 O O     . HOH D 2 .  ? -1.556  6.332   -4.900  1.00 40.43 ? 155 HOH B O     1 
HETATM 964 O O     . HOH D 2 .  ? -10.605 1.644   -6.367  1.00 43.35 ? 156 HOH B O     1 
HETATM 965 O O     . HOH D 2 .  ? 2.738   -18.047 -0.157  1.00 59.55 ? 157 HOH B O     1 
HETATM 966 O O     . HOH D 2 .  ? -1.890  6.377   -1.559  1.00 46.64 ? 158 HOH B O     1 
HETATM 967 O O     . HOH D 2 .  ? 0.831   10.412  -9.141  1.00 44.23 ? 159 HOH B O     1 
HETATM 968 O O     . HOH D 2 .  ? 0.754   -3.318  -0.889  1.00 44.73 ? 160 HOH B O     1 
HETATM 969 O O     . HOH D 2 .  ? -4.682  -9.273  -7.842  1.00 59.97 ? 161 HOH B O     1 
HETATM 970 O O     . HOH D 2 .  ? -2.946  1.571   -1.282  1.00 37.54 ? 162 HOH B O     1 
HETATM 971 O O     . HOH D 2 .  ? 14.531  -5.654  13.239  1.00 40.63 ? 163 HOH B O     1 
HETATM 972 O O     . HOH D 2 .  ? 9.416   -8.485  23.021  1.00 45.05 ? 164 HOH B O     1 
HETATM 973 O O     . HOH D 2 .  ? -5.660  -5.794  1.499   1.00 42.28 ? 165 HOH B O     1 
HETATM 974 O O     . HOH D 2 .  ? 1.736   -14.388 26.109  1.00 40.77 ? 166 HOH B O     1 
HETATM 975 O O     . HOH D 2 .  ? 2.017   -10.554 13.158  1.00 35.82 ? 167 HOH B O     1 
HETATM 976 O O     . HOH D 2 .  ? -13.135 1.379   -0.597  1.00 43.15 ? 168 HOH B O     1 
HETATM 977 O O     . HOH D 2 .  ? 0.769   -9.400  2.719   1.00 42.06 ? 169 HOH B O     1 
HETATM 978 O O     . HOH D 2 .  ? -10.471 -0.691  -7.747  1.00 47.12 ? 170 HOH B O     1 
HETATM 979 O O     . HOH D 2 .  ? -3.321  4.248   -2.581  1.00 44.39 ? 171 HOH B O     1 
HETATM 980 O O     . HOH D 2 .  ? -0.169  8.479   -6.916  1.00 41.60 ? 172 HOH B O     1 
HETATM 981 O O     . HOH D 2 .  ? 5.736   14.577  -1.958  1.00 45.46 ? 173 HOH B O     1 
HETATM 982 O O     . HOH D 2 .  ? 0.532   9.675   -2.522  1.00 43.08 ? 174 HOH B O     1 
HETATM 983 O O     . HOH D 2 .  ? -1.809  3.134   -4.467  1.00 44.80 ? 175 HOH B O     1 
HETATM 984 O O     . HOH D 2 .  ? 1.486   10.345  -4.972  1.00 43.51 ? 176 HOH B O     1 
HETATM 985 O O     . HOH D 2 .  ? 4.529   -13.474 3.230   1.00 45.32 ? 177 HOH B O     1 
HETATM 986 O O     . HOH D 2 .  ? 7.173   -13.658 6.687   1.00 36.72 ? 178 HOH B O     1 
# 
loop_
_atom_site_anisotrop.id 
_atom_site_anisotrop.type_symbol 
_atom_site_anisotrop.pdbx_label_atom_id 
_atom_site_anisotrop.pdbx_label_alt_id 
_atom_site_anisotrop.pdbx_label_comp_id 
_atom_site_anisotrop.pdbx_label_asym_id 
_atom_site_anisotrop.pdbx_label_seq_id 
_atom_site_anisotrop.pdbx_PDB_ins_code 
_atom_site_anisotrop.U[1][1] 
_atom_site_anisotrop.U[2][2] 
_atom_site_anisotrop.U[3][3] 
_atom_site_anisotrop.U[1][2] 
_atom_site_anisotrop.U[1][3] 
_atom_site_anisotrop.U[2][3] 
_atom_site_anisotrop.pdbx_auth_seq_id 
_atom_site_anisotrop.pdbx_auth_comp_id 
_atom_site_anisotrop.pdbx_auth_asym_id 
_atom_site_anisotrop.pdbx_auth_atom_id 
1   O OP3   . G A 1  ? 0.5576 0.4342 0.5767 -0.0104 -0.0204 -0.0148 1  G A OP3   
2   P P     . G A 1  ? 0.5380 0.4311 0.5668 -0.0115 -0.0163 -0.0136 1  G A P     
3   O OP1   . G A 1  ? 0.5597 0.4559 0.5946 -0.0125 -0.0253 -0.0176 1  G A OP1   
4   O OP2   . G A 1  ? 0.5390 0.4406 0.5579 -0.0056 -0.0097 -0.0149 1  G A OP2   
5   O "O5'" . G A 1  ? 0.4801 0.3773 0.5262 -0.0191 -0.0094 -0.0055 1  G A "O5'" 
6   C "C5'" . G A 1  ? 0.4090 0.3007 0.4689 -0.0263 -0.0135 -0.0025 1  G A "C5'" 
7   C "C4'" . G A 1  ? 0.3761 0.2753 0.4513 -0.0321 -0.0043 0.0055  1  G A "C4'" 
8   O "O4'" . G A 1  ? 0.3413 0.2329 0.4085 -0.0313 0.0028  0.0101  1  G A "O4'" 
9   C "C3'" . G A 1  ? 0.3093 0.2252 0.3897 -0.0306 0.0027  0.0067  1  G A "C3'" 
10  O "O3'" . G A 1  ? 0.3421 0.2677 0.4364 -0.0337 -0.0012 0.0057  1  G A "O3'" 
11  C "C2'" . G A 1  ? 0.2977 0.2155 0.3849 -0.0339 0.0128  0.0146  1  G A "C2'" 
12  O "O2'" . G A 1  ? 0.3022 0.2215 0.4081 -0.0420 0.0125  0.0196  1  G A "O2'" 
13  C "C1'" . G A 1  ? 0.3024 0.2055 0.3739 -0.0308 0.0135  0.0148  1  G A "C1'" 
14  N N9    . G A 1  ? 0.2748 0.1791 0.3296 -0.0227 0.0175  0.0117  1  G A N9    
15  C C8    . G A 1  ? 0.2880 0.1865 0.3265 -0.0163 0.0126  0.0050  1  G A C8    
16  N N7    . G A 1  ? 0.3071 0.2101 0.3353 -0.0102 0.0180  0.0035  1  G A N7    
17  C C5    . G A 1  ? 0.2561 0.1679 0.2936 -0.0122 0.0268  0.0093  1  G A C5    
18  C C6    . G A 1  ? 0.2760 0.1952 0.3092 -0.0074 0.0347  0.0102  1  G A C6    
19  O O6    . G A 1  ? 0.2808 0.2005 0.3016 -0.0008 0.0357  0.0060  1  G A O6    
20  N N1    . G A 1  ? 0.2632 0.1904 0.3090 -0.0107 0.0417  0.0164  1  G A N1    
21  C C2    . G A 1  ? 0.2725 0.2017 0.3343 -0.0182 0.0416  0.0215  1  G A C2    
22  N N2    . G A 1  ? 0.2499 0.1890 0.3224 -0.0199 0.0496  0.0272  1  G A N2    
23  N N3    . G A 1  ? 0.2573 0.1795 0.3244 -0.0234 0.0341  0.0208  1  G A N3    
24  C C4    . G A 1  ? 0.2673 0.1806 0.3209 -0.0197 0.0269  0.0145  1  G A C4    
25  P P     . G A 2  ? 0.3285 0.2694 0.4246 -0.0304 0.0017  0.0042  2  G A P     
26  O OP1   . G A 2  ? 0.3487 0.2946 0.4576 -0.0337 -0.0056 0.0023  2  G A OP1   
27  O OP2   . G A 2  ? 0.3505 0.2907 0.4292 -0.0232 0.0022  0.0000  2  G A OP2   
28  O "O5'" . G A 2  ? 0.3074 0.2576 0.4130 -0.0324 0.0125  0.0107  2  G A "O5'" 
29  C "C5'" . G A 2  ? 0.2749 0.2287 0.3979 -0.0390 0.0151  0.0161  2  G A "C5'" 
30  C "C4'" . G A 2  ? 0.2748 0.2380 0.4016 -0.0379 0.0260  0.0212  2  G A "C4'" 
31  O "O4'" . G A 2  ? 0.2873 0.2426 0.3992 -0.0340 0.0314  0.0226  2  G A "O4'" 
32  C "C3'" . G A 2  ? 0.2718 0.2468 0.3978 -0.0334 0.0282  0.0189  2  G A "C3'" 
33  O "O3'" . G A 2  ? 0.2957 0.2809 0.4380 -0.0368 0.0257  0.0192  2  G A "O3'" 
34  C "C2'" . G A 2  ? 0.2549 0.2334 0.3778 -0.0305 0.0385  0.0231  2  G A "C2'" 
35  O "O2'" . G A 2  ? 0.3003 0.2861 0.4385 -0.0349 0.0442  0.0292  2  G A "O2'" 
36  C "C1'" . G A 2  ? 0.2816 0.2462 0.3901 -0.0289 0.0387  0.0231  2  G A "C1'" 
37  N N9    . G A 2  ? 0.2926 0.2520 0.3832 -0.0223 0.0371  0.0180  2  G A N9    
38  C C8    . G A 2  ? 0.2575 0.2076 0.3368 -0.0205 0.0298  0.0129  2  G A C8    
39  N N7    . G A 2  ? 0.2966 0.2455 0.3617 -0.0143 0.0310  0.0092  2  G A N7    
40  C C5    . G A 2  ? 0.2620 0.2188 0.3291 -0.0118 0.0391  0.0120  2  G A C5    
41  C C6    . G A 2  ? 0.2679 0.2269 0.3242 -0.0052 0.0430  0.0095  2  G A C6    
42  O O6    . G A 2  ? 0.2680 0.2230 0.3115 -0.0006 0.0405  0.0047  2  G A O6    
43  N N1    . G A 2  ? 0.2692 0.2364 0.3319 -0.0041 0.0501  0.0130  2  G A N1    
44  C C2    . G A 2  ? 0.2444 0.2179 0.3212 -0.0082 0.0538  0.0182  2  G A C2    
45  N N2    . G A 2  ? 0.2666 0.2485 0.3463 -0.0049 0.0607  0.0203  2  G A N2    
46  N N3    . G A 2  ? 0.2678 0.2405 0.3561 -0.0150 0.0507  0.0210  2  G A N3    
47  C C4    . G A 2  ? 0.2459 0.2093 0.3279 -0.0163 0.0430  0.0173  2  G A C4    
48  P P     . C A 3  ? 0.3023 0.2953 0.4435 -0.0331 0.0218  0.0148  3  C A P     
49  O OP1   . C A 3  ? 0.3051 0.3069 0.4646 -0.0375 0.0188  0.0156  3  C A OP1   
50  O OP2   . C A 3  ? 0.2701 0.2557 0.3959 -0.0292 0.0157  0.0095  3  C A OP2   
51  O "O5'" . C A 3  ? 0.2689 0.2686 0.4044 -0.0278 0.0297  0.0158  3  C A "O5'" 
52  C "C5'" . C A 3  ? 0.2274 0.2361 0.3738 -0.0288 0.0368  0.0203  3  C A "C5'" 
53  C "C4'" . C A 3  ? 0.2234 0.2361 0.3615 -0.0226 0.0428  0.0199  3  C A "C4'" 
54  O "O4'" . C A 3  ? 0.2271 0.2309 0.3510 -0.0195 0.0463  0.0201  3  C A "O4'" 
55  C "C3'" . C A 3  ? 0.2209 0.2355 0.3523 -0.0185 0.0390  0.0155  3  C A "C3'" 
56  O "O3'" . C A 3  ? 0.2188 0.2428 0.3625 -0.0195 0.0364  0.0153  3  C A "O3'" 
57  C "C2'" . C A 3  ? 0.2351 0.2499 0.3568 -0.0128 0.0454  0.0154  3  C A "C2'" 
58  O "O2'" . C A 3  ? 0.2355 0.2597 0.3658 -0.0110 0.0511  0.0180  3  C A "O2'" 
59  C "C1'" . C A 3  ? 0.2091 0.2144 0.3229 -0.0135 0.0482  0.0171  3  C A "C1'" 
60  N N1    . C A 3  ? 0.2290 0.2248 0.3274 -0.0110 0.0443  0.0130  3  C A N1    
61  C C2    . C A 3  ? 0.2211 0.2165 0.3085 -0.0051 0.0471  0.0105  3  C A C2    
62  O O2    . C A 3  ? 0.2180 0.2196 0.3079 -0.0020 0.0523  0.0117  3  C A O2    
63  N N3    . C A 3  ? 0.2126 0.2010 0.2868 -0.0027 0.0438  0.0066  3  C A N3    
64  C C4    . C A 3  ? 0.2073 0.1893 0.2789 -0.0054 0.0379  0.0051  3  C A C4    
65  N N4    . C A 3  ? 0.2500 0.2262 0.3086 -0.0022 0.0348  0.0009  3  C A N4    
66  C C5    . C A 3  ? 0.2324 0.2137 0.3147 -0.0111 0.0342  0.0072  3  C A C5    
67  C C6    . C A 3  ? 0.2161 0.2046 0.3122 -0.0140 0.0376  0.0112  3  C A C6    
68  P P     . G A 4  ? 0.2447 0.2700 0.3832 -0.0166 0.0310  0.0115  4  G A P     
69  O OP1   . G A 4  ? 0.2440 0.2785 0.3969 -0.0181 0.0288  0.0122  4  G A OP1   
70  O OP2   . G A 4  ? 0.2624 0.2796 0.3908 -0.0170 0.0248  0.0085  4  G A OP2   
71  O "O5'" . G A 4  ? 0.2280 0.2540 0.3574 -0.0113 0.0362  0.0110  4  G A "O5'" 
72  C "C5'" . G A 4  ? 0.2108 0.2352 0.3306 -0.0079 0.0342  0.0082  4  G A "C5'" 
73  C "C4'" . G A 4  ? 0.2285 0.2535 0.3428 -0.0033 0.0402  0.0080  4  G A "C4'" 
74  O "O4'" . G A 4  ? 0.2171 0.2356 0.3227 -0.0025 0.0435  0.0081  4  G A "O4'" 
75  C "C3'" . G A 4  ? 0.2224 0.2465 0.3282 -0.0002 0.0382  0.0052  4  G A "C3'" 
76  O "O3'" . G A 4  ? 0.2052 0.2349 0.3177 0.0008  0.0367  0.0054  4  G A "O3'" 
77  C "C2'" . G A 4  ? 0.2206 0.2420 0.3180 0.0039  0.0432  0.0040  4  G A "C2'" 
78  O "O2'" . G A 4  ? 0.2309 0.2576 0.3340 0.0072  0.0473  0.0048  4  G A "O2'" 
79  C "C1'" . G A 4  ? 0.2263 0.2420 0.3206 0.0019  0.0447  0.0053  4  G A "C1'" 
80  N N9    . G A 4  ? 0.2116 0.2203 0.2955 0.0013  0.0409  0.0028  4  G A N9    
81  C C8    . G A 4  ? 0.2167 0.2211 0.3002 -0.0022 0.0363  0.0027  4  G A C8    
82  N N7    . G A 4  ? 0.2328 0.2317 0.3050 -0.0007 0.0334  -0.0004 4  G A N7    
83  C C5    . G A 4  ? 0.2051 0.2055 0.2706 0.0036  0.0366  -0.0022 4  G A C5    
84  C C6    . G A 4  ? 0.2295 0.2272 0.2832 0.0070  0.0359  -0.0059 4  G A C6    
85  O O6    . G A 4  ? 0.2292 0.2229 0.2748 0.0073  0.0321  -0.0083 4  G A O6    
86  N N1    . G A 4  ? 0.2116 0.2126 0.2637 0.0106  0.0396  -0.0070 4  G A N1    
87  C C2    . G A 4  ? 0.2313 0.2367 0.2909 0.0117  0.0434  -0.0053 4  G A C2    
88  N N2    . G A 4  ? 0.2319 0.2393 0.2887 0.0159  0.0457  -0.0075 4  G A N2    
89  N N3    . G A 4  ? 0.2155 0.2236 0.2853 0.0091  0.0443  -0.0019 4  G A N3    
90  C C4    . G A 4  ? 0.2111 0.2169 0.2836 0.0049  0.0410  -0.0004 4  G A C4    
91  P P     . G A 5  ? 0.2191 0.2484 0.3280 0.0005  0.0314  0.0042  5  G A P     
92  O OP1   . G A 5  ? 0.2128 0.2473 0.3305 0.0014  0.0302  0.0052  5  G A OP1   
93  O OP2   . G A 5  ? 0.2114 0.2372 0.3172 -0.0024 0.0269  0.0038  5  G A OP2   
94  O "O5'" . G A 5  ? 0.1889 0.2151 0.2868 0.0033  0.0329  0.0020  5  G A "O5'" 
95  C "C5'" . G A 5  ? 0.2000 0.2282 0.2995 0.0067  0.0360  0.0014  5  G A "C5'" 
96  C "C4'" . G A 5  ? 0.1806 0.2062 0.2706 0.0090  0.0368  -0.0011 5  G A "C4'" 
97  O "O4'" . G A 5  ? 0.1639 0.1856 0.2463 0.0099  0.0394  -0.0026 5  G A "O4'" 
98  C "C3'" . G A 5  ? 0.1840 0.2088 0.2688 0.0071  0.0332  -0.0013 5  G A "C3'" 
99  O "O3'" . G A 5  ? 0.2069 0.2343 0.2968 0.0065  0.0308  0.0003  5  G A "O3'" 
100 C "C2'" . G A 5  ? 0.1747 0.1975 0.2507 0.0096  0.0354  -0.0042 5  G A "C2'" 
101 O "O2'" . G A 5  ? 0.1738 0.1984 0.2522 0.0122  0.0370  -0.0055 5  G A "O2'" 
102 C "C1'" . G A 5  ? 0.1797 0.1992 0.2529 0.0105  0.0381  -0.0049 5  G A "C1'" 
103 N N9    . G A 5  ? 0.1639 0.1802 0.2321 0.0083  0.0356  -0.0049 5  G A N9    
104 C C8    . G A 5  ? 0.1691 0.1840 0.2413 0.0053  0.0334  -0.0031 5  G A C8    
105 N N7    . G A 5  ? 0.1611 0.1722 0.2266 0.0044  0.0304  -0.0043 5  G A N7    
106 C C5    . G A 5  ? 0.1581 0.1688 0.2141 0.0071  0.0309  -0.0071 5  G A C5    
107 C C6    . G A 5  ? 0.1737 0.1819 0.2192 0.0083  0.0284  -0.0099 5  G A C6    
108 O O6    . G A 5  ? 0.1932 0.1977 0.2350 0.0075  0.0246  -0.0107 5  G A O6    
109 N N1    . G A 5  ? 0.1744 0.1851 0.2140 0.0112  0.0302  -0.0122 5  G A N1    
110 C C2    . G A 5  ? 0.1778 0.1918 0.2213 0.0126  0.0335  -0.0122 5  G A C2    
111 N N2    . G A 5  ? 0.1880 0.2044 0.2262 0.0150  0.0345  -0.0150 5  G A N2    
112 N N3    . G A 5  ? 0.1642 0.1795 0.2166 0.0117  0.0353  -0.0099 5  G A N3    
113 C C4    . G A 5  ? 0.1680 0.1820 0.2262 0.0092  0.0341  -0.0074 5  G A C4    
114 P P     . C A 6  ? 0.2258 0.2535 0.3128 0.0041  0.0265  0.0021  6  C A P     
115 O OP1   . C A 6  ? 0.2342 0.2634 0.3276 0.0040  0.0248  0.0041  6  C A OP1   
116 O OP2   . C A 6  ? 0.2245 0.2513 0.3103 0.0023  0.0238  0.0025  6  C A OP2   
117 O "O5'" . C A 6  ? 0.2186 0.2459 0.2961 0.0046  0.0275  0.0005  6  C A "O5'" 
118 C "C5'" . C A 6  ? 0.2373 0.2656 0.3146 0.0062  0.0295  -0.0008 6  C A "C5'" 
119 C "C4'" . C A 6  ? 0.2137 0.2428 0.2820 0.0066  0.0305  -0.0028 6  C A "C4'" 
120 O "O4'" . C A 6  ? 0.1967 0.2231 0.2588 0.0084  0.0318  -0.0058 6  C A "O4'" 
121 C "C3'" . C A 6  ? 0.2314 0.2625 0.2948 0.0048  0.0279  -0.0007 6  C A "C3'" 
122 O "O3'" . C A 6  ? 0.2757 0.3091 0.3431 0.0030  0.0272  0.0026  6  C A "O3'" 
123 C "C2'" . C A 6  ? 0.2096 0.2415 0.2640 0.0066  0.0293  -0.0041 6  C A "C2'" 
124 O "O2'" . C A 6  ? 0.2412 0.2762 0.2959 0.0074  0.0316  -0.0055 6  C A "O2'" 
125 C "C1'" . C A 6  ? 0.2109 0.2384 0.2642 0.0084  0.0306  -0.0069 6  C A "C1'" 
126 N N1    . C A 6  ? 0.1927 0.2171 0.2423 0.0077  0.0277  -0.0068 6  C A N1    
127 C C2    . C A 6  ? 0.1744 0.1984 0.2141 0.0091  0.0262  -0.0091 6  C A C2    
128 O O2    . C A 6  ? 0.2069 0.2342 0.2413 0.0109  0.0277  -0.0111 6  C A O2    
129 N N3    . C A 6  ? 0.1932 0.2137 0.2298 0.0087  0.0228  -0.0096 6  C A N3    
130 C C4    . C A 6  ? 0.2140 0.2321 0.2577 0.0066  0.0211  -0.0077 6  C A C4    
131 N N4    . C A 6  ? 0.2107 0.2252 0.2520 0.0061  0.0171  -0.0086 6  C A N4    
132 C C5    . C A 6  ? 0.2008 0.2204 0.2549 0.0051  0.0233  -0.0051 6  C A C5    
133 C C6    . C A 6  ? 0.2092 0.2316 0.2654 0.0060  0.0264  -0.0048 6  C A C6    
134 P P     . G A 7  ? 0.3097 0.3450 0.3739 0.0013  0.0245  0.0067  7  G A P     
135 O OP1   . G A 7  ? 0.3453 0.3817 0.4145 -0.0007 0.0246  0.0103  7  G A OP1   
136 O OP2   . G A 7  ? 0.3109 0.3441 0.3748 0.0012  0.0213  0.0074  7  G A OP2   
137 O "O5'" . G A 7  ? 0.3237 0.3622 0.3775 0.0023  0.0254  0.0050  7  G A "O5'" 
138 C "C5'" . G A 7  ? 0.3488 0.3921 0.3998 0.0023  0.0279  0.0046  7  G A "C5'" 
139 C "C4'" . G A 7  ? 0.3232 0.3696 0.3636 0.0045  0.0280  0.0018  7  G A "C4'" 
140 O "O4'" . G A 7  ? 0.2923 0.3337 0.3289 0.0068  0.0266  -0.0022 7  G A "O4'" 
141 C "C3'" . G A 7  ? 0.2940 0.3440 0.3263 0.0052  0.0260  0.0042  7  G A "C3'" 
142 O "O3'" . G A 7  ? 0.2623 0.3181 0.2956 0.0032  0.0275  0.0092  7  G A "O3'" 
143 C "C2'" . G A 7  ? 0.2311 0.2827 0.2547 0.0086  0.0265  -0.0013 7  G A "C2'" 
144 O "O2'" . G A 7  ? 0.2445 0.3019 0.2679 0.0089  0.0300  -0.0027 7  G A "O2'" 
145 C "C1'" . G A 7  ? 0.2510 0.2950 0.2772 0.0093  0.0257  -0.0049 7  G A "C1'" 
146 N N9    . G A 7  ? 0.2258 0.2649 0.2482 0.0102  0.0217  -0.0059 7  G A N9    
147 C C8    . G A 7  ? 0.2153 0.2496 0.2438 0.0085  0.0194  -0.0045 7  G A C8    
148 N N7    . G A 7  ? 0.2265 0.2572 0.2509 0.0095  0.0155  -0.0061 7  G A N7    
149 C C5    . G A 7  ? 0.2262 0.2594 0.2400 0.0126  0.0149  -0.0090 7  G A C5    
150 C C6    . G A 7  ? 0.2292 0.2597 0.2346 0.0155  0.0103  -0.0124 7  G A C6    
151 O O6    . G A 7  ? 0.2353 0.2605 0.2420 0.0151  0.0058  -0.0131 7  G A O6    
152 N N1    . G A 7  ? 0.2315 0.2664 0.2268 0.0192  0.0110  -0.0152 7  G A N1    
153 C C2    . G A 7  ? 0.2305 0.2723 0.2250 0.0195  0.0157  -0.0148 7  G A C2    
154 N N2    . G A 7  ? 0.2310 0.2779 0.2159 0.0235  0.0157  -0.0181 7  G A N2    
155 N N3    . G A 7  ? 0.2422 0.2862 0.2459 0.0162  0.0198  -0.0116 7  G A N3    
156 C C4    . G A 7  ? 0.2244 0.2632 0.2367 0.0132  0.0189  -0.0090 7  G A C4    
157 P P     . G A 8  ? 0.2953 0.3528 0.3229 0.0033  0.0252  0.0142  8  G A P     
158 O OP1   . G A 8  ? 0.3167 0.3790 0.3479 0.0002  0.0281  0.0200  8  G A OP1   
159 O OP2   . G A 8  ? 0.3054 0.3567 0.3350 0.0035  0.0210  0.0148  8  G A OP2   
160 O "O5'" . G A 8  ? 0.2866 0.3489 0.3019 0.0073  0.0246  0.0110  8  G A "O5'" 
161 C "C5'" . G A 8  ? 0.2652 0.3354 0.2774 0.0082  0.0283  0.0095  8  G A "C5'" 
162 C "C4'" . G A 8  ? 0.2531 0.3269 0.2528 0.0131  0.0264  0.0059  8  G A "C4'" 
163 O "O4'" . G A 8  ? 0.2425 0.3094 0.2404 0.0153  0.0238  -0.0004 8  G A "O4'" 
164 C "C3'" . G A 8  ? 0.2638 0.3372 0.2559 0.0154  0.0226  0.0086  8  G A "C3'" 
165 O "O3'" . G A 8  ? 0.2836 0.3657 0.2724 0.0150  0.0254  0.0146  8  G A "O3'" 
166 C "C2'" . G A 8  ? 0.2723 0.3453 0.2541 0.0208  0.0193  0.0019  8  G A "C2'" 
167 O "O2'" . G A 8  ? 0.2722 0.3552 0.2461 0.0241  0.0220  0.0003  8  G A "O2'" 
168 C "C1'" . G A 8  ? 0.2482 0.3132 0.2365 0.0194  0.0190  -0.0027 8  G A "C1'" 
169 N N9    . G A 8  ? 0.2404 0.2962 0.2329 0.0181  0.0147  -0.0030 8  G A N9    
170 C C8    . G A 8  ? 0.2333 0.2843 0.2367 0.0140  0.0152  0.0000  8  G A C8    
171 N N7    . G A 8  ? 0.2282 0.2728 0.2338 0.0139  0.0110  -0.0010 8  G A N7    
172 C C5    . G A 8  ? 0.2323 0.2763 0.2279 0.0179  0.0069  -0.0051 8  G A C5    
173 C C6    . G A 8  ? 0.2215 0.2592 0.2156 0.0193  0.0008  -0.0081 8  G A C6    
174 O O6    . G A 8  ? 0.2419 0.2745 0.2444 0.0168  -0.0017 -0.0074 8  G A O6    
175 N N1    . G A 8  ? 0.2442 0.2827 0.2267 0.0243  -0.0028 -0.0124 8  G A N1    
176 C C2    . G A 8  ? 0.2525 0.2980 0.2255 0.0279  -0.0003 -0.0137 8  G A C2    
177 N N2    . G A 8  ? 0.2565 0.3020 0.2182 0.0335  -0.0049 -0.0186 8  G A N2    
178 N N3    . G A 8  ? 0.2213 0.2738 0.1966 0.0262  0.0060  -0.0106 8  G A N3    
179 C C4    . G A 8  ? 0.2431 0.2938 0.2299 0.0210  0.0091  -0.0065 8  G A C4    
180 P P     . C A 9  ? 0.3182 0.3993 0.3031 0.0156  0.0228  0.0206  9  C A P     
181 O OP1   . C A 9  ? 0.3395 0.4307 0.3218 0.0145  0.0277  0.0272  9  C A OP1   
182 O OP2   . C A 9  ? 0.3102 0.3820 0.3034 0.0126  0.0198  0.0223  9  C A OP2   
183 O "O5'" . C A 9  ? 0.2908 0.3716 0.2631 0.0222  0.0174  0.0159  9  C A "O5'" 
184 C "C5'" . C A 9  ? 0.2808 0.3699 0.2418 0.0273  0.0182  0.0132  9  C A "C5'" 
185 C "C4'" . C A 9  ? 0.2767 0.3623 0.2274 0.0335  0.0113  0.0074  9  C A "C4'" 
186 O "O4'" . C A 9  ? 0.2992 0.3757 0.2543 0.0330  0.0080  0.0008  9  C A "O4'" 
187 C "C3'" . C A 9  ? 0.2900 0.3707 0.2386 0.0350  0.0060  0.0101  9  C A "C3'" 
188 O "O3'" . C A 9  ? 0.2997 0.3888 0.2393 0.0379  0.0079  0.0157  9  C A "O3'" 
189 C "C2'" . C A 9  ? 0.2712 0.3460 0.2138 0.0399  -0.0013 0.0018  9  C A "C2'" 
190 O "O2'" . C A 9  ? 0.3590 0.4404 0.2877 0.0473  -0.0030 -0.0017 9  C A "O2'" 
191 C "C1'" . C A 9  ? 0.3116 0.3810 0.2628 0.0361  0.0005  -0.0024 9  C A "C1'" 
192 N N1    . C A 9  ? 0.2908 0.3508 0.2539 0.0312  -0.0016 -0.0015 9  C A N1    
193 C C2    . C A 9  ? 0.2669 0.3191 0.2299 0.0329  -0.0089 -0.0058 9  C A C2    
194 O O2    . C A 9  ? 0.3253 0.3776 0.2782 0.0386  -0.0137 -0.0104 9  C A O2    
195 N N3    . C A 9  ? 0.2939 0.3392 0.2685 0.0286  -0.0104 -0.0048 9  C A N3    
196 C C4    . C A 9  ? 0.2650 0.3107 0.2497 0.0234  -0.0054 -0.0003 9  C A C4    
197 N N4    . C A 9  ? 0.2861 0.3259 0.2817 0.0198  -0.0069 0.0003  9  C A N4    
198 C C5    . C A 9  ? 0.2952 0.3476 0.2797 0.0219  0.0013  0.0038  9  C A C5    
199 C C6    . C A 9  ? 0.2707 0.3301 0.2448 0.0255  0.0030  0.0032  9  C A C6    
200 P P     . G A 10 ? 0.3088 0.3952 0.2474 0.0378  0.0056  0.0224  10 G A P     
201 O OP1   . G A 10 ? 0.3357 0.4328 0.2628 0.0417  0.0091  0.0278  10 G A OP1   
202 O OP2   . G A 10 ? 0.3052 0.3844 0.2576 0.0308  0.0068  0.0259  10 G A OP2   
203 O "O5'" . G A 10 ? 0.2970 0.3753 0.2311 0.0428  -0.0040 0.0159  10 G A "O5'" 
204 C "C5'" . G A 10 ? 0.3226 0.4042 0.2427 0.0510  -0.0087 0.0118  10 G A "C5'" 
205 C "C4'" . G A 10 ? 0.3002 0.3721 0.2208 0.0538  -0.0184 0.0050  10 G A "C4'" 
206 O "O4'" . G A 10 ? 0.2889 0.3537 0.2205 0.0491  -0.0191 -0.0001 10 G A "O4'" 
207 C "C3'" . G A 10 ? 0.3199 0.3857 0.2450 0.0530  -0.0233 0.0077  10 G A "C3'" 
208 O "O3'" . G A 10 ? 0.3232 0.3931 0.2355 0.0598  -0.0261 0.0105  10 G A "O3'" 
209 C "C2'" . G A 10 ? 0.3070 0.3642 0.2371 0.0537  -0.0313 -0.0009 10 G A "C2'" 
210 O "O2'" . G A 10 ? 0.3398 0.3982 0.2568 0.0619  -0.0377 -0.0070 10 G A "O2'" 
211 C "C1'" . G A 10 ? 0.3136 0.3692 0.2523 0.0481  -0.0261 -0.0029 10 G A "C1'" 
212 N N9    . G A 10 ? 0.3111 0.3627 0.2650 0.0401  -0.0223 0.0007  10 G A N9    
213 C C8    . G A 10 ? 0.3101 0.3650 0.2699 0.0351  -0.0144 0.0065  10 G A C8    
214 N N7    . G A 10 ? 0.3324 0.3822 0.3056 0.0294  -0.0132 0.0080  10 G A N7    
215 C C5    . G A 10 ? 0.3010 0.3446 0.2775 0.0305  -0.0205 0.0034  10 G A C5    
216 C C6    . G A 10 ? 0.3043 0.3420 0.2940 0.0263  -0.0225 0.0026  10 G A C6    
217 O O6    . G A 10 ? 0.3093 0.3459 0.3094 0.0216  -0.0186 0.0055  10 G A O6    
218 N N1    . G A 10 ? 0.3271 0.3603 0.3179 0.0285  -0.0303 -0.0026 10 G A N1    
219 C C2    . G A 10 ? 0.3235 0.3565 0.3032 0.0343  -0.0363 -0.0070 10 G A C2    
220 N N2    . G A 10 ? 0.3055 0.3330 0.2901 0.0351  -0.0444 -0.0119 10 G A N2    
221 N N3    . G A 10 ? 0.2972 0.3356 0.2629 0.0392  -0.0346 -0.0067 10 G A N3    
222 C C4    . G A 10 ? 0.3075 0.3514 0.2729 0.0367  -0.0263 -0.0012 10 G A C4    
223 P P     . G A 11 ? 0.3515 0.4173 0.2653 0.0598  -0.0293 0.0158  11 G A P     
224 O OP1   . G A 11 ? 0.3878 0.4596 0.2853 0.0678  -0.0306 0.0190  11 G A OP1   
225 O OP2   . G A 11 ? 0.3896 0.4528 0.3171 0.0512  -0.0236 0.0220  11 G A OP2   
226 O "O5'" . G A 11 ? 0.3446 0.4011 0.2663 0.0602  -0.0390 0.0086  11 G A "O5'" 
227 C "C5'" . G A 11 ? 0.3686 0.4242 0.2808 0.0679  -0.0474 0.0012  11 G A "C5'" 
228 C "C4'" . G A 11 ? 0.3691 0.4157 0.2922 0.0663  -0.0560 -0.0052 11 G A "C4'" 
229 O "O4'" . G A 11 ? 0.3642 0.4070 0.3011 0.0588  -0.0528 -0.0073 11 G A "O4'" 
230 C "C3'" . G A 11 ? 0.3810 0.4239 0.3121 0.0644  -0.0590 -0.0017 11 G A "C3'" 
231 O "O3'" . G A 11 ? 0.4060 0.4502 0.3248 0.0727  -0.0651 -0.0016 11 G A "O3'" 
232 C "C2'" . G A 11 ? 0.3593 0.3953 0.3051 0.0604  -0.0647 -0.0083 11 G A "C2'" 
233 O "O2'" . G A 11 ? 0.3835 0.4165 0.3244 0.0665  -0.0749 -0.0163 11 G A "O2'" 
234 C "C1'" . G A 11 ? 0.3627 0.3991 0.3138 0.0545  -0.0574 -0.0085 11 G A "C1'" 
235 N N9    . G A 11 ? 0.3248 0.3611 0.2882 0.0466  -0.0497 -0.0029 11 G A N9    
236 C C8    . G A 11 ? 0.3298 0.3706 0.2917 0.0436  -0.0405 0.0033  11 G A C8    
237 N N7    . G A 11 ? 0.3116 0.3504 0.2865 0.0370  -0.0361 0.0065  11 G A N7    
238 C C5    . G A 11 ? 0.2939 0.3275 0.2795 0.0355  -0.0422 0.0025  11 G A C5    
239 C C6    . G A 11 ? 0.2951 0.3257 0.2966 0.0298  -0.0410 0.0034  11 G A C6    
240 O O6    . G A 11 ? 0.2914 0.3226 0.3002 0.0252  -0.0348 0.0074  11 G A O6    
241 N N1    . G A 11 ? 0.3072 0.3345 0.3167 0.0300  -0.0484 -0.0015 11 G A N1    
242 C C2    . G A 11 ? 0.3232 0.3488 0.3264 0.0349  -0.0566 -0.0069 11 G A C2    
243 N N2    . G A 11 ? 0.3205 0.3431 0.3348 0.0339  -0.0634 -0.0112 11 G A N2    
244 N N3    . G A 11 ? 0.3241 0.3515 0.3118 0.0410  -0.0585 -0.0083 11 G A N3    
245 C C4    . G A 11 ? 0.3057 0.3376 0.2852 0.0409  -0.0506 -0.0031 11 G A C4    
246 P P     . C A 12 ? 0.3948 0.4385 0.3126 0.0733  -0.0650 0.0058  12 C A P     
247 O OP1   . C A 12 ? 0.4275 0.4739 0.3273 0.0839  -0.0703 0.0056  12 C A OP1   
248 O OP2   . C A 12 ? 0.3979 0.4437 0.3205 0.0665  -0.0547 0.0148  12 C A OP2   
249 O "O5'" . C A 12 ? 0.3856 0.4224 0.3201 0.0696  -0.0719 0.0014  12 C A "O5'" 
250 C "C5'" . C A 12 ? 0.4077 0.4410 0.3428 0.0746  -0.0830 -0.0071 12 C A "C5'" 
251 C "C4'" . C A 12 ? 0.3906 0.4190 0.3456 0.0684  -0.0869 -0.0102 12 C A "C4'" 
252 O "O4'" . C A 12 ? 0.3742 0.4017 0.3417 0.0600  -0.0809 -0.0107 12 C A "O4'" 
253 C "C3'" . C A 12 ? 0.3836 0.4111 0.3457 0.0659  -0.0853 -0.0043 12 C A "C3'" 
254 O "O3'" . C A 12 ? 0.4210 0.4477 0.3760 0.0735  -0.0937 -0.0054 12 C A "O3'" 
255 C "C2'" . C A 12 ? 0.3723 0.3973 0.3555 0.0582  -0.0860 -0.0077 12 C A "C2'" 
256 O "O2'" . C A 12 ? 0.3851 0.4076 0.3760 0.0602  -0.0964 -0.0156 12 C A "O2'" 
257 C "C1'" . C A 12 ? 0.3569 0.3826 0.3412 0.0536  -0.0794 -0.0085 12 C A "C1'" 
258 N N1    . C A 12 ? 0.3482 0.3760 0.3348 0.0480  -0.0686 -0.0013 12 C A N1    
259 C C2    . C A 12 ? 0.3204 0.3469 0.3235 0.0411  -0.0653 0.0002  12 C A C2    
260 O O2    . C A 12 ? 0.3326 0.3573 0.3486 0.0393  -0.0706 -0.0041 12 C A O2    
261 N N3    . C A 12 ? 0.3173 0.3451 0.3221 0.0367  -0.0564 0.0061  12 C A N3    
262 C C4    . C A 12 ? 0.3085 0.3392 0.3013 0.0381  -0.0507 0.0107  12 C A C4    
263 N N4    . C A 12 ? 0.3056 0.3371 0.3029 0.0330  -0.0428 0.0160  12 C A N4    
264 C C5    . C A 12 ? 0.3265 0.3596 0.3028 0.0447  -0.0531 0.0099  12 C A C5    
265 C C6    . C A 12 ? 0.3354 0.3668 0.3085 0.0499  -0.0622 0.0038  12 C A C6    
266 P P     . U A 13 ? 0.4311 0.4577 0.3800 0.0755  -0.0915 0.0030  13 U A P     
267 O OP1   . U A 13 ? 0.4675 0.4923 0.4089 0.0845  -0.1020 -0.0005 13 U A OP1   
268 O OP2   . U A 13 ? 0.4140 0.4437 0.3518 0.0743  -0.0813 0.0118  13 U A OP2   
269 O "O5'" . U A 13 ? 0.4178 0.4421 0.3869 0.0671  -0.0891 0.0046  13 U A "O5'" 
270 C "C5'" . U A 13 ? 0.4030 0.4253 0.3872 0.0661  -0.0969 -0.0020 13 U A "C5'" 
271 C "C4'" . U A 13 ? 0.3866 0.4088 0.3890 0.0578  -0.0920 0.0004  13 U A "C4'" 
272 O "O4'" . U A 13 ? 0.3585 0.3819 0.3659 0.0511  -0.0838 0.0011  13 U A "O4'" 
273 C "C3'" . U A 13 ? 0.3870 0.4079 0.3879 0.0569  -0.0875 0.0085  13 U A "C3'" 
274 O "O3'" . U A 13 ? 0.4035 0.4225 0.4059 0.0616  -0.0953 0.0074  13 U A "O3'" 
275 C "C2'" . U A 13 ? 0.3604 0.3820 0.3776 0.0482  -0.0805 0.0096  13 U A "C2'" 
276 O "O2'" . U A 13 ? 0.3449 0.3671 0.3797 0.0458  -0.0848 0.0050  13 U A "O2'" 
277 C "C1'" . U A 13 ? 0.3415 0.3649 0.3574 0.0454  -0.0764 0.0066  13 U A "C1'" 
278 N N1    . U A 13 ? 0.3388 0.3630 0.3443 0.0439  -0.0675 0.0131  13 U A N1    
279 C C2    . U A 13 ? 0.3219 0.3461 0.3366 0.0376  -0.0601 0.0169  13 U A C2    
280 O O2    . U A 13 ? 0.3092 0.3330 0.3387 0.0340  -0.0607 0.0151  13 U A O2    
281 N N3    . U A 13 ? 0.3064 0.3318 0.3127 0.0361  -0.0524 0.0227  13 U A N3    
282 C C4    . U A 13 ? 0.3372 0.3648 0.3273 0.0399  -0.0508 0.0254  13 U A C4    
283 O O4    . U A 13 ? 0.3376 0.3671 0.3233 0.0374  -0.0433 0.0307  13 U A O4    
284 C C5    . U A 13 ? 0.3472 0.3751 0.3272 0.0471  -0.0584 0.0212  13 U A C5    
285 C C6    . U A 13 ? 0.3578 0.3835 0.3456 0.0488  -0.0666 0.0153  13 U A C6    
286 P P     . G A 14 ? 0.4063 0.4220 0.4021 0.0639  -0.0941 0.0155  14 G A P     
287 O OP1   . G A 14 ? 0.4232 0.4372 0.4146 0.0720  -0.1045 0.0122  14 G A OP1   
288 O OP2   . G A 14 ? 0.4097 0.4247 0.3912 0.0635  -0.0858 0.0240  14 G A OP2   
289 O "O5'" . G A 14 ? 0.3689 0.3846 0.3836 0.0567  -0.0903 0.0162  14 G A "O5'" 
290 C "C5'" . G A 14 ? 0.3688 0.3859 0.4001 0.0561  -0.0961 0.0104  14 G A "C5'" 
291 C "C4'" . G A 14 ? 0.3679 0.3851 0.4129 0.0506  -0.0912 0.0131  14 G A "C4'" 
292 O "O4'" . G A 14 ? 0.3478 0.3674 0.4001 0.0436  -0.0828 0.0134  14 G A "O4'" 
293 C "C3'" . G A 14 ? 0.3720 0.3841 0.4089 0.0518  -0.0883 0.0214  14 G A "C3'" 
294 O "O3'" . G A 14 ? 0.3814 0.3906 0.4162 0.0579  -0.0963 0.0210  14 G A "O3'" 
295 C "C2'" . G A 14 ? 0.3561 0.3694 0.4073 0.0450  -0.0817 0.0224  14 G A "C2'" 
296 O "O2'" . G A 14 ? 0.3553 0.3717 0.4233 0.0445  -0.0855 0.0175  14 G A "O2'" 
297 C "C1'" . G A 14 ? 0.3525 0.3696 0.4058 0.0404  -0.0764 0.0197  14 G A "C1'" 
298 N N9    . G A 14 ? 0.3400 0.3556 0.3809 0.0389  -0.0694 0.0252  14 G A N9    
299 C C8    . G A 14 ? 0.3476 0.3638 0.3740 0.0415  -0.0693 0.0256  14 G A C8    
300 N N7    . G A 14 ? 0.3555 0.3718 0.3746 0.0390  -0.0617 0.0309  14 G A N7    
301 C C5    . G A 14 ? 0.3439 0.3584 0.3729 0.0341  -0.0570 0.0340  14 G A C5    
302 C C6    . G A 14 ? 0.3392 0.3529 0.3674 0.0297  -0.0490 0.0394  14 G A C6    
303 O O6    . G A 14 ? 0.3384 0.3536 0.3571 0.0288  -0.0440 0.0429  14 G A O6    
304 N N1    . G A 14 ? 0.3201 0.3316 0.3606 0.0265  -0.0476 0.0402  14 G A N1    
305 C C2    . G A 14 ? 0.3372 0.3484 0.3891 0.0276  -0.0526 0.0364  14 G A C2    
306 N N2    . G A 14 ? 0.3324 0.3421 0.3946 0.0252  -0.0505 0.0374  14 G A N2    
307 N N3    . G A 14 ? 0.3323 0.3453 0.3858 0.0314  -0.0597 0.0315  14 G A N3    
308 C C4    . G A 14 ? 0.3407 0.3548 0.3825 0.0344  -0.0616 0.0305  14 G A C4    
309 P P     . C A 15 ? 0.3890 0.3910 0.4079 0.0625  -0.0967 0.0293  15 C A P     
310 O OP1   . C A 15 ? 0.3949 0.3951 0.4151 0.0692  -0.1068 0.0259  15 C A OP1   
311 O OP2   . C A 15 ? 0.3904 0.3912 0.3905 0.0646  -0.0935 0.0342  15 C A OP2   
312 O "O5'" . C A 15 ? 0.3780 0.3765 0.4032 0.0569  -0.0898 0.0354  15 C A "O5'" 
313 C "C5'" . C A 15 ? 0.3732 0.3727 0.4148 0.0552  -0.0916 0.0321  15 C A "C5'" 
314 C "C4'" . C A 15 ? 0.3519 0.3479 0.3971 0.0499  -0.0845 0.0377  15 C A "C4'" 
315 O "O4'" . C A 15 ? 0.3550 0.3552 0.4037 0.0437  -0.0763 0.0374  15 C A "O4'" 
316 C "C3'" . C A 15 ? 0.3754 0.3627 0.4061 0.0510  -0.0824 0.0474  15 C A "C3'" 
317 O "O3'" . C A 15 ? 0.3599 0.3407 0.3890 0.0558  -0.0889 0.0492  15 C A "O3'" 
318 C "C2'" . C A 15 ? 0.3587 0.3456 0.3959 0.0440  -0.0740 0.0506  15 C A "C2'" 
319 O "O2'" . C A 15 ? 0.3545 0.3401 0.4051 0.0427  -0.0749 0.0487  15 C A "O2'" 
320 C "C1'" . C A 15 ? 0.3304 0.3257 0.3732 0.0404  -0.0699 0.0451  15 C A "C1'" 
321 N N1    . C A 15 ? 0.3321 0.3288 0.3619 0.0392  -0.0649 0.0487  15 C A N1    
322 C C2    . C A 15 ? 0.3342 0.3295 0.3625 0.0341  -0.0569 0.0542  15 C A C2    
323 O O2    . C A 15 ? 0.3138 0.3059 0.3508 0.0310  -0.0550 0.0560  15 C A O2    
324 N N3    . C A 15 ? 0.3100 0.3079 0.3274 0.0332  -0.0522 0.0572  15 C A N3    
325 C C4    . C A 15 ? 0.3379 0.3393 0.3454 0.0376  -0.0551 0.0547  15 C A C4    
326 N N4    . C A 15 ? 0.3182 0.3230 0.3149 0.0372  -0.0502 0.0575  15 C A N4    
327 C C5    . C A 15 ? 0.3432 0.3448 0.3520 0.0428  -0.0636 0.0488  15 C A C5    
328 C C6    . C A 15 ? 0.3485 0.3482 0.3689 0.0432  -0.0681 0.0461  15 C A C6    
329 P P     . U A 16 ? 0.4012 0.3724 0.4117 0.0602  -0.0905 0.0584  16 U A P     
330 O OP1   . U A 16 ? 0.3895 0.3545 0.4020 0.0655  -0.0986 0.0578  16 U A OP1   
331 O OP2   . U A 16 ? 0.3968 0.3702 0.3918 0.0637  -0.0907 0.0598  16 U A OP2   
332 O "O5'" . U A 16 ? 0.3850 0.3515 0.3935 0.0536  -0.0820 0.0671  16 U A "O5'" 
333 C "C5'" . U A 16 ? 0.3841 0.3467 0.4045 0.0499  -0.0807 0.0676  16 U A "C5'" 
334 C "C4'" . U A 16 ? 0.3839 0.3434 0.4018 0.0435  -0.0724 0.0752  16 U A "C4'" 
335 O "O4'" . U A 16 ? 0.3608 0.3297 0.3824 0.0389  -0.0658 0.0716  16 U A "O4'" 
336 C "C3'" . U A 16 ? 0.3985 0.3518 0.3994 0.0439  -0.0702 0.0859  16 U A "C3'" 
337 O "O3'" . U A 16 ? 0.4113 0.3525 0.4078 0.0458  -0.0741 0.0927  16 U A "O3'" 
338 C "C2'" . U A 16 ? 0.3948 0.3519 0.3983 0.0364  -0.0608 0.0891  16 U A "C2'" 
339 O "O2'" . U A 16 ? 0.3792 0.3307 0.3930 0.0316  -0.0589 0.0913  16 U A "O2'" 
340 C "C1'" . U A 16 ? 0.3872 0.3551 0.3992 0.0354  -0.0592 0.0795  16 U A "C1'" 
341 N N1    . U A 16 ? 0.3880 0.3629 0.3890 0.0376  -0.0577 0.0784  16 U A N1    
342 C C2    . U A 16 ? 0.4028 0.3818 0.3983 0.0337  -0.0500 0.0825  16 U A C2    
343 O O2    . U A 16 ? 0.3952 0.3723 0.3949 0.0280  -0.0444 0.0871  16 U A O2    
344 N N3    . U A 16 ? 0.3864 0.3719 0.3713 0.0371  -0.0496 0.0806  16 U A N3    
345 C C4    . U A 16 ? 0.4138 0.4012 0.3935 0.0438  -0.0566 0.0750  16 U A C4    
346 O O4    . U A 16 ? 0.4186 0.4115 0.3886 0.0469  -0.0562 0.0732  16 U A O4    
347 C C5    . U A 16 ? 0.4073 0.3903 0.3942 0.0471  -0.0643 0.0711  16 U A C5    
348 C C6    . U A 16 ? 0.4064 0.3836 0.4031 0.0440  -0.0645 0.0730  16 U A C6    
349 P P     . G A 17 ? 0.4255 0.3589 0.4026 0.0497  -0.0753 0.1031  17 G A P     
350 O OP1   . G A 17 ? 0.4184 0.3387 0.3940 0.0522  -0.0811 0.1078  17 G A OP1   
351 O OP2   . G A 17 ? 0.4522 0.3923 0.4188 0.0560  -0.0780 0.0994  17 G A OP2   
352 O "O5'" . G A 17 ? 0.4427 0.3775 0.4155 0.0424  -0.0652 0.1119  17 G A "O5'" 
353 C "C5'" . G A 17 ? 0.4479 0.3745 0.4272 0.0362  -0.0623 0.1184  17 G A "C5'" 
354 C "C4'" . G A 17 ? 0.4578 0.3888 0.4349 0.0292  -0.0527 0.1253  17 G A "C4'" 
355 O "O4'" . G A 17 ? 0.4549 0.3989 0.4378 0.0271  -0.0481 0.1175  17 G A "O4'" 
356 C "C3'" . G A 17 ? 0.4867 0.4179 0.4457 0.0310  -0.0492 0.1355  17 G A "C3'" 
357 O "O3'" . G A 17 ? 0.5142 0.4324 0.4670 0.0307  -0.0509 0.1462  17 G A "O3'" 
358 C "C2'" . G A 17 ? 0.4965 0.4375 0.4594 0.0239  -0.0396 0.1371  17 G A "C2'" 
359 O "O2'" . G A 17 ? 0.5151 0.4501 0.4875 0.0162  -0.0360 0.1430  17 G A "O2'" 
360 C "C1'" . G A 17 ? 0.4644 0.4147 0.4379 0.0245  -0.0405 0.1239  17 G A "C1'" 
361 N N9    . G A 17 ? 0.4561 0.4161 0.4213 0.0299  -0.0412 0.1181  17 G A N9    
362 C C8    . G A 17 ? 0.4538 0.4147 0.4173 0.0369  -0.0487 0.1102  17 G A C8    
363 N N7    . G A 17 ? 0.4527 0.4224 0.4090 0.0404  -0.0480 0.1058  17 G A N7    
364 C C5    . G A 17 ? 0.4557 0.4312 0.4082 0.0358  -0.0394 0.1111  17 G A C5    
365 C C6    . G A 17 ? 0.4704 0.4564 0.4144 0.0373  -0.0352 0.1094  17 G A C6    
366 O O6    . G A 17 ? 0.4579 0.4492 0.3959 0.0431  -0.0388 0.1027  17 G A O6    
367 N N1    . G A 17 ? 0.4512 0.4415 0.3947 0.0315  -0.0264 0.1161  17 G A N1    
368 C C2    . G A 17 ? 0.4649 0.4497 0.4158 0.0245  -0.0222 0.1237  17 G A C2    
369 N N2    . G A 17 ? 0.4594 0.4507 0.4096 0.0193  -0.0137 0.1293  17 G A N2    
370 N N3    . G A 17 ? 0.4599 0.4339 0.4184 0.0229  -0.0264 0.1255  17 G A N3    
371 C C4    . G A 17 ? 0.4516 0.4217 0.4100 0.0290  -0.0349 0.1187  17 G A C4    
372 P P     . C A 18 ? 0.5237 0.4378 0.4550 0.0362  -0.0512 0.1568  18 C A P     
373 O OP1   . C A 18 ? 0.5599 0.4581 0.4881 0.0354  -0.0543 0.1669  18 C A OP1   
374 O OP2   . C A 18 ? 0.5583 0.4791 0.4809 0.0452  -0.0561 0.1489  18 C A OP2   
375 O "O5'" . C A 18 ? 0.5806 0.5055 0.5073 0.0309  -0.0403 0.1632  18 C A "O5'" 
376 C "C5'" . C A 18 ? 0.6108 0.5329 0.5442 0.0217  -0.0336 0.1723  18 C A "C5'" 
377 C "C4'" . C A 18 ? 0.6048 0.5409 0.5339 0.0183  -0.0239 0.1754  18 C A "C4'" 
378 O "O4'" . C A 18 ? 0.5943 0.5427 0.5299 0.0196  -0.0232 0.1627  18 C A "O4'" 
379 C "C3'" . C A 18 ? 0.6413 0.5813 0.5494 0.0246  -0.0214 0.1832  18 C A "C3'" 
380 O "O3'" . C A 18 ? 0.6925 0.6241 0.5937 0.0212  -0.0180 0.1986  18 C A "O3'" 
381 C "C2'" . C A 18 ? 0.6218 0.5789 0.5301 0.0231  -0.0140 0.1791  18 C A "C2'" 
382 O "O2'" . C A 18 ? 0.6422 0.6032 0.5567 0.0140  -0.0051 0.1877  18 C A "O2'" 
383 C "C1'" . C A 18 ? 0.5918 0.5526 0.5148 0.0228  -0.0180 0.1639  18 C A "C1'" 
384 N N1    . C A 18 ? 0.5796 0.5450 0.4961 0.0319  -0.0245 0.1531  18 C A N1    
385 C C2    . C A 18 ? 0.5780 0.5566 0.4882 0.0350  -0.0214 0.1477  18 C A C2    
386 O O2    . C A 18 ? 0.5637 0.5514 0.4730 0.0309  -0.0131 0.1516  18 C A O2    
387 N N3    . C A 18 ? 0.5651 0.5462 0.4707 0.0429  -0.0282 0.1378  18 C A N3    
388 C C4    . C A 18 ? 0.5619 0.5347 0.4692 0.0474  -0.0372 0.1334  18 C A C4    
389 N N4    . C A 18 ? 0.5525 0.5287 0.4565 0.0547  -0.0438 0.1237  18 C A N4    
390 C C5    . C A 18 ? 0.5738 0.5339 0.4870 0.0449  -0.0402 0.1385  18 C A C5    
391 C C6    . C A 18 ? 0.5862 0.5424 0.5033 0.0372  -0.0339 0.1482  18 C A C6    
392 P P     . C A 19 ? 0.7264 0.6562 0.6038 0.0290  -0.0176 0.2091  19 C A P     
393 O OP1   . C A 19 ? 0.7459 0.6671 0.6203 0.0228  -0.0126 0.2256  19 C A OP1   
394 O OP2   . C A 19 ? 0.7392 0.6617 0.6079 0.0395  -0.0282 0.2023  19 C A OP2   
395 O "O5'" . C A 19 ? 0.7044 0.6534 0.5744 0.0317  -0.0108 0.2056  19 C A "O5'" 
396 C "C5'" . C A 19 ? 0.7132 0.6721 0.5823 0.0254  0.0003  0.2150  19 C A "C5'" 
397 C "C4'" . C A 19 ? 0.7042 0.6802 0.5618 0.0316  0.0043  0.2106  19 C A "C4'" 
398 O "O4'" . C A 19 ? 0.6752 0.6574 0.5420 0.0336  0.0000  0.1943  19 C A "O4'" 
399 C "C3'" . C A 19 ? 0.7221 0.6981 0.5564 0.0439  0.0008  0.2132  19 C A "C3'" 
400 O "O3'" . C A 19 ? 0.7584 0.7338 0.5785 0.0437  0.0074  0.2297  19 C A "O3'" 
401 C "C2'" . C A 19 ? 0.7038 0.6959 0.5340 0.0493  0.0019  0.2020  19 C A "C2'" 
402 O "O2'" . C A 19 ? 0.7006 0.7072 0.5260 0.0468  0.0125  0.2087  19 C A "O2'" 
403 C "C1'" . C A 19 ? 0.6682 0.6600 0.5198 0.0437  -0.0017 0.1886  19 C A "C1'" 
404 N N1    . C A 19 ? 0.6597 0.6455 0.5117 0.0512  -0.0131 0.1760  19 C A N1    
405 C C2    . C A 19 ? 0.6435 0.6389 0.4914 0.0581  -0.0164 0.1642  19 C A C2    
406 O O2    . C A 19 ? 0.6479 0.6562 0.4911 0.0585  -0.0103 0.1635  19 C A O2    
407 N N3    . C A 19 ? 0.6324 0.6227 0.4822 0.0640  -0.0266 0.1534  19 C A N3    
408 C C4    . C A 19 ? 0.6308 0.6082 0.4858 0.0641  -0.0333 0.1537  19 C A C4    
409 N N4    . C A 19 ? 0.6325 0.6071 0.4903 0.0701  -0.0430 0.1427  19 C A N4    
410 C C5    . C A 19 ? 0.6540 0.6211 0.5121 0.0580  -0.0306 0.1652  19 C A C5    
411 C C6    . C A 19 ? 0.6648 0.6359 0.5214 0.0515  -0.0206 0.1761  19 C A C6    
412 O OP3   . G B 1  ? 0.8059 0.8248 0.6815 0.1005  -0.0841 0.0502  1  G B OP3   
413 P P     . G B 1  ? 0.8212 0.8443 0.6761 0.1113  -0.0872 0.0493  1  G B P     
414 O OP1   . G B 1  ? 0.8586 0.8768 0.7010 0.1199  -0.0933 0.0529  1  G B OP1   
415 O OP2   . G B 1  ? 0.8253 0.8518 0.6839 0.1138  -0.0933 0.0372  1  G B OP2   
416 O "O5'" . G B 1  ? 0.7984 0.8279 0.6409 0.1096  -0.0753 0.0595  1  G B "O5'" 
417 C "C5'" . G B 1  ? 0.7740 0.8114 0.6009 0.1167  -0.0743 0.0576  1  G B "C5'" 
418 C "C4'" . G B 1  ? 0.7619 0.8049 0.5765 0.1157  -0.0630 0.0702  1  G B "C4'" 
419 O "O4'" . G B 1  ? 0.7620 0.7996 0.5664 0.1191  -0.0632 0.0799  1  G B "O4'" 
420 C "C3'" . G B 1  ? 0.7405 0.7846 0.5692 0.1029  -0.0523 0.0764  1  G B "C3'" 
421 O "O3'" . G B 1  ? 0.7444 0.7955 0.5790 0.0996  -0.0489 0.0701  1  G B "O3'" 
422 C "C2'" . G B 1  ? 0.7409 0.7878 0.5557 0.1036  -0.0439 0.0905  1  G B "C2'" 
423 O "O2'" . G B 1  ? 0.7622 0.8203 0.5612 0.1097  -0.0393 0.0924  1  G B "O2'" 
424 C "C1'" . G B 1  ? 0.7351 0.7736 0.5404 0.1113  -0.0519 0.0927  1  G B "C1'" 
425 N N9    . G B 1  ? 0.7156 0.7436 0.5336 0.1047  -0.0532 0.0968  1  G B N9    
426 C C8    . G B 1  ? 0.7048 0.7248 0.5336 0.1053  -0.0628 0.0889  1  G B C8    
427 N N7    . G B 1  ? 0.7035 0.7154 0.5417 0.0995  -0.0620 0.0944  1  G B N7    
428 C C5    . G B 1  ? 0.7046 0.7180 0.5382 0.0942  -0.0516 0.1068  1  G B C5    
429 C C6    . G B 1  ? 0.7083 0.7141 0.5484 0.0869  -0.0471 0.1168  1  G B C6    
430 O O6    . G B 1  ? 0.7190 0.7151 0.5691 0.0843  -0.0517 0.1163  1  G B O6    
431 N N1    . G B 1  ? 0.7242 0.7344 0.5582 0.0826  -0.0366 0.1282  1  G B N1    
432 C C2    . G B 1  ? 0.7213 0.7435 0.5441 0.0854  -0.0305 0.1297  1  G B C2    
433 N N2    . G B 1  ? 0.7290 0.7550 0.5491 0.0799  -0.0202 0.1418  1  G B N2    
434 N N3    . G B 1  ? 0.7284 0.7579 0.5440 0.0931  -0.0347 0.1200  1  G B N3    
435 C C4    . G B 1  ? 0.7130 0.7369 0.5345 0.0972  -0.0456 0.1088  1  G B C4    
436 P P     . G B 2  ? 0.6978 0.7475 0.5537 0.0869  -0.0432 0.0690  2  G B P     
437 O OP1   . G B 2  ? 0.7140 0.7703 0.5715 0.0871  -0.0426 0.0605  2  G B OP1   
438 O OP2   . G B 2  ? 0.7059 0.7461 0.5771 0.0828  -0.0489 0.0661  2  G B OP2   
439 O "O5'" . G B 2  ? 0.6821 0.7348 0.5360 0.0811  -0.0320 0.0824  2  G B "O5'" 
440 C "C5'" . G B 2  ? 0.6832 0.7465 0.5248 0.0833  -0.0244 0.0879  2  G B "C5'" 
441 C "C4'" . G B 2  ? 0.6808 0.7443 0.5247 0.0759  -0.0147 0.1012  2  G B "C4'" 
442 O "O4'" . G B 2  ? 0.6790 0.7340 0.5169 0.0782  -0.0177 0.1091  2  G B "O4'" 
443 C "C3'" . G B 2  ? 0.6590 0.7188 0.5236 0.0639  -0.0104 0.1019  2  G B "C3'" 
444 O "O3'" . G B 2  ? 0.6831 0.7519 0.5532 0.0599  -0.0043 0.0984  2  G B "O3'" 
445 C "C2'" . G B 2  ? 0.6612 0.7173 0.5245 0.0594  -0.0048 0.1157  2  G B "C2'" 
446 O "O2'" . G B 2  ? 0.6696 0.7359 0.5257 0.0579  0.0048  0.1249  2  G B "O2'" 
447 C "C1'" . G B 2  ? 0.6490 0.6985 0.4988 0.0683  -0.0123 0.1177  2  G B "C1'" 
448 N N9    . G B 2  ? 0.6292 0.6661 0.4892 0.0668  -0.0199 0.1143  2  G B N9    
449 C C8    . G B 2  ? 0.6227 0.6553 0.4861 0.0714  -0.0298 0.1032  2  G B C8    
450 N N7    . G B 2  ? 0.6107 0.6333 0.4839 0.0689  -0.0346 0.1029  2  G B N7    
451 C C5    . G B 2  ? 0.6169 0.6358 0.4927 0.0625  -0.0282 0.1142  2  G B C5    
452 C C6    . G B 2  ? 0.6176 0.6255 0.5027 0.0580  -0.0301 0.1186  2  G B C6    
453 O O6    . G B 2  ? 0.6210 0.6214 0.5134 0.0594  -0.0377 0.1130  2  G B O6    
454 N N1    . G B 2  ? 0.6210 0.6272 0.5063 0.0516  -0.0222 0.1306  2  G B N1    
455 C C2    . G B 2  ? 0.6289 0.6445 0.5074 0.0494  -0.0131 0.1376  2  G B C2    
456 N N2    . G B 2  ? 0.6373 0.6499 0.5189 0.0424  -0.0067 0.1491  2  G B N2    
457 N N3    . G B 2  ? 0.6368 0.6639 0.5065 0.0539  -0.0109 0.1333  2  G B N3    
458 C C4    . G B 2  ? 0.6228 0.6502 0.4912 0.0606  -0.0191 0.1216  2  G B C4    
459 P P     . C B 3  ? 0.6613 0.7272 0.5515 0.0513  -0.0037 0.0913  3  C B P     
460 O OP1   . C B 3  ? 0.6735 0.7504 0.5625 0.0511  0.0015  0.0872  3  C B OP1   
461 O OP2   . C B 3  ? 0.6417 0.6985 0.5396 0.0526  -0.0128 0.0824  3  C B OP2   
462 O "O5'" . C B 3  ? 0.6391 0.7003 0.5403 0.0420  0.0021  0.1013  3  C B "O5'" 
463 C "C5'" . C B 3  ? 0.6274 0.6960 0.5277 0.0375  0.0115  0.1103  3  C B "C5'" 
464 C "C4'" . C B 3  ? 0.6133 0.6737 0.5248 0.0292  0.0140  0.1190  3  C B "C4'" 
465 O "O4'" . C B 3  ? 0.5994 0.6508 0.5023 0.0331  0.0093  0.1252  3  C B "O4'" 
466 C "C3'" . C B 3  ? 0.5874 0.6395 0.5174 0.0230  0.0110  0.1128  3  C B "C3'" 
467 O "O3'" . C B 3  ? 0.5916 0.6499 0.5328 0.0170  0.0165  0.1092  3  C B "O3'" 
468 C "C2'" . C B 3  ? 0.5767 0.6184 0.5101 0.0193  0.0104  0.1222  3  C B "C2'" 
469 O "O2'" . C B 3  ? 0.5867 0.6307 0.5233 0.0126  0.0178  0.1326  3  C B "O2'" 
470 C "C1'" . C B 3  ? 0.5725 0.6118 0.4887 0.0276  0.0062  0.1262  3  C B "C1'" 
471 N N1    . C B 3  ? 0.5517 0.5827 0.4688 0.0326  -0.0037 0.1181  3  C B N1    
472 C C2    . C B 3  ? 0.5463 0.5653 0.4702 0.0308  -0.0083 0.1207  3  C B C2    
473 O O2    . C B 3  ? 0.5460 0.5599 0.4746 0.0250  -0.0047 0.1296  3  C B O2    
474 N N3    . C B 3  ? 0.5389 0.5521 0.4645 0.0356  -0.0171 0.1130  3  C B N3    
475 C C4    . C B 3  ? 0.5347 0.5529 0.4566 0.0412  -0.0213 0.1034  3  C B C4    
476 N N4    . C B 3  ? 0.5333 0.5463 0.4589 0.0452  -0.0299 0.0963  3  C B N4    
477 C C5    . C B 3  ? 0.5290 0.5581 0.4438 0.0431  -0.0171 0.1007  3  C B C5    
478 C C6    . C B 3  ? 0.5347 0.5700 0.4472 0.0390  -0.0084 0.1080  3  C B C6    
479 P P     . G B 4  ? 0.6061 0.6592 0.5630 0.0134  0.0133  0.0991  4  G B P     
480 O OP1   . G B 4  ? 0.6108 0.6720 0.5750 0.0086  0.0199  0.0975  4  G B OP1   
481 O OP2   . G B 4  ? 0.5739 0.6246 0.5281 0.0193  0.0061  0.0894  4  G B OP2   
482 O "O5'" . G B 4  ? 0.5746 0.6157 0.5422 0.0087  0.0107  0.1035  4  G B "O5'" 
483 C "C5'" . G B 4  ? 0.5386 0.5782 0.5153 0.0015  0.0157  0.1105  4  G B "C5'" 
484 C "C4'" . G B 4  ? 0.5135 0.5403 0.4984 -0.0010 0.0111  0.1135  4  G B "C4'" 
485 O "O4'" . G B 4  ? 0.5113 0.5321 0.4850 0.0046  0.0059  0.1171  4  G B "O4'" 
486 C "C3'" . G B 4  ? 0.4755 0.4961 0.4725 -0.0014 0.0060  0.1041  4  G B "C3'" 
487 O "O3'" . G B 4  ? 0.4550 0.4779 0.4650 -0.0067 0.0095  0.1002  4  G B "O3'" 
488 C "C2'" . G B 4  ? 0.4509 0.4597 0.4500 -0.0016 0.0012  0.1095  4  G B "C2'" 
489 O "O2'" . G B 4  ? 0.4613 0.4654 0.4676 -0.0078 0.0040  0.1169  4  G B "O2'" 
490 C "C1'" . G B 4  ? 0.4608 0.4702 0.4430 0.0041  -0.0003 0.1152  4  G B "C1'" 
491 N N9    . G B 4  ? 0.4384 0.4462 0.4156 0.0111  -0.0072 0.1083  4  G B N9    
492 C C8    . G B 4  ? 0.4459 0.4606 0.4140 0.0167  -0.0088 0.1025  4  G B C8    
493 N N7    . G B 4  ? 0.4429 0.4538 0.4102 0.0218  -0.0161 0.0967  4  G B N7    
494 C C5    . G B 4  ? 0.4388 0.4402 0.4149 0.0196  -0.0195 0.0988  4  G B C5    
495 C C6    . G B 4  ? 0.4424 0.4372 0.4226 0.0232  -0.0274 0.0946  4  G B C6    
496 O O6    . G B 4  ? 0.4404 0.4368 0.4176 0.0286  -0.0330 0.0882  4  G B O6    
497 N N1    . G B 4  ? 0.4376 0.4237 0.4265 0.0200  -0.0287 0.0981  4  G B N1    
498 C C2    . G B 4  ? 0.4473 0.4305 0.4409 0.0137  -0.0236 0.1049  4  G B C2    
499 N N2    . G B 4  ? 0.4468 0.4203 0.4485 0.0119  -0.0268 0.1072  4  G B N2    
500 N N3    . G B 4  ? 0.4481 0.4374 0.4389 0.0098  -0.0162 0.1091  4  G B N3    
501 C C4    . G B 4  ? 0.4445 0.4433 0.4264 0.0132  -0.0143 0.1057  4  G B C4    
502 P P     . G B 5  ? 0.4256 0.4496 0.4433 -0.0053 0.0072  0.0884  5  G B P     
503 O OP1   . G B 5  ? 0.4507 0.4773 0.4793 -0.0106 0.0118  0.0868  5  G B OP1   
504 O OP2   . G B 5  ? 0.4442 0.4740 0.4529 0.0000  0.0057  0.0824  5  G B OP2   
505 O "O5'" . G B 5  ? 0.3966 0.4103 0.4219 -0.0043 0.0006  0.0862  5  G B "O5'" 
506 C "C5'" . G B 5  ? 0.3814 0.3876 0.4164 -0.0083 0.0000  0.0901  5  G B "C5'" 
507 C "C4'" . G B 5  ? 0.3581 0.3558 0.3980 -0.0055 -0.0068 0.0874  5  G B "C4'" 
508 O "O4'" . G B 5  ? 0.3781 0.3719 0.4077 -0.0014 -0.0111 0.0920  5  G B "O4'" 
509 C "C3'" . G B 5  ? 0.3421 0.3425 0.3872 -0.0026 -0.0094 0.0774  5  G B "C3'" 
510 O "O3'" . G B 5  ? 0.3167 0.3173 0.3738 -0.0055 -0.0073 0.0728  5  G B "O3'" 
511 C "C2'" . G B 5  ? 0.3418 0.3353 0.3874 0.0012  -0.0165 0.0774  5  G B "C2'" 
512 O "O2'" . G B 5  ? 0.3076 0.2934 0.3624 -0.0003 -0.0188 0.0786  5  G B "O2'" 
513 C "C1'" . G B 5  ? 0.3650 0.3568 0.3970 0.0031  -0.0172 0.0853  5  G B "C1'" 
514 N N9    . G B 5  ? 0.3608 0.3584 0.3828 0.0077  -0.0184 0.0823  5  G B N9    
515 C C8    . G B 5  ? 0.3693 0.3746 0.3821 0.0083  -0.0145 0.0823  5  G B C8    
516 N N7    . G B 5  ? 0.3659 0.3741 0.3714 0.0135  -0.0182 0.0783  5  G B N7    
517 C C5    . G B 5  ? 0.3654 0.3678 0.3765 0.0160  -0.0249 0.0753  5  G B C5    
518 C C6    . G B 5  ? 0.3711 0.3733 0.3798 0.0215  -0.0318 0.0703  5  G B C6    
519 O O6    . G B 5  ? 0.3783 0.3848 0.3793 0.0255  -0.0339 0.0668  5  G B O6    
520 N N1    . G B 5  ? 0.3593 0.3560 0.3769 0.0224  -0.0369 0.0686  5  G B N1    
521 C C2    . G B 5  ? 0.3703 0.3614 0.3967 0.0192  -0.0362 0.0712  5  G B C2    
522 N N2    . G B 5  ? 0.3594 0.3463 0.3934 0.0217  -0.0422 0.0684  5  G B N2    
523 N N3    . G B 5  ? 0.3635 0.3536 0.3919 0.0143  -0.0304 0.0759  5  G B N3    
524 C C4    . G B 5  ? 0.3767 0.3728 0.3976 0.0127  -0.0249 0.0777  5  G B C4    
525 P P     . C B 6  ? 0.2989 0.3059 0.3597 -0.0045 -0.0056 0.0637  6  C B P     
526 O OP1   . C B 6  ? 0.3031 0.3096 0.3744 -0.0073 -0.0031 0.0610  6  C B OP1   
527 O OP2   . C B 6  ? 0.3060 0.3202 0.3571 -0.0034 -0.0029 0.0629  6  C B OP2   
528 O "O5'" . C B 6  ? 0.3051 0.3102 0.3697 -0.0005 -0.0114 0.0587  6  C B "O5'" 
529 C "C5'" . C B 6  ? 0.3044 0.3037 0.3780 0.0002  -0.0152 0.0581  6  C B "C5'" 
530 C "C4'" . C B 6  ? 0.3093 0.3086 0.3846 0.0043  -0.0207 0.0543  6  C B "C4'" 
531 O "O4'" . C B 6  ? 0.3139 0.3108 0.3794 0.0070  -0.0244 0.0586  6  C B "O4'" 
532 C "C3'" . C B 6  ? 0.2920 0.2981 0.3692 0.0054  -0.0198 0.0475  6  C B "C3'" 
533 O "O3'" . C B 6  ? 0.3012 0.3093 0.3885 0.0043  -0.0173 0.0428  6  C B "O3'" 
534 C "C2'" . C B 6  ? 0.3003 0.3054 0.3772 0.0093  -0.0264 0.0462  6  C B "C2'" 
535 O "O2'" . C B 6  ? 0.3033 0.3065 0.3905 0.0109  -0.0296 0.0439  6  C B "O2'" 
536 C "C1'" . C B 6  ? 0.3165 0.3167 0.3823 0.0104  -0.0284 0.0533  6  C B "C1'" 
537 N N1    . C B 6  ? 0.3320 0.3363 0.3865 0.0116  -0.0277 0.0538  6  C B N1    
538 C C2    . C B 6  ? 0.3172 0.3229 0.3688 0.0158  -0.0333 0.0505  6  C B C2    
539 O O2    . C B 6  ? 0.3267 0.3311 0.3856 0.0179  -0.0383 0.0475  6  C B O2    
540 N N3    . C B 6  ? 0.3200 0.3290 0.3610 0.0177  -0.0334 0.0501  6  C B N3    
541 C C4    . C B 6  ? 0.3344 0.3459 0.3677 0.0158  -0.0279 0.0530  6  C B C4    
542 N N4    . C B 6  ? 0.3347 0.3499 0.3570 0.0189  -0.0288 0.0520  6  C B N4    
543 C C5    . C B 6  ? 0.3295 0.3406 0.3663 0.0113  -0.0219 0.0566  6  C B C5    
544 C C6    . C B 6  ? 0.3226 0.3296 0.3701 0.0092  -0.0222 0.0568  6  C B C6    
545 P P     . G B 7  ? 0.2840 0.2985 0.3739 0.0038  -0.0140 0.0367  7  G B P     
546 O OP1   . G B 7  ? 0.3063 0.3215 0.4060 0.0033  -0.0114 0.0332  7  G B OP1   
547 O OP2   . G B 7  ? 0.2793 0.2962 0.3597 0.0023  -0.0106 0.0376  7  G B OP2   
548 O "O5'" . G B 7  ? 0.2689 0.2853 0.3603 0.0065  -0.0191 0.0338  7  G B "O5'" 
549 C "C5'" . G B 7  ? 0.2717 0.2922 0.3614 0.0066  -0.0191 0.0300  7  G B "C5'" 
550 C "C4'" . G B 7  ? 0.2572 0.2784 0.3496 0.0092  -0.0255 0.0282  7  G B "C4'" 
551 O "O4'" . G B 7  ? 0.2595 0.2772 0.3424 0.0117  -0.0297 0.0323  7  G B "O4'" 
552 C "C3'" . G B 7  ? 0.2562 0.2809 0.3485 0.0093  -0.0271 0.0237  7  G B "C3'" 
553 O "O3'" . G B 7  ? 0.2684 0.2967 0.3722 0.0077  -0.0250 0.0199  7  G B "O3'" 
554 C "C2'" . G B 7  ? 0.2673 0.2916 0.3585 0.0127  -0.0345 0.0235  7  G B "C2'" 
555 O "O2'" . G B 7  ? 0.2664 0.2922 0.3698 0.0135  -0.0374 0.0214  7  G B "O2'" 
556 C "C1'" . G B 7  ? 0.2710 0.2906 0.3509 0.0141  -0.0348 0.0295  7  G B "C1'" 
557 N N9    . G B 7  ? 0.2652 0.2848 0.3318 0.0149  -0.0341 0.0310  7  G B N9    
558 C C8    . G B 7  ? 0.2796 0.2991 0.3378 0.0132  -0.0287 0.0345  7  G B C8    
559 N N7    . G B 7  ? 0.2853 0.3064 0.3321 0.0153  -0.0294 0.0347  7  G B N7    
560 C C5    . G B 7  ? 0.2709 0.2923 0.3183 0.0186  -0.0362 0.0308  7  G B C5    
561 C C6    . G B 7  ? 0.2909 0.3134 0.3287 0.0226  -0.0407 0.0284  7  G B C6    
562 O O6    . G B 7  ? 0.2939 0.3178 0.3195 0.0243  -0.0390 0.0297  7  G B O6    
563 N N1    . G B 7  ? 0.2847 0.3070 0.3285 0.0252  -0.0480 0.0240  7  G B N1    
564 C C2    . G B 7  ? 0.2933 0.3155 0.3512 0.0238  -0.0502 0.0221  7  G B C2    
565 N N2    . G B 7  ? 0.2884 0.3117 0.3518 0.0264  -0.0576 0.0174  7  G B N2    
566 N N3    . G B 7  ? 0.2764 0.2980 0.3426 0.0204  -0.0456 0.0243  7  G B N3    
567 C C4    . G B 7  ? 0.2869 0.3076 0.3470 0.0182  -0.0390 0.0286  7  G B C4    
568 P P     . G B 8  ? 0.2769 0.3076 0.3809 0.0057  -0.0229 0.0161  8  G B P     
569 O OP1   . G B 8  ? 0.2882 0.3221 0.4043 0.0040  -0.0194 0.0139  8  G B OP1   
570 O OP2   . G B 8  ? 0.3107 0.3395 0.4023 0.0053  -0.0199 0.0175  8  G B OP2   
571 O "O5'" . G B 8  ? 0.2787 0.3102 0.3824 0.0074  -0.0299 0.0136  8  G B "O5'" 
572 C "C5'" . G B 8  ? 0.2683 0.3025 0.3832 0.0083  -0.0347 0.0113  8  G B "C5'" 
573 C "C4'" . G B 8  ? 0.2804 0.3148 0.3929 0.0100  -0.0418 0.0083  8  G B "C4'" 
574 O "O4'" . G B 8  ? 0.2707 0.3017 0.3701 0.0138  -0.0454 0.0108  8  G B "O4'" 
575 C "C3'" . G B 8  ? 0.2736 0.3074 0.3826 0.0083  -0.0413 0.0053  8  G B "C3'" 
576 O "O3'" . G B 8  ? 0.3139 0.3507 0.4363 0.0047  -0.0396 0.0026  8  G B "O3'" 
577 C "C2'" . G B 8  ? 0.2789 0.3113 0.3811 0.0121  -0.0495 0.0033  8  G B "C2'" 
578 O "O2'" . G B 8  ? 0.3077 0.3428 0.4216 0.0127  -0.0561 0.0000  8  G B "O2'" 
579 C "C1'" . G B 8  ? 0.2836 0.3137 0.3751 0.0153  -0.0493 0.0081  8  G B "C1'" 
580 N N9    . G B 8  ? 0.2613 0.2893 0.3381 0.0159  -0.0453 0.0110  8  G B N9    
581 C C8    . G B 8  ? 0.2681 0.2952 0.3409 0.0140  -0.0382 0.0152  8  G B C8    
582 N N7    . G B 8  ? 0.2654 0.2920 0.3252 0.0151  -0.0361 0.0168  8  G B N7    
583 C C5    . G B 8  ? 0.2673 0.2938 0.3210 0.0186  -0.0423 0.0134  8  G B C5    
584 C C6    . G B 8  ? 0.2946 0.3214 0.3339 0.0220  -0.0435 0.0129  8  G B C6    
585 O O6    . G B 8  ? 0.2846 0.3124 0.3138 0.0224  -0.0387 0.0159  8  G B O6    
586 N N1    . G B 8  ? 0.2983 0.3246 0.3359 0.0257  -0.0516 0.0081  8  G B N1    
587 C C2    . G B 8  ? 0.3016 0.3275 0.3512 0.0255  -0.0577 0.0043  8  G B C2    
588 N N2    . G B 8  ? 0.2995 0.3249 0.3467 0.0293  -0.0659 -0.0007 8  G B N2    
589 N N3    . G B 8  ? 0.2794 0.3062 0.3431 0.0219  -0.0560 0.0051  8  G B N3    
590 C C4    . G B 8  ? 0.2704 0.2973 0.3347 0.0190  -0.0483 0.0097  8  G B C4    
591 P P     . C B 9  ? 0.3251 0.3603 0.4457 0.0015  -0.0349 0.0012  9  C B P     
592 O OP1   . C B 9  ? 0.3201 0.3592 0.4565 -0.0020 -0.0330 0.0000  9  C B OP1   
593 O OP2   . C B 9  ? 0.3325 0.3655 0.4432 0.0016  -0.0283 0.0041  9  C B OP2   
594 O "O5'" . C B 9  ? 0.3098 0.3418 0.4221 0.0033  -0.0415 -0.0020 9  C B "O5'" 
595 C "C5'" . C B 9  ? 0.3108 0.3439 0.4311 0.0038  -0.0494 -0.0056 9  C B "C5'" 
596 C "C4'" . C B 9  ? 0.3054 0.3346 0.4143 0.0069  -0.0558 -0.0088 9  C B "C4'" 
597 O "O4'" . C B 9  ? 0.2975 0.3256 0.3918 0.0119  -0.0574 -0.0067 9  C B "O4'" 
598 C "C3'" . C B 9  ? 0.3112 0.3363 0.4118 0.0058  -0.0530 -0.0102 9  C B "C3'" 
599 O "O3'" . C B 9  ? 0.3225 0.3465 0.4348 0.0014  -0.0538 -0.0129 9  C B "O3'" 
600 C "C2'" . C B 9  ? 0.3132 0.3359 0.3995 0.0113  -0.0600 -0.0126 9  C B "C2'" 
601 O "O2'" . C B 9  ? 0.3242 0.3461 0.4159 0.0128  -0.0695 -0.0175 9  C B "O2'" 
602 C "C1'" . C B 9  ? 0.3042 0.3293 0.3842 0.0147  -0.0589 -0.0084 9  C B "C1'" 
603 N N1    . C B 9  ? 0.2823 0.3073 0.3504 0.0152  -0.0514 -0.0040 9  C B N1    
604 C C2    . C B 9  ? 0.2789 0.3028 0.3309 0.0195  -0.0529 -0.0045 9  C B C2    
605 O O2    . C B 9  ? 0.2795 0.3019 0.3271 0.0233  -0.0605 -0.0087 9  C B O2    
606 N N3    . C B 9  ? 0.2478 0.2730 0.2902 0.0197  -0.0460 -0.0004 9  C B N3    
607 C C4    . C B 9  ? 0.2806 0.3067 0.3286 0.0159  -0.0388 0.0035  9  C B C4    
608 N N4    . C B 9  ? 0.2706 0.2982 0.3099 0.0161  -0.0328 0.0070  9  C B N4    
609 C C5    . C B 9  ? 0.2626 0.2891 0.3261 0.0122  -0.0377 0.0036  9  C B C5    
610 C C6    . C B 9  ? 0.2667 0.2931 0.3397 0.0120  -0.0437 0.0000  9  C B C6    
611 P P     . G B 10 ? 0.3511 0.3710 0.4595 -0.0012 -0.0484 -0.0130 10 G B P     
612 O OP1   . G B 10 ? 0.3759 0.3955 0.4997 -0.0065 -0.0488 -0.0142 10 G B OP1   
613 O OP2   . G B 10 ? 0.3362 0.3569 0.4369 -0.0010 -0.0397 -0.0092 10 G B OP2   
614 O "O5'" . G B 10 ? 0.3608 0.3759 0.4557 0.0031  -0.0557 -0.0172 10 G B "O5'" 
615 C "C5'" . G B 10 ? 0.3670 0.3779 0.4492 0.0045  -0.0536 -0.0183 10 G B "C5'" 
616 C "C4'" . G B 10 ? 0.3604 0.3686 0.4307 0.0103  -0.0623 -0.0227 10 G B "C4'" 
617 O "O4'" . G B 10 ? 0.3384 0.3509 0.4019 0.0150  -0.0644 -0.0210 10 G B "O4'" 
618 C "C3'" . G B 10 ? 0.3447 0.3495 0.3995 0.0135  -0.0609 -0.0245 10 G B "C3'" 
619 O "O3'" . G B 10 ? 0.3793 0.3776 0.4382 0.0107  -0.0631 -0.0279 10 G B "O3'" 
620 C "C2'" . G B 10 ? 0.3315 0.3376 0.3734 0.0208  -0.0679 -0.0268 10 G B "C2'" 
621 O "O2'" . G B 10 ? 0.3744 0.3763 0.4175 0.0232  -0.0784 -0.0327 10 G B "O2'" 
622 C "C1'" . G B 10 ? 0.3463 0.3580 0.3920 0.0210  -0.0663 -0.0224 10 G B "C1'" 
623 N N9    . G B 10 ? 0.3353 0.3503 0.3711 0.0219  -0.0582 -0.0177 10 G B N9    
624 C C8    . G B 10 ? 0.3330 0.3498 0.3519 0.0275  -0.0581 -0.0178 10 G B C8    
625 N N7    . G B 10 ? 0.3072 0.3276 0.3211 0.0267  -0.0500 -0.0130 10 G B N7    
626 C C5    . G B 10 ? 0.3047 0.3250 0.3323 0.0207  -0.0449 -0.0101 10 G B C5    
627 C C6    . G B 10 ? 0.3061 0.3291 0.3357 0.0178  -0.0362 -0.0052 10 G B C6    
628 O O6    . G B 10 ? 0.3117 0.3378 0.3327 0.0189  -0.0313 -0.0022 10 G B O6    
629 N N1    . G B 10 ? 0.3100 0.3322 0.3540 0.0129  -0.0338 -0.0042 10 G B N1    
630 C C2    . G B 10 ? 0.2893 0.3095 0.3452 0.0107  -0.0380 -0.0068 10 G B C2    
631 N N2    . G B 10 ? 0.3022 0.3236 0.3711 0.0064  -0.0336 -0.0047 10 G B N2    
632 N N3    . G B 10 ? 0.2936 0.3115 0.3493 0.0126  -0.0460 -0.0110 10 G B N3    
633 C C4    . G B 10 ? 0.2974 0.3150 0.3383 0.0179  -0.0494 -0.0127 10 G B C4    
634 P P     . G B 11 ? 0.4189 0.4134 0.4674 0.0111  -0.0577 -0.0281 11 G B P     
635 O OP1   . G B 11 ? 0.4296 0.4158 0.4823 0.0089  -0.0623 -0.0320 11 G B OP1   
636 O OP2   . G B 11 ? 0.4043 0.4028 0.4556 0.0080  -0.0471 -0.0230 11 G B OP2   
637 O "O5'" . G B 11 ? 0.3600 0.3568 0.3898 0.0188  -0.0600 -0.0302 11 G B "O5'" 
638 C "C5'" . G B 11 ? 0.3464 0.3396 0.3681 0.0243  -0.0698 -0.0359 11 G B "C5'" 
639 C "C4'" . G B 11 ? 0.3316 0.3284 0.3347 0.0313  -0.0686 -0.0369 11 G B "C4'" 
640 O "O4'" . G B 11 ? 0.3311 0.3360 0.3299 0.0332  -0.0645 -0.0320 11 G B "O4'" 
641 C "C3'" . G B 11 ? 0.3082 0.3048 0.3041 0.0310  -0.0612 -0.0362 11 G B "C3'" 
642 O "O3'" . G B 11 ? 0.3119 0.3001 0.3054 0.0316  -0.0657 -0.0414 11 G B "O3'" 
643 C "C2'" . G B 11 ? 0.2931 0.2973 0.2735 0.0377  -0.0599 -0.0357 11 G B "C2'" 
644 O "O2'" . G B 11 ? 0.3242 0.3273 0.2923 0.0454  -0.0683 -0.0413 11 G B "O2'" 
645 C "C1'" . G B 11 ? 0.3189 0.3284 0.3049 0.0362  -0.0583 -0.0304 11 G B "C1'" 
646 N N9    . G B 11 ? 0.2938 0.3073 0.2861 0.0311  -0.0485 -0.0243 11 G B N9    
647 C C8    . G B 11 ? 0.2756 0.2880 0.2827 0.0248  -0.0450 -0.0211 11 G B C8    
648 N N7    . G B 11 ? 0.2855 0.3022 0.2944 0.0222  -0.0368 -0.0164 11 G B N7    
649 C C5    . G B 11 ? 0.2717 0.2929 0.2670 0.0265  -0.0343 -0.0161 11 G B C5    
650 C C6    . G B 11 ? 0.2695 0.2964 0.2612 0.0258  -0.0264 -0.0120 11 G B C6    
651 O O6    . G B 11 ? 0.2583 0.2864 0.2584 0.0215  -0.0203 -0.0080 11 G B O6    
652 N N1    . G B 11 ? 0.2699 0.3014 0.2477 0.0311  -0.0262 -0.0133 11 G B N1    
653 C C2    . G B 11 ? 0.3026 0.3335 0.2696 0.0371  -0.0327 -0.0181 11 G B C2    
654 N N2    . G B 11 ? 0.3118 0.3493 0.2657 0.0423  -0.0307 -0.0187 11 G B N2    
655 N N3    . G B 11 ? 0.3109 0.3353 0.2804 0.0383  -0.0410 -0.0224 11 G B N3    
656 C C4    . G B 11 ? 0.2700 0.2898 0.2543 0.0323  -0.0410 -0.0209 11 G B C4    
657 P P     . C B 12 ? 0.3044 0.2882 0.2986 0.0283  -0.0595 -0.0410 12 C B P     
658 O OP1   . C B 12 ? 0.3325 0.3059 0.3234 0.0302  -0.0679 -0.0471 12 C B OP1   
659 O OP2   . C B 12 ? 0.2697 0.2545 0.2767 0.0212  -0.0515 -0.0355 12 C B OP2   
660 O "O5'" . C B 12 ? 0.2652 0.2563 0.2448 0.0333  -0.0533 -0.0403 12 C B "O5'" 
661 C "C5'" . C B 12 ? 0.2588 0.2512 0.2234 0.0412  -0.0590 -0.0452 12 C B "C5'" 
662 C "C4'" . C B 12 ? 0.2483 0.2497 0.2024 0.0445  -0.0515 -0.0436 12 C B "C4'" 
663 O "O4'" . C B 12 ? 0.2349 0.2453 0.1921 0.0429  -0.0464 -0.0375 12 C B "O4'" 
664 C "C3'" . C B 12 ? 0.2202 0.2209 0.1762 0.0412  -0.0435 -0.0420 12 C B "C3'" 
665 O "O3'" . C B 12 ? 0.2028 0.1969 0.1508 0.0448  -0.0470 -0.0479 12 C B "O3'" 
666 C "C2'" . C B 12 ? 0.2120 0.2250 0.1617 0.0435  -0.0366 -0.0387 12 C B "C2'" 
667 O "O2'" . C B 12 ? 0.2209 0.2389 0.1557 0.0513  -0.0390 -0.0428 12 C B "O2'" 
668 C "C1'" . C B 12 ? 0.2130 0.2302 0.1683 0.0417  -0.0372 -0.0340 12 C B "C1'" 
669 N N1    . C B 12 ? 0.2102 0.2277 0.1790 0.0345  -0.0308 -0.0283 12 C B N1    
670 C C2    . C B 12 ? 0.2026 0.2275 0.1717 0.0330  -0.0225 -0.0240 12 C B C2    
671 O O2    . C B 12 ? 0.1938 0.2255 0.1528 0.0370  -0.0202 -0.0248 12 C B O2    
672 N N3    . C B 12 ? 0.1757 0.2005 0.1567 0.0271  -0.0175 -0.0195 12 C B N3    
673 C C4    . C B 12 ? 0.1889 0.2078 0.1811 0.0232  -0.0198 -0.0189 12 C B C4    
674 N N4    . C B 12 ? 0.1835 0.2035 0.1867 0.0185  -0.0147 -0.0146 12 C B N4    
675 C C5    . C B 12 ? 0.1979 0.2102 0.1912 0.0240  -0.0276 -0.0228 12 C B C5    
676 C C6    . C B 12 ? 0.2145 0.2256 0.1959 0.0296  -0.0333 -0.0275 12 C B C6    
677 P P     . U B 13 ? 0.2159 0.2020 0.1684 0.0409  -0.0432 -0.0479 13 U B P     
678 O OP1   . U B 13 ? 0.2349 0.2126 0.1772 0.0459  -0.0496 -0.0547 13 U B OP1   
679 O OP2   . U B 13 ? 0.2254 0.2067 0.1935 0.0330  -0.0412 -0.0436 13 U B OP2   
680 O "O5'" . U B 13 ? 0.2026 0.1982 0.1529 0.0407  -0.0331 -0.0449 13 U B "O5'" 
681 C "C5'" . U B 13 ? 0.1924 0.1961 0.1297 0.0474  -0.0323 -0.0478 13 U B "C5'" 
682 C "C4'" . U B 13 ? 0.1716 0.1855 0.1116 0.0453  -0.0226 -0.0435 13 U B "C4'" 
683 O "O4'" . U B 13 ? 0.1674 0.1877 0.1152 0.0415  -0.0197 -0.0374 13 U B "O4'" 
684 C "C3'" . U B 13 ? 0.1636 0.1732 0.1108 0.0410  -0.0168 -0.0421 13 U B "C3'" 
685 O "O3'" . U B 13 ? 0.1491 0.1555 0.0879 0.0450  -0.0168 -0.0471 13 U B "O3'" 
686 C "C2'" . U B 13 ? 0.1432 0.1637 0.0962 0.0381  -0.0092 -0.0368 13 U B "C2'" 
687 O "O2'" . U B 13 ? 0.1682 0.1989 0.1130 0.0423  -0.0061 -0.0384 13 U B "O2'" 
688 C "C1'" . U B 13 ? 0.1558 0.1792 0.1125 0.0366  -0.0118 -0.0330 13 U B "C1'" 
689 N N1    . U B 13 ? 0.1499 0.1675 0.1198 0.0304  -0.0116 -0.0292 13 U B N1    
690 C C2    . U B 13 ? 0.1680 0.1898 0.1469 0.0262  -0.0052 -0.0244 13 U B C2    
691 O O2    . U B 13 ? 0.1605 0.1896 0.1374 0.0269  -0.0002 -0.0232 13 U B O2    
692 N N3    . U B 13 ? 0.1525 0.1699 0.1430 0.0215  -0.0052 -0.0215 13 U B N3    
693 C C4    . U B 13 ? 0.1846 0.1947 0.1798 0.0198  -0.0104 -0.0225 13 U B C4    
694 O O4    . U B 13 ? 0.1864 0.1947 0.1932 0.0155  -0.0093 -0.0195 13 U B O4    
695 C C5    . U B 13 ? 0.1827 0.1881 0.1689 0.0238  -0.0172 -0.0275 13 U B C5    
696 C C6    . U B 13 ? 0.1765 0.1854 0.1502 0.0292  -0.0177 -0.0308 13 U B C6    
697 P P     . G B 14 ? 0.1632 0.1599 0.1059 0.0423  -0.0140 -0.0474 14 G B P     
698 O OP1   . G B 14 ? 0.1792 0.1718 0.1099 0.0484  -0.0165 -0.0537 14 G B OP1   
699 O OP2   . G B 14 ? 0.1654 0.1526 0.1182 0.0368  -0.0162 -0.0445 14 G B OP2   
700 O "O5'" . G B 14 ? 0.1670 0.1720 0.1178 0.0388  -0.0049 -0.0430 14 G B "O5'" 
701 C "C5'" . G B 14 ? 0.1886 0.2009 0.1341 0.0422  -0.0009 -0.0454 14 G B "C5'" 
702 C "C4'" . G B 14 ? 0.1296 0.1497 0.0846 0.0383  0.0061  -0.0408 14 G B "C4'" 
703 O "O4'" . G B 14 ? 0.1413 0.1663 0.1037 0.0344  0.0066  -0.0355 14 G B "O4'" 
704 C "C3'" . G B 14 ? 0.1252 0.1386 0.0884 0.0348  0.0098  -0.0389 14 G B "C3'" 
705 O "O3'" . G B 14 ? 0.1390 0.1491 0.0955 0.0387  0.0108  -0.0434 14 G B "O3'" 
706 C "C2'" . G B 14 ? 0.1256 0.1485 0.0979 0.0314  0.0148  -0.0345 14 G B "C2'" 
707 O "O2'" . G B 14 ? 0.1322 0.1642 0.1012 0.0341  0.0178  -0.0367 14 G B "O2'" 
708 C "C1'" . G B 14 ? 0.1395 0.1656 0.1131 0.0297  0.0116  -0.0314 14 G B "C1'" 
709 N N9    . G B 14 ? 0.1238 0.1434 0.1058 0.0254  0.0100  -0.0279 14 G B N9    
710 C C8    . G B 14 ? 0.1436 0.1558 0.1254 0.0249  0.0047  -0.0284 14 G B C8    
711 N N7    . G B 14 ? 0.1391 0.1484 0.1314 0.0206  0.0050  -0.0248 14 G B N7    
712 C C5    . G B 14 ? 0.1187 0.1333 0.1177 0.0184  0.0107  -0.0217 14 G B C5    
713 C C6    . G B 14 ? 0.1065 0.1213 0.1173 0.0145  0.0132  -0.0176 14 G B C6    
714 O O6    . G B 14 ? 0.1143 0.1258 0.1326 0.0117  0.0114  -0.0156 14 G B O6    
715 N N1    . G B 14 ? 0.1114 0.1316 0.1254 0.0142  0.0181  -0.0162 14 G B N1    
716 C C2    . G B 14 ? 0.1126 0.1378 0.1208 0.0167  0.0204  -0.0183 14 G B C2    
717 N N2    . G B 14 ? 0.0954 0.1251 0.1093 0.0157  0.0244  -0.0168 14 G B N2    
718 N N3    . G B 14 ? 0.0817 0.1079 0.0795 0.0204  0.0185  -0.0220 14 G B N3    
719 C C4    . G B 14 ? 0.0979 0.1182 0.0911 0.0212  0.0136  -0.0236 14 G B C4    
720 P P     . C B 15 ? 0.1571 0.1573 0.1164 0.0376  0.0133  -0.0430 15 C B P     
721 O OP1   . C B 15 ? 0.1804 0.1782 0.1295 0.0433  0.0131  -0.0487 15 C B OP1   
722 O OP2   . C B 15 ? 0.1860 0.1766 0.1500 0.0339  0.0108  -0.0401 15 C B OP2   
723 O "O5'" . C B 15 ? 0.1343 0.1407 0.1048 0.0342  0.0192  -0.0392 15 C B "O5'" 
724 C "C5'" . C B 15 ? 0.1395 0.1554 0.1107 0.0359  0.0228  -0.0409 15 C B "C5'" 
725 C "C4'" . C B 15 ? 0.1041 0.1235 0.0870 0.0323  0.0269  -0.0368 15 C B "C4'" 
726 O "O4'" . C B 15 ? 0.1089 0.1314 0.0990 0.0277  0.0261  -0.0318 15 C B "O4'" 
727 C "C3'" . C B 15 ? 0.1262 0.1374 0.1130 0.0315  0.0290  -0.0356 15 C B "C3'" 
728 O "O3'" . C B 15 ? 0.1419 0.1511 0.1237 0.0360  0.0309  -0.0397 15 C B "O3'" 
729 C "C2'" . C B 15 ? 0.0918 0.1081 0.0906 0.0276  0.0314  -0.0312 15 C B "C2'" 
730 O "O2'" . C B 15 ? 0.1106 0.1343 0.1130 0.0284  0.0340  -0.0325 15 C B "O2'" 
731 C "C1'" . C B 15 ? 0.1088 0.1289 0.1088 0.0246  0.0285  -0.0283 15 C B "C1'" 
732 N N1    . C B 15 ? 0.0976 0.1112 0.1005 0.0218  0.0261  -0.0255 15 C B N1    
733 C C2    . C B 15 ? 0.0990 0.1125 0.1127 0.0185  0.0279  -0.0215 15 C B C2    
734 O O2    . C B 15 ? 0.1167 0.1341 0.1360 0.0183  0.0310  -0.0207 15 C B O2    
735 N N3    . C B 15 ? 0.0893 0.0985 0.1072 0.0158  0.0258  -0.0190 15 C B N3    
736 C C4    . C B 15 ? 0.1128 0.1168 0.1252 0.0161  0.0217  -0.0204 15 C B C4    
737 N N4    . C B 15 ? 0.1185 0.1186 0.1368 0.0130  0.0194  -0.0180 15 C B N4    
738 C C5    . C B 15 ? 0.1157 0.1187 0.1165 0.0197  0.0193  -0.0246 15 C B C5    
739 C C6    . C B 15 ? 0.1039 0.1121 0.1002 0.0227  0.0219  -0.0270 15 C B C6    
740 P P     . U B 16 ? 0.1796 0.1774 0.1569 0.0380  0.0315  -0.0401 16 U B P     
741 O OP1   . U B 16 ? 0.2308 0.2285 0.2014 0.0438  0.0331  -0.0453 16 U B OP1   
742 O OP2   . U B 16 ? 0.1945 0.1838 0.1667 0.0371  0.0279  -0.0394 16 U B OP2   
743 O "O5'" . U B 16 ? 0.1672 0.1648 0.1558 0.0345  0.0349  -0.0352 16 U B "O5'" 
744 C "C5'" . U B 16 ? 0.1536 0.1574 0.1492 0.0349  0.0378  -0.0352 16 U B "C5'" 
745 C "C4'" . U B 16 ? 0.1643 0.1679 0.1704 0.0315  0.0398  -0.0304 16 U B "C4'" 
746 O "O4'" . U B 16 ? 0.1390 0.1455 0.1512 0.0265  0.0376  -0.0265 16 U B "O4'" 
747 C "C3'" . U B 16 ? 0.1707 0.1662 0.1754 0.0320  0.0417  -0.0282 16 U B "C3'" 
748 O "O3'" . U B 16 ? 0.2121 0.2051 0.2129 0.0372  0.0447  -0.0305 16 U B "O3'" 
749 C "C2'" . U B 16 ? 0.1517 0.1503 0.1683 0.0274  0.0422  -0.0232 16 U B "C2'" 
750 O "O2'" . U B 16 ? 0.1539 0.1572 0.1774 0.0286  0.0446  -0.0230 16 U B "O2'" 
751 C "C1'" . U B 16 ? 0.1372 0.1403 0.1559 0.0238  0.0385  -0.0225 16 U B "C1'" 
752 N N1    . U B 16 ? 0.1073 0.1055 0.1238 0.0213  0.0353  -0.0211 16 U B N1    
753 C C2    . U B 16 ? 0.1309 0.1280 0.1559 0.0175  0.0353  -0.0170 16 U B C2    
754 O O2    . U B 16 ? 0.1238 0.1243 0.1572 0.0167  0.0380  -0.0146 16 U B O2    
755 N N3    . U B 16 ? 0.1231 0.1155 0.1467 0.0151  0.0317  -0.0163 16 U B N3    
756 C C4    . U B 16 ? 0.1606 0.1485 0.1746 0.0165  0.0277  -0.0193 16 U B C4    
757 O O4    . U B 16 ? 0.1637 0.1468 0.1784 0.0142  0.0239  -0.0185 16 U B O4    
758 C C5    . U B 16 ? 0.1449 0.1345 0.1495 0.0210  0.0282  -0.0236 16 U B C5    
759 C C6    . U B 16 ? 0.1432 0.1381 0.1497 0.0229  0.0321  -0.0242 16 U B C6    
760 P P     . G B 17 ? 0.2379 0.2219 0.2330 0.0394  0.0471  -0.0289 17 G B P     
761 O OP1   . G B 17 ? 0.2458 0.2281 0.2330 0.0463  0.0489  -0.0334 17 G B OP1   
762 O OP2   . G B 17 ? 0.2268 0.2035 0.2174 0.0365  0.0446  -0.0271 17 G B OP2   
763 O "O5'" . G B 17 ? 0.1876 0.1743 0.1938 0.0370  0.0504  -0.0239 17 G B "O5'" 
764 C "C5'" . G B 17 ? 0.1810 0.1729 0.1924 0.0400  0.0529  -0.0248 17 G B "C5'" 
765 C "C4'" . G B 17 ? 0.1580 0.1517 0.1783 0.0381  0.0559  -0.0198 17 G B "C4'" 
766 O "O4'" . G B 17 ? 0.1647 0.1625 0.1947 0.0319  0.0535  -0.0167 17 G B "O4'" 
767 C "C3'" . G B 17 ? 0.1891 0.1765 0.2063 0.0378  0.0590  -0.0158 17 G B "C3'" 
768 O "O3'" . G B 17 ? 0.2173 0.2013 0.2267 0.0444  0.0628  -0.0168 17 G B "O3'" 
769 C "C2'" . G B 17 ? 0.1780 0.1709 0.2080 0.0338  0.0605  -0.0111 17 G B "C2'" 
770 O "O2'" . G B 17 ? 0.2028 0.2013 0.2374 0.0379  0.0632  -0.0115 17 G B "O2'" 
771 C "C1'" . G B 17 ? 0.1806 0.1772 0.2163 0.0289  0.0555  -0.0117 17 G B "C1'" 
772 N N9    . G B 17 ? 0.1682 0.1604 0.2025 0.0241  0.0524  -0.0102 17 G B N9    
773 C C8    . G B 17 ? 0.1699 0.1579 0.1954 0.0241  0.0488  -0.0133 17 G B C8    
774 N N7    . G B 17 ? 0.1729 0.1573 0.1991 0.0201  0.0456  -0.0116 17 G B N7    
775 C C5    . G B 17 ? 0.1578 0.1445 0.1950 0.0164  0.0475  -0.0069 17 G B C5    
776 C C6    . G B 17 ? 0.1682 0.1529 0.2122 0.0110  0.0452  -0.0037 17 G B C6    
777 O O6    . G B 17 ? 0.1592 0.1389 0.2007 0.0084  0.0406  -0.0044 17 G B O6    
778 N N1    . G B 17 ? 0.1611 0.1510 0.2168 0.0088  0.0485  0.0004  17 G B N1    
779 C C2    . G B 17 ? 0.1681 0.1639 0.2271 0.0122  0.0534  0.0012  17 G B C2    
780 N N2    . G B 17 ? 0.1581 0.1595 0.2285 0.0101  0.0560  0.0050  17 G B N2    
781 N N3    . G B 17 ? 0.1335 0.1301 0.1856 0.0176  0.0550  -0.0021 17 G B N3    
782 C C4    . G B 17 ? 0.1722 0.1640 0.2139 0.0190  0.0520  -0.0060 17 G B C4    
783 P P     . C B 18 ? 0.2266 0.2008 0.2265 0.0453  0.0652  -0.0140 18 C B P     
784 O OP1   . C B 18 ? 0.2571 0.2289 0.2477 0.0536  0.0688  -0.0162 18 C B OP1   
785 O OP2   . C B 18 ? 0.2564 0.2238 0.2505 0.0421  0.0610  -0.0149 18 C B OP2   
786 O "O5'" . C B 18 ? 0.2189 0.1953 0.2294 0.0403  0.0686  -0.0068 18 C B "O5'" 
787 C "C5'" . C B 18 ? 0.2044 0.1879 0.2219 0.0426  0.0731  -0.0044 18 C B "C5'" 
788 C "C4'" . C B 18 ? 0.1775 0.1642 0.2067 0.0361  0.0750  0.0020  18 C B "C4'" 
789 O "O4'" . C B 18 ? 0.1847 0.1740 0.2222 0.0297  0.0697  0.0016  18 C B "O4'" 
790 C "C3'" . C B 18 ? 0.1828 0.1618 0.2094 0.0326  0.0773  0.0074  18 C B "C3'" 
791 O "O3'" . C B 18 ? 0.1907 0.1683 0.2115 0.0377  0.0838  0.0106  18 C B "O3'" 
792 C "C2'" . C B 18 ? 0.1809 0.1658 0.2228 0.0250  0.0764  0.0116  18 C B "C2'" 
793 O "O2'" . C B 18 ? 0.2080 0.2028 0.2602 0.0256  0.0809  0.0148  18 C B "O2'" 
794 C "C1'" . C B 18 ? 0.1855 0.1733 0.2300 0.0231  0.0698  0.0067  18 C B "C1'" 
795 N N1    . C B 18 ? 0.1807 0.1608 0.2203 0.0195  0.0644  0.0050  18 C B N1    
796 C C2    . C B 18 ? 0.1853 0.1641 0.2334 0.0124  0.0620  0.0085  18 C B C2    
797 O O2    . C B 18 ? 0.1825 0.1674 0.2426 0.0094  0.0648  0.0129  18 C B O2    
798 N N3    . C B 18 ? 0.1862 0.1578 0.2295 0.0098  0.0562  0.0063  18 C B N3    
799 C C4    . C B 18 ? 0.1592 0.1260 0.1902 0.0138  0.0534  0.0014  18 C B C4    
800 N N4    . C B 18 ? 0.2210 0.1812 0.2468 0.0120  0.0473  -0.0010 18 C B N4    
801 C C5    . C B 18 ? 0.2021 0.1710 0.2250 0.0206  0.0561  -0.0021 18 C B C5    
802 C C6    . C B 18 ? 0.1961 0.1711 0.2238 0.0231  0.0615  -0.0001 18 C B C6    
803 P P     . C B 19 ? 0.2447 0.2100 0.2543 0.0381  0.0862  0.0142  19 C B P     
804 O OP1   . C B 19 ? 0.2596 0.2262 0.2634 0.0449  0.0935  0.0173  19 C B OP1   
805 O OP2   . C B 19 ? 0.2503 0.2062 0.2480 0.0397  0.0807  0.0088  19 C B OP2   
806 O "O5'" . C B 19 ? 0.2432 0.2072 0.2639 0.0284  0.0859  0.0207  19 C B "O5'" 
807 C "C5'" . C B 19 ? 0.2044 0.1775 0.2381 0.0254  0.0911  0.0268  19 C B "C5'" 
808 C "C4'" . C B 19 ? 0.2033 0.1746 0.2484 0.0157  0.0889  0.0313  19 C B "C4'" 
809 O "O4'" . C B 19 ? 0.1944 0.1675 0.2454 0.0117  0.0812  0.0266  19 C B "O4'" 
810 C "C3'" . C B 19 ? 0.2221 0.1791 0.2598 0.0123  0.0877  0.0345  19 C B "C3'" 
811 O "O3'" . C B 19 ? 0.2577 0.2126 0.2927 0.0136  0.0957  0.0418  19 C B "O3'" 
812 C "C2'" . C B 19 ? 0.1903 0.1485 0.2425 0.0029  0.0825  0.0359  19 C B "C2'" 
813 O "O2'" . C B 19 ? 0.2229 0.1902 0.2912 -0.0024 0.0872  0.0425  19 C B "O2'" 
814 C "C1'" . C B 19 ? 0.1705 0.1360 0.2252 0.0044  0.0770  0.0288  19 C B "C1'" 
815 N N1    . C B 19 ? 0.1571 0.1132 0.2006 0.0057  0.0698  0.0228  19 C B N1    
816 C C2    . C B 19 ? 0.1753 0.1257 0.2236 -0.0007 0.0632  0.0226  19 C B C2    
817 O O2    . C B 19 ? 0.2074 0.1603 0.2694 -0.0075 0.0634  0.0273  19 C B O2    
818 N N3    . C B 19 ? 0.2130 0.1554 0.2507 0.0010  0.0565  0.0169  19 C B N3    
819 C C4    . C B 19 ? 0.1931 0.1336 0.2171 0.0080  0.0564  0.0119  19 C B C4    
820 N N4    . C B 19 ? 0.1993 0.1331 0.2137 0.0094  0.0498  0.0065  19 C B N4    
821 C C5    . C B 19 ? 0.1991 0.1451 0.2191 0.0140  0.0628  0.0119  19 C B C5    
822 C C6    . C B 19 ? 0.1882 0.1414 0.2177 0.0129  0.0692  0.0173  19 C B C6    
# 
